data_2VYR
#
_entry.id   2VYR
#
_cell.length_a   79.823
_cell.length_b   115.200
_cell.length_c   99.368
_cell.angle_alpha   90.00
_cell.angle_beta   104.86
_cell.angle_gamma   90.00
#
_symmetry.space_group_name_H-M   'P 1 21 1'
#
loop_
_entity.id
_entity.type
_entity.pdbx_description
1 polymer 'MDM4 PROTEIN'
2 polymer 'HUMAN SINGLE DOMAIN ANTIBODY'
3 non-polymer 'SULFATE ION'
4 water water
#
loop_
_entity_poly.entity_id
_entity_poly.type
_entity_poly.pdbx_seq_one_letter_code
_entity_poly.pdbx_strand_id
1 'polypeptide(L)'
;ACRISPGQINQVRPKLPLLKILHAAGAQGEMFTVKEVMHYLGQYIMVKQLYDQQEQHMVYCGGDLLGELLGRQSFSVKDP
SPLYDMLRKNLVTLATATTDA
;
A,B,C,D
2 'polypeptide(L)'
;EVQLLESGGGLVQPGGSLRLSCAASGFTFEEYAMLWVRQAPGKGLEWVSGINARGYTTYYADSVKGRFTISRDNSKNTLY
LQMNSLRTEDTAVYYCAKPWYPFMASKGSEFDYWGQGTLVTVSSAAALEIKRASQPELAPEDPEDVEHHHHHH
;
E,F,G,H,I,J,K,L
#
# COMPACT_ATOMS: atom_id res chain seq x y z
N ASN A 10 -5.36 -29.53 -0.19
CA ASN A 10 -6.11 -28.91 -1.28
C ASN A 10 -5.37 -27.70 -1.83
N GLN A 11 -4.75 -27.86 -2.99
CA GLN A 11 -3.98 -26.79 -3.61
C GLN A 11 -4.83 -26.07 -4.64
N VAL A 12 -4.51 -24.79 -4.86
CA VAL A 12 -5.09 -24.07 -5.97
C VAL A 12 -3.95 -23.48 -6.79
N ARG A 13 -4.23 -23.26 -8.06
CA ARG A 13 -3.30 -22.56 -8.94
C ARG A 13 -3.86 -21.17 -9.26
N PRO A 14 -3.25 -20.13 -8.69
CA PRO A 14 -3.75 -18.76 -8.96
C PRO A 14 -3.55 -18.38 -10.42
N LYS A 15 -4.53 -17.67 -11.00
CA LYS A 15 -4.34 -17.08 -12.32
C LYS A 15 -3.18 -16.09 -12.24
N LEU A 16 -2.54 -15.83 -13.37
CA LEU A 16 -1.29 -15.09 -13.41
C LEU A 16 -1.34 -13.66 -12.86
N PRO A 17 -2.46 -12.94 -13.07
CA PRO A 17 -2.52 -11.61 -12.44
C PRO A 17 -2.45 -11.67 -10.91
N LEU A 18 -3.03 -12.71 -10.32
CA LEU A 18 -2.93 -12.89 -8.87
C LEU A 18 -1.54 -13.40 -8.49
N LEU A 19 -1.01 -14.36 -9.25
CA LEU A 19 0.31 -14.90 -8.96
C LEU A 19 1.35 -13.78 -8.97
N LYS A 20 1.18 -12.85 -9.92
CA LYS A 20 2.08 -11.70 -10.03
C LYS A 20 2.16 -10.97 -8.68
N ILE A 21 1.00 -10.74 -8.09
CA ILE A 21 0.92 -10.07 -6.80
C ILE A 21 1.54 -10.91 -5.70
N LEU A 22 1.28 -12.22 -5.70
CA LEU A 22 1.85 -13.13 -4.71
C LEU A 22 3.39 -13.18 -4.77
N HIS A 23 3.94 -13.32 -5.98
CA HIS A 23 5.39 -13.32 -6.14
C HIS A 23 6.01 -12.01 -5.66
N ALA A 24 5.32 -10.90 -5.92
CA ALA A 24 5.80 -9.59 -5.50
C ALA A 24 5.90 -9.51 -3.97
N ALA A 25 5.09 -10.30 -3.28
CA ALA A 25 5.15 -10.35 -1.82
C ALA A 25 6.08 -11.46 -1.31
N GLY A 26 6.83 -12.11 -2.22
CA GLY A 26 7.80 -13.10 -1.82
C GLY A 26 7.40 -14.56 -1.95
N ALA A 27 6.19 -14.83 -2.40
CA ALA A 27 5.77 -16.22 -2.63
C ALA A 27 6.62 -16.87 -3.72
N GLN A 28 6.80 -18.19 -3.60
CA GLN A 28 7.54 -18.97 -4.59
C GLN A 28 6.62 -20.05 -5.18
N GLY A 29 6.84 -20.38 -6.45
CA GLY A 29 6.09 -21.43 -7.11
C GLY A 29 4.74 -20.96 -7.64
N GLU A 30 3.91 -21.92 -8.04
CA GLU A 30 2.64 -21.60 -8.68
C GLU A 30 1.42 -22.25 -8.00
N MET A 31 1.67 -23.11 -7.02
CA MET A 31 0.58 -23.80 -6.31
C MET A 31 0.59 -23.41 -4.84
N PHE A 32 -0.61 -23.25 -4.26
CA PHE A 32 -0.74 -22.74 -2.91
C PHE A 32 -2.02 -23.24 -2.26
N THR A 33 -2.09 -23.16 -0.93
CA THR A 33 -3.38 -23.30 -0.26
C THR A 33 -4.06 -21.93 -0.23
N VAL A 34 -5.37 -21.93 -0.03
CA VAL A 34 -6.11 -20.67 0.07
C VAL A 34 -5.56 -19.78 1.19
N LYS A 35 -5.18 -20.38 2.32
CA LYS A 35 -4.61 -19.61 3.42
C LYS A 35 -3.26 -18.99 3.05
N GLU A 36 -2.45 -19.73 2.31
CA GLU A 36 -1.18 -19.18 1.85
C GLU A 36 -1.42 -17.99 0.94
N VAL A 37 -2.42 -18.10 0.06
CA VAL A 37 -2.76 -16.98 -0.81
C VAL A 37 -3.09 -15.74 0.02
N MET A 38 -3.96 -15.91 1.00
CA MET A 38 -4.40 -14.78 1.81
C MET A 38 -3.28 -14.21 2.70
N HIS A 39 -2.39 -15.06 3.16
CA HIS A 39 -1.27 -14.58 3.95
C HIS A 39 -0.28 -13.78 3.10
N TYR A 40 -0.06 -14.20 1.86
CA TYR A 40 0.77 -13.40 0.97
C TYR A 40 0.09 -12.09 0.56
N LEU A 41 -1.24 -12.10 0.45
CA LEU A 41 -1.97 -10.87 0.12
C LEU A 41 -1.80 -9.84 1.25
N GLY A 42 -1.92 -10.32 2.48
CA GLY A 42 -1.67 -9.51 3.66
C GLY A 42 -0.26 -8.93 3.63
N GLN A 43 0.72 -9.78 3.31
CA GLN A 43 2.10 -9.31 3.19
C GLN A 43 2.21 -8.23 2.13
N TYR A 44 1.55 -8.45 1.00
CA TYR A 44 1.60 -7.51 -0.11
C TYR A 44 1.10 -6.14 0.33
N ILE A 45 -0.08 -6.12 0.94
CA ILE A 45 -0.67 -4.86 1.37
C ILE A 45 0.27 -4.13 2.33
N MET A 46 0.88 -4.89 3.24
CA MET A 46 1.81 -4.30 4.22
C MET A 46 3.07 -3.74 3.59
N VAL A 47 3.75 -4.53 2.77
CA VAL A 47 5.02 -4.11 2.21
C VAL A 47 4.85 -2.97 1.19
N LYS A 48 3.77 -3.00 0.43
CA LYS A 48 3.50 -1.96 -0.56
C LYS A 48 2.87 -0.72 0.07
N GLN A 49 2.65 -0.76 1.38
CA GLN A 49 2.14 0.39 2.11
C GLN A 49 0.81 0.88 1.55
N LEU A 50 -0.10 -0.05 1.22
CA LEU A 50 -1.37 0.34 0.62
C LEU A 50 -2.43 0.68 1.68
N TYR A 51 -2.13 0.35 2.93
CA TYR A 51 -3.04 0.60 4.05
C TYR A 51 -2.90 2.02 4.56
N ASP A 52 -3.93 2.51 5.25
CA ASP A 52 -3.89 3.84 5.86
C ASP A 52 -3.25 3.74 7.24
N GLN A 53 -2.08 4.36 7.41
CA GLN A 53 -1.40 4.33 8.70
C GLN A 53 -2.27 4.84 9.87
N GLN A 54 -3.26 5.68 9.56
CA GLN A 54 -4.16 6.23 10.58
C GLN A 54 -5.43 5.41 10.73
N GLU A 55 -5.70 4.54 9.76
CA GLU A 55 -6.87 3.69 9.80
C GLU A 55 -6.53 2.38 9.10
N GLN A 56 -5.78 1.54 9.80
CA GLN A 56 -5.09 0.40 9.19
C GLN A 56 -5.98 -0.66 8.53
N HIS A 57 -7.25 -0.72 8.90
CA HIS A 57 -8.16 -1.69 8.29
C HIS A 57 -8.55 -1.26 6.88
N MET A 58 -8.27 0.01 6.54
CA MET A 58 -8.61 0.54 5.22
C MET A 58 -7.47 0.40 4.23
N VAL A 59 -7.74 -0.23 3.10
CA VAL A 59 -6.73 -0.41 2.06
C VAL A 59 -7.06 0.44 0.85
N TYR A 60 -6.12 1.30 0.46
CA TYR A 60 -6.28 2.10 -0.73
C TYR A 60 -5.44 1.53 -1.86
N CYS A 61 -6.10 0.79 -2.74
CA CYS A 61 -5.45 0.02 -3.79
C CYS A 61 -5.60 0.65 -5.19
N GLY A 62 -6.29 1.77 -5.28
CA GLY A 62 -6.41 2.47 -6.54
C GLY A 62 -5.04 2.73 -7.14
N GLY A 63 -4.89 2.42 -8.43
CA GLY A 63 -3.61 2.64 -9.08
C GLY A 63 -2.56 1.56 -8.83
N ASP A 64 -2.93 0.56 -8.04
CA ASP A 64 -2.05 -0.60 -7.80
C ASP A 64 -2.60 -1.80 -8.55
N LEU A 65 -1.72 -2.73 -8.90
CA LEU A 65 -2.16 -4.00 -9.47
C LEU A 65 -3.35 -4.59 -8.69
N LEU A 66 -3.29 -4.48 -7.37
CA LEU A 66 -4.34 -5.04 -6.53
C LEU A 66 -5.69 -4.36 -6.79
N GLY A 67 -5.68 -3.03 -6.87
CA GLY A 67 -6.90 -2.29 -7.16
C GLY A 67 -7.51 -2.74 -8.47
N GLU A 68 -6.65 -2.97 -9.45
CA GLU A 68 -7.09 -3.38 -10.79
C GLU A 68 -7.70 -4.78 -10.79
N LEU A 69 -7.09 -5.69 -10.04
CA LEU A 69 -7.61 -7.04 -9.91
C LEU A 69 -8.97 -7.02 -9.20
N LEU A 70 -9.08 -6.21 -8.15
CA LEU A 70 -10.32 -6.14 -7.38
C LEU A 70 -11.38 -5.28 -8.07
N GLY A 71 -10.92 -4.39 -8.95
CA GLY A 71 -11.78 -3.39 -9.54
C GLY A 71 -12.28 -2.41 -8.49
N ARG A 72 -11.36 -1.94 -7.64
CA ARG A 72 -11.71 -1.05 -6.53
C ARG A 72 -10.61 -0.03 -6.29
N GLN A 73 -11.00 1.14 -5.80
CA GLN A 73 -10.05 2.17 -5.38
C GLN A 73 -9.62 1.95 -3.93
N SER A 74 -10.52 1.38 -3.14
CA SER A 74 -10.26 1.13 -1.73
C SER A 74 -11.24 0.11 -1.18
N PHE A 75 -10.93 -0.42 0.00
CA PHE A 75 -11.82 -1.36 0.68
C PHE A 75 -11.33 -1.59 2.10
N SER A 76 -12.22 -2.12 2.94
CA SER A 76 -11.90 -2.41 4.32
C SER A 76 -11.80 -3.93 4.52
N VAL A 77 -10.78 -4.36 5.24
CA VAL A 77 -10.64 -5.78 5.54
C VAL A 77 -11.76 -6.28 6.46
N LYS A 78 -12.54 -5.34 6.99
CA LYS A 78 -13.72 -5.71 7.76
C LYS A 78 -14.86 -6.23 6.88
N ASP A 79 -14.74 -6.06 5.55
CA ASP A 79 -15.71 -6.70 4.65
C ASP A 79 -15.03 -7.54 3.56
N PRO A 80 -14.97 -8.86 3.78
CA PRO A 80 -14.26 -9.81 2.93
C PRO A 80 -14.85 -9.97 1.52
N SER A 81 -16.03 -9.41 1.28
CA SER A 81 -16.73 -9.65 0.01
C SER A 81 -15.89 -9.37 -1.25
N PRO A 82 -15.23 -8.21 -1.33
CA PRO A 82 -14.47 -7.94 -2.56
C PRO A 82 -13.40 -8.99 -2.75
N LEU A 83 -12.86 -9.50 -1.64
CA LEU A 83 -11.80 -10.49 -1.71
C LEU A 83 -12.35 -11.84 -2.15
N TYR A 84 -13.57 -12.16 -1.72
CA TYR A 84 -14.23 -13.39 -2.16
C TYR A 84 -14.33 -13.44 -3.68
N ASP A 85 -14.87 -12.38 -4.26
CA ASP A 85 -15.07 -12.35 -5.70
C ASP A 85 -13.74 -12.51 -6.46
N MET A 86 -12.71 -11.84 -5.98
CA MET A 86 -11.39 -11.97 -6.59
C MET A 86 -10.87 -13.40 -6.51
N LEU A 87 -10.99 -14.03 -5.33
CA LEU A 87 -10.57 -15.42 -5.20
C LEU A 87 -11.35 -16.31 -6.16
N ARG A 88 -12.66 -16.11 -6.21
CA ARG A 88 -13.49 -16.92 -7.11
C ARG A 88 -12.96 -16.86 -8.53
N LYS A 89 -12.63 -15.65 -8.99
CA LYS A 89 -12.21 -15.45 -10.37
C LYS A 89 -10.74 -15.77 -10.62
N ASN A 90 -9.97 -15.97 -9.55
CA ASN A 90 -8.53 -16.13 -9.70
C ASN A 90 -7.91 -17.41 -9.15
N LEU A 91 -8.71 -18.25 -8.50
CA LEU A 91 -8.20 -19.52 -7.99
C LEU A 91 -8.77 -20.70 -8.77
N VAL A 92 -7.88 -21.50 -9.36
CA VAL A 92 -8.31 -22.75 -9.99
C VAL A 92 -7.93 -23.93 -9.10
N THR A 93 -8.92 -24.67 -8.63
CA THR A 93 -8.65 -25.84 -7.78
C THR A 93 -7.96 -26.94 -8.58
N LEU A 94 -6.99 -27.58 -7.95
CA LEU A 94 -6.23 -28.65 -8.59
C LEU A 94 -6.78 -30.01 -8.22
N ALA A 95 -7.07 -30.28 -7.04
N ASN B 10 29.23 20.40 11.46
CA ASN B 10 29.29 21.83 11.67
C ASN B 10 27.90 22.44 11.59
N GLN B 11 27.36 22.86 12.73
CA GLN B 11 26.03 23.43 12.78
C GLN B 11 26.08 24.96 12.67
N VAL B 12 25.05 25.54 12.06
CA VAL B 12 24.94 27.00 12.02
C VAL B 12 23.52 27.44 12.37
N ARG B 13 23.40 28.68 12.85
CA ARG B 13 22.08 29.25 13.15
C ARG B 13 21.83 30.48 12.27
N PRO B 14 20.91 30.34 11.31
CA PRO B 14 20.58 31.45 10.39
C PRO B 14 19.96 32.63 11.14
N LYS B 15 20.41 33.84 10.83
CA LYS B 15 19.69 35.06 11.23
C LYS B 15 18.27 34.98 10.69
N LEU B 16 17.33 35.60 11.40
CA LEU B 16 15.90 35.42 11.12
C LEU B 16 15.42 35.78 9.70
N PRO B 17 16.02 36.81 9.07
CA PRO B 17 15.57 37.08 7.69
C PRO B 17 15.84 35.90 6.75
N LEU B 18 16.92 35.17 7.02
CA LEU B 18 17.25 33.96 6.26
C LEU B 18 16.36 32.81 6.73
N LEU B 19 16.24 32.64 8.05
CA LEU B 19 15.39 31.58 8.59
C LEU B 19 13.99 31.66 8.00
N LYS B 20 13.47 32.87 7.84
CA LYS B 20 12.15 33.06 7.28
C LYS B 20 12.05 32.41 5.91
N ILE B 21 13.06 32.67 5.07
CA ILE B 21 13.10 32.08 3.74
C ILE B 21 13.21 30.54 3.82
N LEU B 22 14.03 30.04 4.74
CA LEU B 22 14.17 28.60 4.91
C LEU B 22 12.83 27.96 5.33
N HIS B 23 12.19 28.54 6.34
CA HIS B 23 10.92 27.99 6.82
C HIS B 23 9.83 28.00 5.75
N ALA B 24 9.86 29.01 4.89
CA ALA B 24 8.90 29.12 3.80
C ALA B 24 9.12 28.00 2.78
N ALA B 25 10.31 27.41 2.79
CA ALA B 25 10.64 26.31 1.88
C ALA B 25 10.40 24.98 2.56
N GLY B 26 9.96 25.02 3.81
CA GLY B 26 9.60 23.81 4.51
C GLY B 26 10.55 23.38 5.60
N ALA B 27 11.64 24.12 5.79
CA ALA B 27 12.58 23.78 6.85
C ALA B 27 11.91 23.83 8.22
N GLN B 28 12.39 23.00 9.14
CA GLN B 28 11.93 23.01 10.52
C GLN B 28 13.10 23.37 11.44
N GLY B 29 12.80 24.08 12.53
CA GLY B 29 13.82 24.37 13.52
C GLY B 29 14.67 25.60 13.21
N GLU B 30 15.75 25.76 13.99
CA GLU B 30 16.57 26.95 13.93
C GLU B 30 18.06 26.66 13.69
N MET B 31 18.42 25.38 13.66
CA MET B 31 19.82 25.00 13.44
C MET B 31 19.96 24.05 12.27
N PHE B 32 21.02 24.24 11.49
CA PHE B 32 21.23 23.51 10.23
C PHE B 32 22.71 23.41 9.88
N THR B 33 23.02 22.52 8.94
CA THR B 33 24.32 22.54 8.29
C THR B 33 24.23 23.52 7.14
N VAL B 34 25.38 24.01 6.68
CA VAL B 34 25.42 24.89 5.52
C VAL B 34 24.78 24.24 4.30
N LYS B 35 25.03 22.94 4.10
CA LYS B 35 24.43 22.21 2.98
C LYS B 35 22.91 22.19 3.07
N GLU B 36 22.38 22.05 4.28
CA GLU B 36 20.93 22.05 4.45
C GLU B 36 20.39 23.41 4.06
N VAL B 37 21.09 24.46 4.46
CA VAL B 37 20.65 25.81 4.15
C VAL B 37 20.51 26.00 2.64
N MET B 38 21.54 25.58 1.91
CA MET B 38 21.54 25.75 0.47
C MET B 38 20.45 24.91 -0.20
N HIS B 39 20.25 23.69 0.27
CA HIS B 39 19.19 22.87 -0.29
C HIS B 39 17.81 23.48 -0.04
N TYR B 40 17.59 24.05 1.14
CA TYR B 40 16.32 24.77 1.37
C TYR B 40 16.22 26.02 0.53
N LEU B 41 17.34 26.69 0.28
CA LEU B 41 17.33 27.86 -0.58
C LEU B 41 16.94 27.48 -2.01
N GLY B 42 17.50 26.37 -2.48
CA GLY B 42 17.09 25.82 -3.77
C GLY B 42 15.60 25.54 -3.83
N GLN B 43 15.08 24.90 -2.78
CA GLN B 43 13.66 24.60 -2.71
C GLN B 43 12.84 25.89 -2.77
N TYR B 44 13.27 26.88 -2.01
CA TYR B 44 12.60 28.19 -1.99
C TYR B 44 12.45 28.79 -3.39
N ILE B 45 13.55 28.91 -4.11
CA ILE B 45 13.54 29.50 -5.44
C ILE B 45 12.58 28.75 -6.38
N MET B 46 12.58 27.42 -6.26
CA MET B 46 11.69 26.59 -7.06
C MET B 46 10.21 26.75 -6.70
N VAL B 47 9.87 26.60 -5.42
CA VAL B 47 8.46 26.68 -5.04
C VAL B 47 7.90 28.09 -5.21
N LYS B 48 8.75 29.11 -5.07
CA LYS B 48 8.30 30.49 -5.27
C LYS B 48 8.38 30.86 -6.75
N GLN B 49 8.91 29.94 -7.54
CA GLN B 49 9.04 30.13 -8.98
C GLN B 49 9.72 31.44 -9.33
N LEU B 50 10.87 31.71 -8.69
CA LEU B 50 11.63 32.91 -8.98
C LEU B 50 12.55 32.76 -10.18
N TYR B 51 12.71 31.53 -10.65
CA TYR B 51 13.57 31.26 -11.79
C TYR B 51 12.81 31.54 -13.09
N ASP B 52 13.57 31.73 -14.17
CA ASP B 52 13.01 31.85 -15.51
C ASP B 52 12.86 30.45 -16.13
N GLN B 53 11.62 30.10 -16.47
CA GLN B 53 11.30 28.79 -17.05
C GLN B 53 12.15 28.46 -18.27
N GLN B 54 12.43 29.48 -19.07
CA GLN B 54 13.20 29.33 -20.30
C GLN B 54 14.70 29.52 -20.09
N GLU B 55 15.08 29.90 -18.88
CA GLU B 55 16.50 30.03 -18.52
C GLU B 55 16.64 29.78 -17.02
N GLN B 56 16.59 28.50 -16.64
CA GLN B 56 16.35 28.13 -15.25
C GLN B 56 17.49 28.47 -14.29
N HIS B 57 18.66 28.77 -14.82
CA HIS B 57 19.80 29.11 -13.97
C HIS B 57 19.73 30.57 -13.53
N MET B 58 18.86 31.34 -14.19
CA MET B 58 18.64 32.74 -13.84
C MET B 58 17.50 32.91 -12.86
N VAL B 59 17.77 33.60 -11.77
CA VAL B 59 16.79 33.79 -10.72
C VAL B 59 16.43 35.26 -10.65
N TYR B 60 15.14 35.55 -10.76
CA TYR B 60 14.66 36.93 -10.68
C TYR B 60 13.99 37.13 -9.33
N CYS B 61 14.75 37.72 -8.41
CA CYS B 61 14.34 37.83 -7.02
C CYS B 61 13.94 39.24 -6.62
N GLY B 62 13.93 40.16 -7.58
CA GLY B 62 13.43 41.51 -7.32
C GLY B 62 12.03 41.48 -6.71
N GLY B 63 11.82 42.26 -5.66
CA GLY B 63 10.53 42.31 -5.01
C GLY B 63 10.17 41.07 -4.20
N ASP B 64 11.15 40.22 -3.95
CA ASP B 64 10.96 39.04 -3.09
C ASP B 64 11.88 39.15 -1.89
N LEU B 65 11.50 38.51 -0.78
CA LEU B 65 12.36 38.43 0.40
C LEU B 65 13.78 38.16 -0.03
N LEU B 66 13.95 37.18 -0.91
CA LEU B 66 15.29 36.76 -1.32
C LEU B 66 16.07 37.90 -1.97
N GLY B 67 15.41 38.65 -2.85
CA GLY B 67 16.05 39.77 -3.52
C GLY B 67 16.50 40.81 -2.50
N GLU B 68 15.62 41.09 -1.54
CA GLU B 68 15.91 42.08 -0.52
C GLU B 68 17.04 41.62 0.37
N LEU B 69 17.11 40.33 0.63
CA LEU B 69 18.17 39.78 1.45
C LEU B 69 19.52 39.84 0.72
N LEU B 70 19.49 39.60 -0.58
CA LEU B 70 20.70 39.61 -1.40
C LEU B 70 21.06 41.02 -1.85
N GLY B 71 20.09 41.93 -1.79
CA GLY B 71 20.26 43.26 -2.36
C GLY B 71 20.50 43.21 -3.85
N ARG B 72 19.63 42.50 -4.57
CA ARG B 72 19.65 42.56 -6.03
C ARG B 72 18.39 42.02 -6.69
N GLN B 73 18.25 42.32 -7.97
CA GLN B 73 17.02 42.02 -8.70
C GLN B 73 17.08 40.65 -9.33
N SER B 74 18.29 40.18 -9.62
CA SER B 74 18.46 38.89 -10.29
C SER B 74 19.90 38.39 -10.13
N PHE B 75 20.09 37.08 -10.32
CA PHE B 75 21.42 36.49 -10.29
C PHE B 75 21.44 35.12 -10.95
N SER B 76 22.64 34.67 -11.33
CA SER B 76 22.80 33.35 -11.93
C SER B 76 23.34 32.37 -10.89
N VAL B 77 22.73 31.19 -10.80
CA VAL B 77 23.21 30.18 -9.85
C VAL B 77 24.53 29.56 -10.33
N LYS B 78 25.04 30.08 -11.45
CA LYS B 78 26.37 29.74 -11.92
C LYS B 78 27.42 30.65 -11.27
N ASP B 79 26.97 31.78 -10.72
CA ASP B 79 27.87 32.68 -9.99
C ASP B 79 27.46 32.79 -8.51
N PRO B 80 28.06 31.96 -7.66
CA PRO B 80 27.69 31.87 -6.24
C PRO B 80 28.18 33.03 -5.37
N SER B 81 28.82 34.03 -5.95
CA SER B 81 29.33 35.16 -5.18
C SER B 81 28.27 35.95 -4.42
N PRO B 82 27.07 36.14 -5.01
CA PRO B 82 26.02 36.82 -4.24
C PRO B 82 25.66 35.97 -3.03
N LEU B 83 25.64 34.67 -3.22
CA LEU B 83 25.23 33.77 -2.16
C LEU B 83 26.25 33.73 -1.04
N TYR B 84 27.54 33.73 -1.39
CA TYR B 84 28.58 33.73 -0.37
C TYR B 84 28.41 34.90 0.60
N ASP B 85 28.20 36.09 0.04
CA ASP B 85 28.05 37.29 0.86
C ASP B 85 26.89 37.13 1.83
N MET B 86 25.75 36.70 1.30
CA MET B 86 24.56 36.52 2.14
C MET B 86 24.80 35.46 3.22
N LEU B 87 25.42 34.35 2.86
CA LEU B 87 25.73 33.30 3.85
C LEU B 87 26.60 33.82 4.98
N ARG B 88 27.69 34.50 4.64
CA ARG B 88 28.58 35.04 5.66
C ARG B 88 27.82 35.90 6.66
N LYS B 89 26.95 36.77 6.15
CA LYS B 89 26.26 37.74 6.98
C LYS B 89 25.07 37.14 7.72
N ASN B 90 24.61 35.97 7.31
CA ASN B 90 23.38 35.43 7.89
C ASN B 90 23.52 34.12 8.65
N LEU B 91 24.72 33.54 8.64
CA LEU B 91 24.92 32.29 9.34
C LEU B 91 25.85 32.51 10.53
N VAL B 92 25.39 32.14 11.72
CA VAL B 92 26.24 32.15 12.90
C VAL B 92 26.65 30.72 13.26
N THR B 93 27.93 30.43 13.18
CA THR B 93 28.43 29.10 13.51
C THR B 93 28.23 28.81 15.01
N LEU B 94 27.72 27.63 15.33
CA LEU B 94 27.37 27.32 16.72
C LEU B 94 28.56 26.85 17.54
N ALA B 95 28.89 27.42 18.59
N ASN C 10 15.73 60.91 17.63
CA ASN C 10 17.05 60.63 18.18
C ASN C 10 17.47 59.16 18.06
N GLN C 11 18.74 58.89 18.32
CA GLN C 11 19.23 57.52 18.21
C GLN C 11 19.68 56.93 19.55
N VAL C 12 19.65 55.61 19.63
CA VAL C 12 20.00 54.92 20.86
C VAL C 12 20.98 53.78 20.57
N ARG C 13 21.72 53.38 21.59
CA ARG C 13 22.58 52.21 21.50
C ARG C 13 22.04 51.16 22.44
N PRO C 14 21.58 50.03 21.89
CA PRO C 14 21.04 48.96 22.72
C PRO C 14 22.13 48.25 23.52
N LYS C 15 21.84 47.91 24.77
CA LYS C 15 22.75 47.09 25.57
C LYS C 15 22.91 45.75 24.87
N LEU C 16 24.09 45.14 24.99
CA LEU C 16 24.40 43.91 24.24
C LEU C 16 23.28 42.87 24.24
N PRO C 17 22.67 42.60 25.40
CA PRO C 17 21.54 41.67 25.49
C PRO C 17 20.49 41.95 24.41
N LEU C 18 19.97 43.18 24.39
CA LEU C 18 18.96 43.56 23.40
C LEU C 18 19.56 43.57 22.00
N LEU C 19 20.82 44.00 21.88
CA LEU C 19 21.48 44.07 20.59
C LEU C 19 21.63 42.69 19.95
N LYS C 20 21.91 41.68 20.77
CA LYS C 20 22.00 40.32 20.25
C LYS C 20 20.66 39.91 19.62
N ILE C 21 19.58 40.24 20.31
CA ILE C 21 18.25 39.96 19.79
C ILE C 21 18.01 40.73 18.50
N LEU C 22 18.41 41.99 18.48
CA LEU C 22 18.23 42.82 17.28
C LEU C 22 19.02 42.27 16.11
N HIS C 23 20.29 41.96 16.35
CA HIS C 23 21.13 41.40 15.29
C HIS C 23 20.58 40.10 14.73
N ALA C 24 20.11 39.21 15.61
CA ALA C 24 19.48 37.98 15.17
C ALA C 24 18.31 38.28 14.25
N ALA C 25 17.71 39.46 14.42
CA ALA C 25 16.54 39.86 13.62
C ALA C 25 16.94 40.55 12.32
N GLY C 26 18.24 40.73 12.11
CA GLY C 26 18.72 41.28 10.86
C GLY C 26 19.14 42.73 10.95
N ALA C 27 19.12 43.29 12.16
CA ALA C 27 19.48 44.68 12.38
C ALA C 27 20.95 44.90 12.08
N GLN C 28 21.26 45.97 11.34
CA GLN C 28 22.63 46.31 11.02
C GLN C 28 23.14 47.46 11.89
N GLY C 29 24.37 47.32 12.39
CA GLY C 29 25.02 48.39 13.13
C GLY C 29 24.79 48.36 14.63
N GLU C 30 25.08 49.48 15.30
CA GLU C 30 24.92 49.59 16.75
C GLU C 30 24.04 50.78 17.16
N MET C 31 23.65 51.59 16.19
CA MET C 31 22.81 52.76 16.47
C MET C 31 21.46 52.62 15.79
N PHE C 32 20.38 52.79 16.54
CA PHE C 32 19.04 52.73 15.97
C PHE C 32 18.12 53.79 16.56
N THR C 33 16.99 54.01 15.92
CA THR C 33 15.91 54.77 16.52
C THR C 33 15.03 53.80 17.27
N VAL C 34 14.23 54.31 18.20
CA VAL C 34 13.34 53.44 18.97
C VAL C 34 12.37 52.70 18.05
N LYS C 35 11.87 53.39 17.03
CA LYS C 35 10.94 52.74 16.12
C LYS C 35 11.61 51.60 15.33
N GLU C 36 12.89 51.76 15.02
CA GLU C 36 13.65 50.69 14.40
C GLU C 36 13.78 49.48 15.32
N VAL C 37 14.14 49.74 16.57
CA VAL C 37 14.27 48.69 17.57
C VAL C 37 12.98 47.89 17.69
N MET C 38 11.84 48.58 17.75
CA MET C 38 10.57 47.90 17.92
C MET C 38 10.18 47.13 16.65
N HIS C 39 10.51 47.68 15.48
CA HIS C 39 10.25 46.98 14.23
C HIS C 39 10.96 45.63 14.23
N TYR C 40 12.23 45.64 14.63
CA TYR C 40 13.02 44.42 14.67
C TYR C 40 12.50 43.42 15.69
N LEU C 41 12.09 43.91 16.85
CA LEU C 41 11.51 43.04 17.87
C LEU C 41 10.26 42.35 17.35
N GLY C 42 9.43 43.09 16.62
CA GLY C 42 8.26 42.51 15.99
C GLY C 42 8.65 41.37 15.06
N GLN C 43 9.69 41.58 14.28
CA GLN C 43 10.18 40.53 13.39
C GLN C 43 10.70 39.33 14.19
N TYR C 44 11.46 39.62 15.24
CA TYR C 44 12.01 38.59 16.12
C TYR C 44 10.91 37.66 16.63
N ILE C 45 9.88 38.25 17.22
CA ILE C 45 8.78 37.49 17.80
C ILE C 45 8.10 36.67 16.71
N MET C 46 7.79 37.32 15.60
CA MET C 46 7.11 36.66 14.49
C MET C 46 7.88 35.45 13.96
N VAL C 47 9.13 35.66 13.55
CA VAL C 47 9.88 34.58 12.90
C VAL C 47 10.21 33.44 13.86
N LYS C 48 10.47 33.79 15.12
CA LYS C 48 10.75 32.78 16.13
C LYS C 48 9.46 32.18 16.71
N GLN C 49 8.34 32.62 16.17
CA GLN C 49 7.05 32.01 16.52
C GLN C 49 6.81 31.98 18.02
N LEU C 50 7.16 33.06 18.70
CA LEU C 50 6.96 33.15 20.14
C LEU C 50 5.51 33.54 20.50
N TYR C 51 4.68 33.72 19.48
CA TYR C 51 3.28 34.13 19.68
C TYR C 51 2.30 32.96 19.49
N ASP C 52 1.07 33.14 19.96
CA ASP C 52 0.01 32.15 19.79
C ASP C 52 -0.70 32.27 18.45
N GLN C 53 -0.64 31.21 17.65
CA GLN C 53 -1.24 31.22 16.33
C GLN C 53 -2.69 31.72 16.36
N GLN C 54 -3.42 31.35 17.40
CA GLN C 54 -4.84 31.65 17.46
C GLN C 54 -5.11 32.98 18.15
N GLU C 55 -4.24 33.37 19.06
CA GLU C 55 -4.35 34.64 19.75
C GLU C 55 -3.04 35.39 19.59
N GLN C 56 -2.89 36.05 18.45
CA GLN C 56 -1.58 36.51 17.98
C GLN C 56 -0.95 37.56 18.88
N HIS C 57 -1.78 38.27 19.64
CA HIS C 57 -1.27 39.36 20.48
C HIS C 57 -0.61 38.83 21.74
N MET C 58 -0.76 37.53 21.97
CA MET C 58 -0.15 36.86 23.12
C MET C 58 1.22 36.30 22.79
N VAL C 59 2.22 36.72 23.56
CA VAL C 59 3.58 36.27 23.36
C VAL C 59 4.04 35.41 24.53
N TYR C 60 4.41 34.17 24.24
CA TYR C 60 4.97 33.30 25.25
C TYR C 60 6.48 33.19 25.03
N CYS C 61 7.22 33.93 25.85
CA CYS C 61 8.64 34.15 25.66
C CYS C 61 9.47 33.43 26.71
N GLY C 62 8.83 32.60 27.51
CA GLY C 62 9.55 31.77 28.46
C GLY C 62 10.34 30.73 27.70
N GLY C 63 11.64 30.67 27.96
CA GLY C 63 12.50 29.75 27.24
C GLY C 63 13.23 30.40 26.08
N ASP C 64 13.06 31.72 25.94
CA ASP C 64 13.76 32.50 24.93
C ASP C 64 14.51 33.62 25.63
N LEU C 65 15.58 34.09 25.00
CA LEU C 65 16.39 35.16 25.56
C LEU C 65 15.58 36.46 25.72
N LEU C 66 14.47 36.56 24.99
CA LEU C 66 13.59 37.73 25.11
C LEU C 66 12.86 37.71 26.45
N GLY C 67 12.40 36.53 26.84
CA GLY C 67 11.71 36.34 28.11
C GLY C 67 12.54 36.84 29.26
N GLU C 68 13.86 36.65 29.17
CA GLU C 68 14.76 37.14 30.20
C GLU C 68 14.73 38.66 30.23
N LEU C 69 14.97 39.27 29.08
CA LEU C 69 14.96 40.73 28.98
C LEU C 69 13.66 41.32 29.54
N LEU C 70 12.54 40.68 29.26
CA LEU C 70 11.25 41.15 29.76
C LEU C 70 11.05 40.76 31.22
N GLY C 71 11.79 39.76 31.67
CA GLY C 71 11.62 39.24 33.01
C GLY C 71 10.23 38.67 33.17
N ARG C 72 9.76 37.99 32.12
CA ARG C 72 8.41 37.45 32.08
C ARG C 72 8.37 36.13 31.29
N GLN C 73 7.23 35.45 31.31
CA GLN C 73 7.07 34.20 30.59
C GLN C 73 6.03 34.36 29.48
N SER C 74 5.03 35.18 29.77
CA SER C 74 3.90 35.37 28.88
C SER C 74 3.35 36.79 29.03
N PHE C 75 2.82 37.33 27.94
CA PHE C 75 2.24 38.65 27.97
C PHE C 75 1.54 38.98 26.66
N SER C 76 0.53 39.84 26.74
CA SER C 76 -0.11 40.39 25.55
C SER C 76 0.58 41.70 25.19
N VAL C 77 0.78 41.95 23.91
CA VAL C 77 1.39 43.22 23.49
C VAL C 77 0.40 44.38 23.65
N LYS C 78 -0.85 44.05 23.96
CA LYS C 78 -1.85 45.05 24.32
C LYS C 78 -1.45 45.78 25.61
N ASP C 79 -0.41 45.30 26.26
CA ASP C 79 0.09 45.91 27.51
C ASP C 79 1.56 46.25 27.37
N PRO C 80 1.88 47.47 26.92
CA PRO C 80 3.25 47.92 26.63
C PRO C 80 4.11 48.06 27.90
N SER C 81 3.50 47.98 29.08
CA SER C 81 4.23 48.19 30.33
C SER C 81 5.53 47.40 30.43
N PRO C 82 5.47 46.07 30.21
CA PRO C 82 6.72 45.30 30.28
C PRO C 82 7.70 45.78 29.23
N LEU C 83 7.16 46.30 28.12
CA LEU C 83 7.98 46.77 27.02
C LEU C 83 8.72 48.07 27.36
N TYR C 84 8.00 49.04 27.92
CA TYR C 84 8.66 50.29 28.35
C TYR C 84 9.82 49.98 29.30
N ASP C 85 9.55 49.10 30.26
CA ASP C 85 10.56 48.73 31.26
C ASP C 85 11.84 48.23 30.58
N MET C 86 11.67 47.26 29.70
CA MET C 86 12.77 46.69 28.95
C MET C 86 13.56 47.75 28.18
N LEU C 87 12.84 48.64 27.51
CA LEU C 87 13.49 49.71 26.72
C LEU C 87 14.33 50.62 27.61
N ARG C 88 13.75 51.02 28.74
CA ARG C 88 14.45 51.91 29.66
C ARG C 88 15.75 51.28 30.12
N LYS C 89 15.71 50.01 30.51
CA LYS C 89 16.90 49.33 31.03
C LYS C 89 17.91 49.01 29.94
N ASN C 90 17.46 48.98 28.69
CA ASN C 90 18.29 48.45 27.61
C ASN C 90 18.64 49.42 26.46
N LEU C 91 18.10 50.64 26.49
CA LEU C 91 18.47 51.63 25.48
C LEU C 91 19.26 52.78 26.10
N VAL C 92 20.44 53.05 25.56
CA VAL C 92 21.24 54.19 26.00
C VAL C 92 21.14 55.32 24.98
N THR C 93 20.54 56.44 25.39
CA THR C 93 20.41 57.56 24.48
C THR C 93 21.78 58.09 24.12
N LEU C 94 21.96 58.41 22.84
CA LEU C 94 23.21 58.94 22.36
C LEU C 94 23.05 60.45 22.18
N ALA C 95 24.02 61.20 22.21
N ASN D 10 -12.47 -7.35 -35.98
CA ASN D 10 -12.46 -8.78 -36.25
C ASN D 10 -12.23 -9.58 -34.95
N GLN D 11 -13.18 -10.45 -34.64
CA GLN D 11 -13.12 -11.26 -33.44
C GLN D 11 -12.73 -12.69 -33.78
N VAL D 12 -11.99 -13.32 -32.88
CA VAL D 12 -11.65 -14.73 -33.05
C VAL D 12 -11.98 -15.55 -31.81
N ARG D 13 -12.33 -16.81 -32.01
CA ARG D 13 -12.52 -17.76 -30.92
C ARG D 13 -11.30 -18.65 -30.82
N PRO D 14 -10.55 -18.52 -29.72
CA PRO D 14 -9.39 -19.39 -29.48
C PRO D 14 -9.87 -20.78 -29.10
N LYS D 15 -9.32 -21.81 -29.74
CA LYS D 15 -9.68 -23.18 -29.40
C LYS D 15 -9.29 -23.43 -27.96
N LEU D 16 -9.96 -24.39 -27.34
CA LEU D 16 -9.84 -24.61 -25.90
C LEU D 16 -8.40 -24.58 -25.36
N PRO D 17 -7.47 -25.29 -26.03
CA PRO D 17 -6.11 -25.36 -25.48
C PRO D 17 -5.48 -23.97 -25.33
N LEU D 18 -5.66 -23.15 -26.35
CA LEU D 18 -5.15 -21.79 -26.32
C LEU D 18 -5.97 -20.96 -25.34
N LEU D 19 -7.29 -21.11 -25.39
CA LEU D 19 -8.17 -20.37 -24.50
C LEU D 19 -7.75 -20.58 -23.04
N LYS D 20 -7.38 -21.79 -22.68
CA LYS D 20 -6.99 -22.09 -21.31
C LYS D 20 -5.75 -21.28 -20.94
N ILE D 21 -4.83 -21.16 -21.90
CA ILE D 21 -3.63 -20.37 -21.69
C ILE D 21 -3.99 -18.90 -21.47
N LEU D 22 -4.90 -18.39 -22.30
CA LEU D 22 -5.31 -17.00 -22.20
C LEU D 22 -6.04 -16.72 -20.87
N HIS D 23 -6.94 -17.61 -20.48
CA HIS D 23 -7.66 -17.45 -19.22
C HIS D 23 -6.71 -17.44 -18.03
N ALA D 24 -5.69 -18.30 -18.07
CA ALA D 24 -4.67 -18.31 -17.02
C ALA D 24 -4.01 -16.94 -16.96
N ALA D 25 -3.87 -16.32 -18.14
CA ALA D 25 -3.24 -15.01 -18.27
C ALA D 25 -4.13 -13.88 -17.76
N GLY D 26 -5.40 -14.19 -17.50
CA GLY D 26 -6.32 -13.22 -16.97
C GLY D 26 -7.35 -12.75 -17.99
N ALA D 27 -7.36 -13.36 -19.19
CA ALA D 27 -8.35 -13.03 -20.21
C ALA D 27 -9.75 -13.35 -19.74
N GLN D 28 -10.67 -12.45 -20.09
CA GLN D 28 -12.08 -12.61 -19.75
C GLN D 28 -12.89 -12.82 -21.02
N GLY D 29 -13.60 -13.93 -21.10
CA GLY D 29 -14.51 -14.14 -22.21
C GLY D 29 -14.06 -15.22 -23.16
N GLU D 30 -14.80 -15.33 -24.27
CA GLU D 30 -14.62 -16.43 -25.21
C GLU D 30 -14.15 -15.95 -26.58
N MET D 31 -14.18 -14.64 -26.78
CA MET D 31 -13.77 -14.05 -28.05
C MET D 31 -12.88 -12.83 -27.86
N PHE D 32 -11.88 -12.70 -28.71
CA PHE D 32 -10.89 -11.65 -28.58
C PHE D 32 -10.46 -11.19 -29.97
N THR D 33 -9.72 -10.08 -30.02
CA THR D 33 -9.03 -9.70 -31.24
C THR D 33 -7.69 -10.45 -31.25
N VAL D 34 -7.05 -10.51 -32.41
CA VAL D 34 -5.73 -11.15 -32.46
C VAL D 34 -4.72 -10.41 -31.55
N LYS D 35 -4.81 -9.08 -31.51
CA LYS D 35 -3.90 -8.29 -30.68
C LYS D 35 -4.12 -8.55 -29.20
N GLU D 36 -5.38 -8.72 -28.82
CA GLU D 36 -5.69 -9.15 -27.46
C GLU D 36 -5.08 -10.53 -27.14
N VAL D 37 -5.18 -11.47 -28.07
CA VAL D 37 -4.58 -12.80 -27.89
C VAL D 37 -3.08 -12.71 -27.64
N MET D 38 -2.39 -11.92 -28.47
CA MET D 38 -0.94 -11.83 -28.35
C MET D 38 -0.56 -11.09 -27.07
N HIS D 39 -1.29 -10.04 -26.71
CA HIS D 39 -1.05 -9.38 -25.42
C HIS D 39 -1.07 -10.36 -24.24
N TYR D 40 -2.11 -11.18 -24.16
CA TYR D 40 -2.20 -12.13 -23.06
C TYR D 40 -1.10 -13.21 -23.13
N LEU D 41 -0.73 -13.61 -24.35
CA LEU D 41 0.38 -14.54 -24.52
C LEU D 41 1.66 -13.97 -23.92
N GLY D 42 1.96 -12.71 -24.23
CA GLY D 42 3.14 -12.06 -23.68
C GLY D 42 3.11 -12.05 -22.16
N GLN D 43 1.95 -11.71 -21.60
CA GLN D 43 1.77 -11.74 -20.16
C GLN D 43 2.03 -13.15 -19.61
N TYR D 44 1.52 -14.15 -20.32
CA TYR D 44 1.67 -15.55 -19.89
C TYR D 44 3.15 -15.94 -19.79
N ILE D 45 3.88 -15.67 -20.86
CA ILE D 45 5.30 -15.94 -20.93
C ILE D 45 6.08 -15.23 -19.80
N MET D 46 5.73 -13.97 -19.57
CA MET D 46 6.41 -13.16 -18.54
C MET D 46 6.21 -13.65 -17.11
N VAL D 47 4.96 -13.76 -16.68
CA VAL D 47 4.68 -14.14 -15.29
C VAL D 47 5.16 -15.56 -14.98
N LYS D 48 5.00 -16.47 -15.94
CA LYS D 48 5.48 -17.84 -15.75
C LYS D 48 6.99 -17.96 -15.96
N GLN D 49 7.62 -16.84 -16.30
CA GLN D 49 9.07 -16.80 -16.49
C GLN D 49 9.56 -17.89 -17.45
N LEU D 50 8.92 -18.01 -18.60
CA LEU D 50 9.29 -19.02 -19.59
C LEU D 50 10.44 -18.54 -20.47
N TYR D 51 10.78 -17.27 -20.33
CA TYR D 51 11.84 -16.65 -21.11
C TYR D 51 13.18 -16.73 -20.41
N ASP D 52 14.25 -16.47 -21.16
CA ASP D 52 15.60 -16.48 -20.62
C ASP D 52 15.96 -15.09 -20.09
N GLN D 53 16.17 -14.97 -18.78
CA GLN D 53 16.39 -13.65 -18.20
C GLN D 53 17.59 -12.95 -18.84
N GLN D 54 18.53 -13.76 -19.34
CA GLN D 54 19.74 -13.24 -20.00
C GLN D 54 19.59 -13.06 -21.50
N GLU D 55 18.55 -13.65 -22.07
CA GLU D 55 18.24 -13.52 -23.49
C GLU D 55 16.74 -13.59 -23.65
N GLN D 56 16.10 -12.46 -23.38
CA GLN D 56 14.67 -12.45 -23.06
C GLN D 56 13.73 -12.77 -24.23
N HIS D 57 14.24 -12.70 -25.46
CA HIS D 57 13.43 -13.05 -26.63
C HIS D 57 13.41 -14.56 -26.87
N MET D 58 14.21 -15.29 -26.09
CA MET D 58 14.23 -16.75 -26.17
C MET D 58 13.25 -17.34 -25.18
N VAL D 59 12.30 -18.11 -25.70
CA VAL D 59 11.28 -18.74 -24.87
C VAL D 59 11.49 -20.24 -24.73
N TYR D 60 11.52 -20.70 -23.49
CA TYR D 60 11.69 -22.12 -23.18
C TYR D 60 10.38 -22.68 -22.62
N CYS D 61 9.59 -23.28 -23.51
CA CYS D 61 8.22 -23.67 -23.21
C CYS D 61 8.06 -25.18 -23.14
N GLY D 62 9.19 -25.88 -23.14
CA GLY D 62 9.22 -27.33 -23.16
C GLY D 62 8.16 -28.03 -22.31
N GLY D 63 8.27 -27.87 -21.00
CA GLY D 63 7.39 -28.58 -20.08
C GLY D 63 6.09 -27.88 -19.77
N ASP D 64 5.84 -26.77 -20.46
CA ASP D 64 4.61 -26.02 -20.27
C ASP D 64 3.55 -26.44 -21.27
N LEU D 65 2.28 -26.28 -20.91
CA LEU D 65 1.19 -26.46 -21.85
C LEU D 65 1.36 -25.60 -23.11
N LEU D 66 2.08 -24.47 -22.99
CA LEU D 66 2.38 -23.64 -24.15
C LEU D 66 3.26 -24.40 -25.16
N GLY D 67 4.19 -25.19 -24.65
CA GLY D 67 5.03 -26.01 -25.50
C GLY D 67 4.22 -27.00 -26.35
N GLU D 68 3.09 -27.45 -25.81
CA GLU D 68 2.26 -28.39 -26.53
C GLU D 68 1.59 -27.73 -27.73
N LEU D 69 1.17 -26.48 -27.55
CA LEU D 69 0.55 -25.75 -28.65
C LEU D 69 1.56 -25.43 -29.75
N LEU D 70 2.74 -24.99 -29.35
CA LEU D 70 3.78 -24.65 -30.32
C LEU D 70 4.39 -25.90 -30.94
N GLY D 71 4.21 -27.03 -30.28
CA GLY D 71 4.86 -28.27 -30.71
C GLY D 71 6.36 -28.11 -30.70
N ARG D 72 6.85 -27.21 -29.86
CA ARG D 72 8.29 -26.98 -29.73
C ARG D 72 8.74 -26.92 -28.27
N GLN D 73 10.05 -26.86 -28.07
CA GLN D 73 10.62 -26.80 -26.73
C GLN D 73 11.28 -25.45 -26.45
N SER D 74 11.77 -24.80 -27.49
CA SER D 74 12.27 -23.43 -27.37
C SER D 74 12.21 -22.74 -28.73
N PHE D 75 12.53 -21.46 -28.74
CA PHE D 75 12.49 -20.68 -29.98
C PHE D 75 12.57 -19.20 -29.64
N SER D 76 12.95 -18.38 -30.63
CA SER D 76 12.99 -16.95 -30.45
C SER D 76 11.73 -16.27 -30.98
N VAL D 77 11.20 -15.33 -30.21
CA VAL D 77 10.05 -14.55 -30.60
C VAL D 77 10.37 -13.58 -31.75
N LYS D 78 11.65 -13.46 -32.09
CA LYS D 78 12.07 -12.55 -33.16
C LYS D 78 11.55 -13.05 -34.52
N ASP D 79 11.36 -14.36 -34.62
CA ASP D 79 10.80 -14.98 -35.83
C ASP D 79 9.34 -15.39 -35.63
N PRO D 80 8.42 -14.74 -36.34
CA PRO D 80 6.97 -14.96 -36.25
C PRO D 80 6.51 -16.36 -36.65
N SER D 81 7.22 -16.99 -37.58
CA SER D 81 6.81 -18.27 -38.16
C SER D 81 6.06 -19.23 -37.21
N PRO D 82 6.72 -19.65 -36.11
CA PRO D 82 6.14 -20.62 -35.18
C PRO D 82 4.87 -20.08 -34.49
N LEU D 83 4.83 -18.77 -34.29
CA LEU D 83 3.64 -18.11 -33.74
C LEU D 83 2.50 -18.13 -34.74
N TYR D 84 2.79 -17.72 -35.97
CA TYR D 84 1.81 -17.71 -37.04
C TYR D 84 1.17 -19.09 -37.15
N ASP D 85 2.00 -20.12 -37.10
CA ASP D 85 1.53 -21.49 -37.20
C ASP D 85 0.50 -21.78 -36.11
N MET D 86 0.85 -21.50 -34.87
CA MET D 86 -0.04 -21.72 -33.75
C MET D 86 -1.35 -20.93 -33.92
N LEU D 87 -1.23 -19.66 -34.30
CA LEU D 87 -2.40 -18.82 -34.50
C LEU D 87 -3.32 -19.42 -35.56
N ARG D 88 -2.74 -19.86 -36.68
CA ARG D 88 -3.51 -20.44 -37.77
C ARG D 88 -4.32 -21.66 -37.30
N LYS D 89 -3.70 -22.48 -36.46
CA LYS D 89 -4.35 -23.71 -36.02
C LYS D 89 -5.26 -23.51 -34.81
N ASN D 90 -5.15 -22.37 -34.14
CA ASN D 90 -5.91 -22.18 -32.89
C ASN D 90 -6.88 -21.00 -32.82
N LEU D 91 -6.90 -20.16 -33.85
CA LEU D 91 -7.89 -19.08 -33.88
C LEU D 91 -8.97 -19.40 -34.89
N VAL D 92 -10.23 -19.32 -34.46
CA VAL D 92 -11.37 -19.51 -35.37
C VAL D 92 -12.05 -18.18 -35.60
N THR D 93 -12.01 -17.70 -36.83
CA THR D 93 -12.60 -16.40 -37.15
C THR D 93 -14.12 -16.50 -37.00
N LEU D 94 -14.71 -15.50 -36.36
CA LEU D 94 -16.14 -15.47 -36.12
C LEU D 94 -16.84 -14.54 -37.09
N ALA D 95 -17.87 -14.87 -37.68
N GLU E 1 4.60 -23.06 6.47
CA GLU E 1 5.65 -23.22 7.48
C GLU E 1 5.27 -22.50 8.78
N VAL E 2 4.12 -21.85 8.79
CA VAL E 2 3.61 -21.21 9.99
C VAL E 2 3.29 -22.27 11.05
N GLN E 3 3.79 -22.05 12.27
CA GLN E 3 3.58 -22.99 13.35
C GLN E 3 3.22 -22.25 14.64
N LEU E 4 2.13 -22.69 15.27
CA LEU E 4 1.67 -22.07 16.52
C LEU E 4 1.48 -23.18 17.55
N LEU E 5 2.16 -23.07 18.69
CA LEU E 5 2.07 -24.13 19.71
C LEU E 5 1.56 -23.56 21.02
N GLU E 6 0.31 -23.84 21.35
CA GLU E 6 -0.26 -23.35 22.60
C GLU E 6 0.09 -24.26 23.76
N SER E 7 0.10 -23.72 24.97
CA SER E 7 0.35 -24.50 26.18
C SER E 7 -0.12 -23.76 27.44
N GLY E 8 -0.11 -24.44 28.57
CA GLY E 8 -0.48 -23.82 29.83
C GLY E 8 -1.90 -24.16 30.29
N GLY E 9 -2.65 -24.82 29.42
CA GLY E 9 -4.01 -25.21 29.75
C GLY E 9 -3.99 -26.18 30.92
N GLY E 10 -5.16 -26.52 31.44
CA GLY E 10 -5.25 -27.45 32.56
C GLY E 10 -6.55 -27.30 33.32
N LEU E 11 -6.56 -27.78 34.56
CA LEU E 11 -7.79 -27.76 35.36
C LEU E 11 -7.67 -26.75 36.49
N VAL E 12 -8.72 -25.98 36.71
CA VAL E 12 -8.73 -25.03 37.81
C VAL E 12 -10.16 -24.83 38.33
N GLN E 13 -10.27 -24.38 39.57
CA GLN E 13 -11.57 -24.15 40.19
C GLN E 13 -12.07 -22.75 39.86
N PRO E 14 -13.40 -22.59 39.82
CA PRO E 14 -13.97 -21.26 39.61
C PRO E 14 -13.24 -20.25 40.48
N GLY E 15 -12.98 -19.06 39.93
CA GLY E 15 -12.22 -18.04 40.64
C GLY E 15 -10.72 -18.16 40.45
N GLY E 16 -10.28 -19.24 39.82
CA GLY E 16 -8.86 -19.50 39.67
C GLY E 16 -8.23 -18.73 38.51
N SER E 17 -6.94 -18.96 38.29
CA SER E 17 -6.24 -18.33 37.17
C SER E 17 -5.27 -19.29 36.48
N LEU E 18 -5.04 -19.03 35.20
CA LEU E 18 -4.13 -19.81 34.38
C LEU E 18 -3.44 -18.86 33.42
N ARG E 19 -2.19 -19.15 33.09
CA ARG E 19 -1.49 -18.38 32.08
C ARG E 19 -1.24 -19.26 30.88
N LEU E 20 -1.77 -18.86 29.72
CA LEU E 20 -1.54 -19.58 28.48
C LEU E 20 -0.40 -18.92 27.70
N SER E 21 0.38 -19.74 27.02
CA SER E 21 1.38 -19.22 26.11
C SER E 21 1.28 -19.86 24.72
N CYS E 22 1.88 -19.20 23.74
CA CYS E 22 1.83 -19.63 22.36
C CYS E 22 3.18 -19.35 21.72
N ALA E 23 3.90 -20.40 21.35
CA ALA E 23 5.19 -20.26 20.71
C ALA E 23 4.96 -20.19 19.21
N ALA E 24 5.34 -19.07 18.61
CA ALA E 24 5.10 -18.85 17.19
C ALA E 24 6.39 -18.99 16.38
N SER E 25 6.27 -19.58 15.20
CA SER E 25 7.42 -19.72 14.32
C SER E 25 7.00 -19.93 12.86
N GLY E 26 7.93 -19.68 11.94
CA GLY E 26 7.67 -19.84 10.52
C GLY E 26 7.13 -18.58 9.85
N PHE E 27 7.14 -17.48 10.58
CA PHE E 27 6.77 -16.18 10.01
C PHE E 27 7.38 -15.09 10.88
N THR E 28 7.38 -13.86 10.37
CA THR E 28 7.94 -12.72 11.08
C THR E 28 6.97 -12.26 12.16
N PHE E 29 7.11 -12.85 13.34
CA PHE E 29 6.21 -12.63 14.47
C PHE E 29 5.96 -11.15 14.78
N GLU E 30 7.03 -10.37 14.87
CA GLU E 30 6.93 -8.96 15.27
C GLU E 30 6.29 -8.05 14.21
N GLU E 31 5.98 -8.61 13.04
CA GLU E 31 5.24 -7.87 12.04
C GLU E 31 3.72 -8.04 12.21
N TYR E 32 3.30 -8.97 13.06
CA TYR E 32 1.89 -9.34 13.08
C TYR E 32 1.15 -9.08 14.37
N ALA E 33 -0.05 -8.51 14.24
CA ALA E 33 -1.04 -8.60 15.30
C ALA E 33 -1.25 -10.09 15.51
N MET E 34 -1.68 -10.48 16.71
CA MET E 34 -1.94 -11.89 17.02
C MET E 34 -3.20 -11.99 17.86
N LEU E 35 -3.88 -13.13 17.78
CA LEU E 35 -5.16 -13.32 18.46
C LEU E 35 -5.20 -14.57 19.34
N TRP E 36 -6.09 -14.54 20.33
CA TRP E 36 -6.56 -15.75 20.99
C TRP E 36 -8.03 -15.93 20.66
N VAL E 37 -8.41 -17.16 20.32
CA VAL E 37 -9.82 -17.51 20.11
C VAL E 37 -10.09 -18.81 20.85
N ARG E 38 -11.35 -19.12 21.12
CA ARG E 38 -11.66 -20.34 21.87
C ARG E 38 -12.89 -21.05 21.36
N GLN E 39 -12.97 -22.34 21.65
CA GLN E 39 -14.14 -23.11 21.30
C GLN E 39 -14.63 -23.84 22.54
N ALA E 40 -15.82 -23.46 23.01
CA ALA E 40 -16.43 -24.13 24.15
C ALA E 40 -17.29 -25.32 23.68
N PRO E 41 -17.54 -26.28 24.57
CA PRO E 41 -18.32 -27.47 24.18
C PRO E 41 -19.67 -27.09 23.59
N GLY E 42 -19.94 -27.53 22.37
CA GLY E 42 -21.20 -27.29 21.71
C GLY E 42 -21.29 -25.95 21.00
N LYS E 43 -20.33 -25.07 21.27
CA LYS E 43 -20.39 -23.72 20.70
C LYS E 43 -19.45 -23.56 19.52
N GLY E 44 -19.65 -22.50 18.74
CA GLY E 44 -18.75 -22.18 17.65
C GLY E 44 -17.54 -21.42 18.17
N LEU E 45 -16.51 -21.29 17.36
CA LEU E 45 -15.34 -20.53 17.74
C LEU E 45 -15.73 -19.13 18.21
N GLU E 46 -15.06 -18.64 19.26
CA GLU E 46 -15.30 -17.31 19.79
C GLU E 46 -13.99 -16.55 19.88
N TRP E 47 -13.92 -15.39 19.21
CA TRP E 47 -12.74 -14.52 19.34
C TRP E 47 -12.65 -14.07 20.78
N VAL E 48 -11.44 -14.08 21.34
CA VAL E 48 -11.28 -13.78 22.76
C VAL E 48 -10.54 -12.46 23.00
N SER E 49 -9.39 -12.30 22.34
CA SER E 49 -8.54 -11.15 22.57
C SER E 49 -7.59 -10.98 21.41
N GLY E 50 -7.02 -9.78 21.30
CA GLY E 50 -6.02 -9.50 20.28
C GLY E 50 -5.05 -8.42 20.72
N ILE E 51 -3.92 -8.35 20.02
CA ILE E 51 -2.86 -7.40 20.37
C ILE E 51 -2.07 -7.02 19.12
N ASN E 52 -1.72 -5.74 19.00
CA ASN E 52 -0.96 -5.29 17.84
C ASN E 52 0.47 -5.84 17.86
N ALA E 53 1.14 -5.77 16.72
CA ALA E 53 2.49 -6.29 16.56
C ALA E 53 3.46 -5.83 17.64
N ARG E 54 3.39 -4.56 18.00
CA ARG E 54 4.33 -3.96 18.95
C ARG E 54 4.01 -4.29 20.38
N GLY E 55 2.78 -4.71 20.64
CA GLY E 55 2.43 -5.26 21.93
C GLY E 55 1.85 -4.28 22.93
N TYR E 56 1.56 -3.06 22.49
CA TYR E 56 1.08 -2.03 23.41
C TYR E 56 -0.43 -1.79 23.29
N THR E 57 -1.03 -2.21 22.18
CA THR E 57 -2.47 -2.05 22.03
C THR E 57 -3.17 -3.41 22.11
N THR E 58 -4.23 -3.48 22.91
CA THR E 58 -4.93 -4.74 23.17
C THR E 58 -6.43 -4.62 23.00
N TYR E 59 -7.06 -5.75 22.68
CA TYR E 59 -8.51 -5.81 22.48
C TYR E 59 -9.09 -7.04 23.17
N TYR E 60 -10.36 -6.95 23.57
CA TYR E 60 -11.01 -8.05 24.28
C TYR E 60 -12.48 -8.18 23.95
N ALA E 61 -12.99 -9.40 23.96
CA ALA E 61 -14.42 -9.62 23.84
C ALA E 61 -15.07 -9.21 25.14
N ASP E 62 -16.31 -8.73 25.07
CA ASP E 62 -17.05 -8.30 26.26
C ASP E 62 -17.09 -9.41 27.31
N SER E 63 -17.15 -10.66 26.86
CA SER E 63 -17.27 -11.80 27.77
C SER E 63 -16.08 -12.00 28.74
N VAL E 64 -14.89 -11.53 28.36
CA VAL E 64 -13.69 -11.74 29.18
C VAL E 64 -13.05 -10.44 29.62
N LYS E 65 -13.62 -9.34 29.16
CA LYS E 65 -13.16 -8.00 29.49
C LYS E 65 -12.95 -7.81 31.00
N GLY E 66 -11.75 -7.35 31.38
CA GLY E 66 -11.42 -7.07 32.76
C GLY E 66 -10.90 -8.29 33.52
N ARG E 67 -11.01 -9.46 32.91
CA ARG E 67 -10.56 -10.68 33.58
C ARG E 67 -9.33 -11.28 32.89
N PHE E 68 -9.25 -11.10 31.58
CA PHE E 68 -8.15 -11.64 30.80
C PHE E 68 -7.19 -10.51 30.40
N THR E 69 -5.91 -10.86 30.25
CA THR E 69 -4.90 -9.91 29.82
C THR E 69 -3.99 -10.56 28.77
N ILE E 70 -3.98 -10.00 27.57
CA ILE E 70 -3.12 -10.52 26.52
C ILE E 70 -1.82 -9.73 26.53
N SER E 71 -0.71 -10.40 26.25
CA SER E 71 0.57 -9.74 26.16
C SER E 71 1.48 -10.55 25.23
N ARG E 72 2.62 -9.99 24.86
CA ARG E 72 3.53 -10.69 23.96
C ARG E 72 4.99 -10.37 24.25
N ASP E 73 5.88 -11.27 23.85
CA ASP E 73 7.30 -11.04 23.95
C ASP E 73 7.92 -11.34 22.60
N ASN E 74 8.14 -10.31 21.80
CA ASN E 74 8.65 -10.51 20.44
C ASN E 74 10.05 -11.08 20.42
N SER E 75 10.80 -10.87 21.50
CA SER E 75 12.14 -11.45 21.63
C SER E 75 12.08 -12.96 21.73
N LYS E 76 11.00 -13.47 22.32
CA LYS E 76 10.80 -14.92 22.47
C LYS E 76 9.78 -15.44 21.47
N ASN E 77 9.32 -14.56 20.59
CA ASN E 77 8.25 -14.91 19.65
C ASN E 77 7.15 -15.71 20.33
N THR E 78 6.69 -15.19 21.46
CA THR E 78 5.70 -15.87 22.26
C THR E 78 4.54 -14.94 22.59
N LEU E 79 3.33 -15.48 22.56
CA LEU E 79 2.13 -14.72 22.91
C LEU E 79 1.57 -15.31 24.20
N TYR E 80 1.04 -14.45 25.07
CA TYR E 80 0.49 -14.92 26.35
C TYR E 80 -0.94 -14.49 26.57
N LEU E 81 -1.67 -15.28 27.35
CA LEU E 81 -3.00 -14.88 27.82
C LEU E 81 -3.10 -15.16 29.32
N GLN E 82 -3.14 -14.09 30.12
CA GLN E 82 -3.30 -14.25 31.56
C GLN E 82 -4.80 -14.24 31.86
N MET E 83 -5.29 -15.36 32.38
CA MET E 83 -6.71 -15.50 32.64
C MET E 83 -6.96 -15.51 34.14
N ASN E 84 -7.66 -14.49 34.63
CA ASN E 84 -8.03 -14.39 36.04
C ASN E 84 -9.55 -14.54 36.23
N SER E 85 -9.97 -14.69 37.48
CA SER E 85 -11.40 -14.82 37.82
C SER E 85 -12.13 -15.78 36.89
N LEU E 86 -11.54 -16.95 36.67
CA LEU E 86 -12.05 -17.92 35.72
C LEU E 86 -13.41 -18.47 36.13
N ARG E 87 -14.25 -18.73 35.14
CA ARG E 87 -15.62 -19.17 35.36
C ARG E 87 -15.86 -20.50 34.66
N THR E 88 -16.91 -21.20 35.06
CA THR E 88 -17.31 -22.42 34.38
C THR E 88 -17.44 -22.22 32.85
N GLU E 89 -18.04 -21.10 32.45
CA GLU E 89 -18.25 -20.79 31.02
C GLU E 89 -16.96 -20.62 30.22
N ASP E 90 -15.84 -20.39 30.89
CA ASP E 90 -14.57 -20.22 30.20
C ASP E 90 -13.96 -21.56 29.80
N THR E 91 -14.65 -22.65 30.11
CA THR E 91 -14.16 -23.96 29.68
C THR E 91 -14.17 -24.01 28.16
N ALA E 92 -13.02 -24.37 27.58
CA ALA E 92 -12.87 -24.36 26.13
C ALA E 92 -11.48 -24.84 25.72
N VAL E 93 -11.32 -25.12 24.44
CA VAL E 93 -10.00 -25.28 23.86
C VAL E 93 -9.62 -23.89 23.37
N TYR E 94 -8.46 -23.41 23.82
CA TYR E 94 -7.98 -22.08 23.47
C TYR E 94 -6.93 -22.17 22.38
N TYR E 95 -7.03 -21.29 21.39
CA TYR E 95 -6.13 -21.31 20.24
C TYR E 95 -5.48 -19.96 20.05
N CYS E 96 -4.21 -20.02 19.70
CA CYS E 96 -3.43 -18.88 19.26
C CYS E 96 -3.68 -18.75 17.75
N ALA E 97 -3.91 -17.54 17.24
CA ALA E 97 -4.20 -17.33 15.81
C ALA E 97 -3.35 -16.25 15.14
N LYS E 98 -2.76 -16.59 13.99
CA LYS E 98 -2.12 -15.57 13.13
C LYS E 98 -3.12 -15.08 12.08
N PRO E 99 -3.43 -13.78 12.09
CA PRO E 99 -4.33 -13.24 11.05
C PRO E 99 -3.66 -13.21 9.68
N TRP E 100 -4.42 -13.43 8.62
CA TRP E 100 -3.87 -13.19 7.29
C TRP E 100 -3.52 -11.69 7.14
N TYR E 101 -4.31 -10.81 7.75
CA TYR E 101 -4.04 -9.37 7.64
C TYR E 101 -3.26 -8.87 8.86
N PRO E 102 -2.04 -8.38 8.63
CA PRO E 102 -1.07 -8.10 9.68
C PRO E 102 -1.57 -7.16 10.76
N PHE E 103 -2.52 -6.28 10.42
CA PHE E 103 -3.00 -5.26 11.36
C PHE E 103 -4.33 -5.62 12.02
N MET E 104 -4.89 -6.77 11.67
CA MET E 104 -6.16 -7.21 12.23
C MET E 104 -5.93 -7.81 13.61
N ALA E 105 -6.26 -7.05 14.65
CA ALA E 105 -6.09 -7.48 16.04
C ALA E 105 -7.43 -7.64 16.77
N SER E 106 -8.54 -7.41 16.08
CA SER E 106 -9.81 -7.26 16.79
C SER E 106 -10.88 -8.27 16.40
N LYS E 107 -10.51 -9.21 15.53
CA LYS E 107 -11.46 -10.19 15.03
C LYS E 107 -10.72 -11.28 14.25
N GLY E 108 -11.28 -12.48 14.23
CA GLY E 108 -10.70 -13.59 13.51
C GLY E 108 -11.23 -13.65 12.10
N SER E 109 -10.67 -14.53 11.27
CA SER E 109 -11.18 -14.72 9.93
C SER E 109 -11.08 -16.18 9.60
N GLU E 110 -11.85 -16.61 8.60
CA GLU E 110 -11.80 -17.98 8.08
C GLU E 110 -10.41 -18.30 7.53
N PHE E 111 -9.60 -17.28 7.30
CA PHE E 111 -8.29 -17.50 6.70
C PHE E 111 -7.11 -17.51 7.69
N ASP E 112 -7.38 -17.38 8.98
CA ASP E 112 -6.31 -17.35 9.98
C ASP E 112 -5.69 -18.73 10.12
N TYR E 113 -4.44 -18.79 10.56
CA TYR E 113 -3.84 -20.05 11.00
C TYR E 113 -4.01 -20.15 12.50
N TRP E 114 -4.31 -21.35 12.98
CA TRP E 114 -4.43 -21.64 14.41
C TRP E 114 -3.51 -22.79 14.77
N GLY E 115 -3.14 -22.88 16.04
CA GLY E 115 -2.44 -24.05 16.55
C GLY E 115 -3.41 -25.18 16.87
N GLN E 116 -2.91 -26.25 17.48
CA GLN E 116 -3.75 -27.38 17.83
C GLN E 116 -4.57 -27.13 19.09
N GLY E 117 -4.15 -26.14 19.88
CA GLY E 117 -4.93 -25.72 21.01
C GLY E 117 -4.45 -26.23 22.37
N THR E 118 -5.01 -25.65 23.42
CA THR E 118 -4.75 -26.12 24.76
C THR E 118 -6.08 -26.14 25.50
N LEU E 119 -6.36 -27.26 26.18
CA LEU E 119 -7.63 -27.43 26.85
C LEU E 119 -7.63 -26.78 28.21
N VAL E 120 -8.66 -25.98 28.46
CA VAL E 120 -8.82 -25.29 29.73
C VAL E 120 -10.12 -25.78 30.34
N THR E 121 -10.02 -26.30 31.57
CA THR E 121 -11.17 -26.85 32.26
C THR E 121 -11.39 -26.10 33.57
N VAL E 122 -12.60 -25.62 33.78
CA VAL E 122 -12.92 -24.89 35.00
C VAL E 122 -14.10 -25.53 35.71
N SER E 123 -13.82 -26.20 36.81
CA SER E 123 -14.89 -26.79 37.61
C SER E 123 -14.47 -26.93 39.07
N SER E 124 -15.45 -26.86 39.96
CA SER E 124 -15.20 -26.93 41.40
C SER E 124 -15.53 -28.31 41.93
N GLU F 1 19.53 13.42 6.27
CA GLU F 1 18.43 12.59 5.80
C GLU F 1 18.48 12.31 4.29
N VAL F 2 19.21 13.15 3.55
CA VAL F 2 19.49 12.82 2.16
C VAL F 2 20.44 11.63 2.13
N GLN F 3 20.09 10.57 1.41
CA GLN F 3 21.01 9.46 1.22
C GLN F 3 21.12 9.03 -0.24
N LEU F 4 22.33 8.75 -0.67
CA LEU F 4 22.59 8.36 -2.05
C LEU F 4 23.46 7.12 -2.04
N LEU F 5 22.98 6.05 -2.69
CA LEU F 5 23.69 4.76 -2.63
C LEU F 5 24.10 4.28 -4.02
N GLU F 6 25.35 4.50 -4.37
CA GLU F 6 25.86 4.01 -5.67
C GLU F 6 26.19 2.53 -5.65
N SER F 7 26.03 1.88 -6.79
CA SER F 7 26.43 0.49 -6.96
C SER F 7 26.69 0.18 -8.42
N GLY F 8 27.24 -0.99 -8.68
CA GLY F 8 27.43 -1.46 -10.05
C GLY F 8 28.87 -1.40 -10.51
N GLY F 9 29.73 -0.79 -9.70
CA GLY F 9 31.12 -0.68 -10.06
C GLY F 9 31.80 -2.04 -10.07
N GLY F 10 33.04 -2.07 -10.55
CA GLY F 10 33.82 -3.29 -10.58
C GLY F 10 35.02 -3.21 -11.50
N LEU F 11 35.54 -4.38 -11.88
CA LEU F 11 36.67 -4.47 -12.80
C LEU F 11 36.22 -4.90 -14.20
N VAL F 12 36.66 -4.16 -15.22
CA VAL F 12 36.40 -4.53 -16.60
C VAL F 12 37.63 -4.25 -17.45
N GLN F 13 37.71 -4.88 -18.61
CA GLN F 13 38.80 -4.58 -19.53
C GLN F 13 38.42 -3.42 -20.42
N PRO F 14 39.42 -2.71 -20.95
CA PRO F 14 39.16 -1.63 -21.92
C PRO F 14 38.22 -2.13 -23.01
N GLY F 15 37.32 -1.26 -23.45
CA GLY F 15 36.31 -1.65 -24.43
C GLY F 15 35.05 -2.23 -23.80
N GLY F 16 35.15 -2.66 -22.55
CA GLY F 16 34.01 -3.26 -21.86
C GLY F 16 32.93 -2.27 -21.45
N SER F 17 31.96 -2.75 -20.68
CA SER F 17 30.89 -1.88 -20.21
C SER F 17 30.43 -2.23 -18.80
N LEU F 18 29.84 -1.22 -18.15
CA LEU F 18 29.32 -1.34 -16.80
C LEU F 18 28.09 -0.46 -16.72
N ARG F 19 27.14 -0.82 -15.86
CA ARG F 19 26.04 0.10 -15.56
C ARG F 19 26.00 0.43 -14.07
N LEU F 20 26.09 1.71 -13.75
CA LEU F 20 26.02 2.14 -12.35
C LEU F 20 24.59 2.53 -12.02
N SER F 21 24.25 2.34 -10.75
CA SER F 21 22.95 2.69 -10.23
C SER F 21 23.15 3.52 -8.98
N CYS F 22 22.22 4.43 -8.76
CA CYS F 22 22.24 5.27 -7.58
C CYS F 22 20.85 5.28 -6.97
N ALA F 23 20.71 4.67 -5.79
CA ALA F 23 19.44 4.68 -5.06
C ALA F 23 19.36 5.92 -4.17
N ALA F 24 18.37 6.77 -4.41
CA ALA F 24 18.24 8.04 -3.70
C ALA F 24 17.09 8.00 -2.70
N SER F 25 17.26 8.65 -1.56
CA SER F 25 16.16 8.82 -0.61
C SER F 25 16.38 10.04 0.29
N GLY F 26 15.33 10.42 1.01
CA GLY F 26 15.42 11.49 1.98
C GLY F 26 15.15 12.87 1.39
N PHE F 27 14.74 12.90 0.12
CA PHE F 27 14.31 14.12 -0.53
C PHE F 27 13.40 13.73 -1.69
N THR F 28 12.73 14.71 -2.28
CA THR F 28 11.79 14.44 -3.35
C THR F 28 12.53 14.31 -4.67
N PHE F 29 12.94 13.08 -4.96
CA PHE F 29 13.76 12.74 -6.14
C PHE F 29 13.22 13.34 -7.43
N GLU F 30 11.90 13.26 -7.64
CA GLU F 30 11.30 13.69 -8.91
C GLU F 30 11.29 15.21 -9.11
N GLU F 31 11.73 15.96 -8.10
CA GLU F 31 11.85 17.42 -8.22
C GLU F 31 13.27 17.84 -8.65
N TYR F 32 14.21 16.91 -8.66
CA TYR F 32 15.62 17.28 -8.80
C TYR F 32 16.35 16.77 -10.02
N ALA F 33 17.03 17.69 -10.69
CA ALA F 33 18.10 17.29 -11.60
C ALA F 33 19.07 16.46 -10.78
N MET F 34 19.81 15.56 -11.43
CA MET F 34 20.78 14.72 -10.72
C MET F 34 22.06 14.60 -11.52
N LEU F 35 23.17 14.35 -10.85
CA LEU F 35 24.47 14.31 -11.50
C LEU F 35 25.23 13.03 -11.20
N TRP F 36 26.13 12.67 -12.12
CA TRP F 36 27.23 11.77 -11.81
C TRP F 36 28.53 12.58 -11.86
N VAL F 37 29.41 12.33 -10.89
CA VAL F 37 30.76 12.92 -10.91
C VAL F 37 31.73 11.80 -10.58
N ARG F 38 33.02 12.01 -10.85
CA ARG F 38 33.99 10.95 -10.57
C ARG F 38 35.31 11.53 -10.11
N GLN F 39 36.07 10.70 -9.40
CA GLN F 39 37.40 11.10 -9.00
C GLN F 39 38.41 10.04 -9.41
N ALA F 40 39.31 10.39 -10.32
CA ALA F 40 40.36 9.48 -10.75
C ALA F 40 41.56 9.62 -9.80
N PRO F 41 42.42 8.59 -9.73
CA PRO F 41 43.54 8.63 -8.79
C PRO F 41 44.42 9.86 -9.01
N GLY F 42 44.65 10.61 -7.94
CA GLY F 42 45.52 11.77 -7.98
C GLY F 42 44.90 13.00 -8.59
N LYS F 43 43.60 12.95 -8.87
CA LYS F 43 42.97 14.08 -9.54
C LYS F 43 41.79 14.67 -8.78
N GLY F 44 41.41 15.87 -9.17
CA GLY F 44 40.24 16.51 -8.59
C GLY F 44 38.97 15.87 -9.13
N LEU F 45 37.88 16.07 -8.40
CA LEU F 45 36.57 15.60 -8.81
C LEU F 45 36.25 16.16 -10.20
N GLU F 46 35.71 15.31 -11.06
CA GLU F 46 35.34 15.70 -12.42
C GLU F 46 33.85 15.45 -12.65
N TRP F 47 33.10 16.50 -13.03
CA TRP F 47 31.71 16.33 -13.43
C TRP F 47 31.61 15.45 -14.68
N VAL F 48 30.69 14.49 -14.67
CA VAL F 48 30.62 13.51 -15.75
C VAL F 48 29.34 13.65 -16.57
N SER F 49 28.21 13.79 -15.90
CA SER F 49 26.93 13.80 -16.61
C SER F 49 25.85 14.35 -15.70
N GLY F 50 24.75 14.81 -16.29
CA GLY F 50 23.61 15.26 -15.51
C GLY F 50 22.32 15.07 -16.27
N ILE F 51 21.20 15.14 -15.56
CA ILE F 51 19.91 14.91 -16.18
C ILE F 51 18.85 15.70 -15.42
N ASN F 52 17.91 16.30 -16.15
CA ASN F 52 16.86 17.06 -15.50
C ASN F 52 15.89 16.13 -14.78
N ALA F 53 15.04 16.70 -13.92
CA ALA F 53 14.07 15.90 -13.15
C ALA F 53 13.18 15.03 -14.03
N ARG F 54 12.69 15.61 -15.14
CA ARG F 54 11.78 14.90 -16.04
C ARG F 54 12.48 13.87 -16.93
N GLY F 55 13.81 13.85 -16.87
CA GLY F 55 14.59 12.80 -17.49
C GLY F 55 14.82 12.83 -18.98
N TYR F 56 14.30 13.85 -19.68
CA TYR F 56 14.49 13.90 -21.14
C TYR F 56 15.54 14.90 -21.60
N THR F 57 16.15 15.62 -20.66
CA THR F 57 17.25 16.50 -21.00
C THR F 57 18.54 16.04 -20.30
N THR F 58 19.57 15.77 -21.09
CA THR F 58 20.83 15.26 -20.55
C THR F 58 22.07 16.05 -20.98
N TYR F 59 23.13 15.93 -20.20
CA TYR F 59 24.37 16.68 -20.38
C TYR F 59 25.55 15.74 -20.14
N TYR F 60 26.61 15.90 -20.93
CA TYR F 60 27.79 15.03 -20.81
C TYR F 60 29.08 15.83 -20.89
N ALA F 61 30.08 15.42 -20.12
CA ALA F 61 31.42 15.99 -20.23
C ALA F 61 31.98 15.53 -21.56
N ASP F 62 32.82 16.36 -22.19
CA ASP F 62 33.40 16.01 -23.49
C ASP F 62 34.17 14.70 -23.40
N SER F 63 34.68 14.39 -22.22
CA SER F 63 35.48 13.19 -22.03
C SER F 63 34.71 11.87 -22.15
N VAL F 64 33.38 11.93 -22.07
CA VAL F 64 32.58 10.70 -22.07
C VAL F 64 31.47 10.70 -23.11
N LYS F 65 31.38 11.82 -23.83
CA LYS F 65 30.38 12.03 -24.87
C LYS F 65 30.34 10.87 -25.87
N GLY F 66 29.15 10.35 -26.13
CA GLY F 66 28.98 9.23 -27.04
C GLY F 66 29.23 7.85 -26.45
N ARG F 67 29.83 7.78 -25.27
CA ARG F 67 30.11 6.50 -24.63
C ARG F 67 29.25 6.20 -23.40
N PHE F 68 28.85 7.25 -22.68
CA PHE F 68 28.06 7.10 -21.47
C PHE F 68 26.62 7.55 -21.73
N THR F 69 25.66 6.93 -21.05
CA THR F 69 24.27 7.38 -21.14
C THR F 69 23.66 7.44 -19.74
N ILE F 70 23.18 8.63 -19.37
CA ILE F 70 22.55 8.80 -18.06
C ILE F 70 21.05 8.66 -18.25
N SER F 71 20.37 8.05 -17.27
CA SER F 71 18.93 7.91 -17.32
C SER F 71 18.39 7.80 -15.92
N ARG F 72 17.08 7.92 -15.77
CA ARG F 72 16.50 7.87 -14.44
C ARG F 72 15.12 7.25 -14.47
N ASP F 73 14.80 6.60 -13.35
CA ASP F 73 13.47 6.06 -13.13
C ASP F 73 12.97 6.59 -11.79
N ASN F 74 12.28 7.72 -11.85
CA ASN F 74 11.73 8.35 -10.66
C ASN F 74 10.83 7.44 -9.81
N SER F 75 10.07 6.58 -10.47
CA SER F 75 9.19 5.65 -9.74
C SER F 75 9.98 4.70 -8.83
N LYS F 76 11.26 4.50 -9.11
CA LYS F 76 12.13 3.70 -8.24
C LYS F 76 13.19 4.54 -7.53
N ASN F 77 13.05 5.87 -7.59
CA ASN F 77 14.04 6.76 -6.99
C ASN F 77 15.48 6.38 -7.36
N THR F 78 15.69 6.03 -8.62
CA THR F 78 16.99 5.54 -9.05
C THR F 78 17.52 6.26 -10.29
N LEU F 79 18.81 6.59 -10.25
CA LEU F 79 19.56 7.14 -11.37
C LEU F 79 20.55 6.11 -11.92
N TYR F 80 20.74 6.11 -13.24
CA TYR F 80 21.66 5.18 -13.89
C TYR F 80 22.72 5.87 -14.76
N LEU F 81 23.87 5.22 -14.87
CA LEU F 81 24.89 5.61 -15.80
C LEU F 81 25.35 4.39 -16.57
N GLN F 82 24.94 4.30 -17.84
CA GLN F 82 25.38 3.22 -18.71
C GLN F 82 26.71 3.62 -19.32
N MET F 83 27.74 2.81 -19.07
CA MET F 83 29.07 3.14 -19.55
C MET F 83 29.54 2.10 -20.55
N ASN F 84 29.81 2.55 -21.77
CA ASN F 84 30.29 1.66 -22.83
C ASN F 84 31.68 2.08 -23.28
N SER F 85 32.34 1.20 -24.01
CA SER F 85 33.67 1.46 -24.55
C SER F 85 34.57 2.09 -23.51
N LEU F 86 34.70 1.44 -22.36
CA LEU F 86 35.45 1.98 -21.23
C LEU F 86 36.94 2.05 -21.52
N ARG F 87 37.59 3.07 -20.98
CA ARG F 87 39.02 3.26 -21.16
C ARG F 87 39.73 3.22 -19.81
N THR F 88 41.04 2.98 -19.84
CA THR F 88 41.83 2.98 -18.62
C THR F 88 41.59 4.25 -17.81
N GLU F 89 41.48 5.39 -18.51
CA GLU F 89 41.30 6.69 -17.85
C GLU F 89 39.92 6.91 -17.20
N ASP F 90 38.98 5.99 -17.41
CA ASP F 90 37.69 6.09 -16.73
C ASP F 90 37.76 5.41 -15.36
N THR F 91 38.92 4.84 -15.04
CA THR F 91 39.13 4.29 -13.70
C THR F 91 38.93 5.41 -12.68
N ALA F 92 38.05 5.20 -11.71
CA ALA F 92 37.69 6.25 -10.75
C ALA F 92 36.66 5.74 -9.74
N VAL F 93 36.48 6.49 -8.66
CA VAL F 93 35.32 6.29 -7.81
C VAL F 93 34.26 7.18 -8.42
N TYR F 94 33.08 6.60 -8.67
CA TYR F 94 31.98 7.35 -9.27
C TYR F 94 30.98 7.68 -8.18
N TYR F 95 30.48 8.91 -8.21
CA TYR F 95 29.54 9.38 -7.21
C TYR F 95 28.26 9.88 -7.85
N CYS F 96 27.14 9.52 -7.22
CA CYS F 96 25.84 10.12 -7.48
C CYS F 96 25.76 11.43 -6.71
N ALA F 97 25.23 12.50 -7.32
CA ALA F 97 25.14 13.79 -6.63
C ALA F 97 23.79 14.52 -6.77
N LYS F 98 23.27 14.97 -5.63
CA LYS F 98 22.12 15.87 -5.59
C LYS F 98 22.54 17.33 -5.53
N PRO F 99 22.18 18.11 -6.53
CA PRO F 99 22.52 19.54 -6.52
C PRO F 99 21.68 20.28 -5.47
N TRP F 100 22.23 21.34 -4.89
CA TRP F 100 21.43 22.19 -4.01
C TRP F 100 20.37 22.93 -4.84
N TYR F 101 20.69 23.25 -6.08
CA TYR F 101 19.73 23.89 -6.98
C TYR F 101 19.00 22.86 -7.88
N PRO F 102 17.67 22.79 -7.77
CA PRO F 102 16.90 21.73 -8.44
C PRO F 102 17.10 21.60 -9.95
N PHE F 103 17.44 22.69 -10.65
CA PHE F 103 17.53 22.65 -12.11
C PHE F 103 18.97 22.53 -12.63
N MET F 104 19.92 22.37 -11.72
CA MET F 104 21.33 22.33 -12.09
C MET F 104 21.72 20.90 -12.47
N ALA F 105 21.81 20.64 -13.78
CA ALA F 105 22.10 19.33 -14.32
C ALA F 105 23.44 19.30 -15.05
N SER F 106 24.12 20.43 -15.12
CA SER F 106 25.30 20.47 -15.98
C SER F 106 26.59 20.80 -15.24
N LYS F 107 26.51 21.00 -13.93
CA LYS F 107 27.71 21.27 -13.15
C LYS F 107 27.56 20.96 -11.66
N GLY F 108 28.66 20.54 -11.06
CA GLY F 108 28.68 20.23 -9.64
C GLY F 108 28.79 21.51 -8.85
N SER F 109 28.63 21.40 -7.53
CA SER F 109 28.86 22.54 -6.64
C SER F 109 29.40 22.05 -5.31
N GLU F 110 29.97 22.98 -4.55
CA GLU F 110 30.54 22.65 -3.26
C GLU F 110 29.45 22.25 -2.27
N PHE F 111 28.22 22.60 -2.59
CA PHE F 111 27.11 22.36 -1.67
C PHE F 111 26.32 21.08 -1.96
N ASP F 112 26.73 20.34 -2.99
CA ASP F 112 26.06 19.09 -3.37
C ASP F 112 26.20 18.01 -2.30
N TYR F 113 25.26 17.07 -2.28
CA TYR F 113 25.41 15.83 -1.54
C TYR F 113 25.89 14.74 -2.48
N TRP F 114 26.79 13.89 -2.00
CA TRP F 114 27.26 12.72 -2.75
C TRP F 114 27.10 11.48 -1.90
N GLY F 115 27.04 10.32 -2.55
CA GLY F 115 27.09 9.06 -1.85
C GLY F 115 28.52 8.71 -1.49
N GLN F 116 28.72 7.53 -0.90
CA GLN F 116 30.05 7.01 -0.62
C GLN F 116 30.79 6.58 -1.88
N GLY F 117 30.06 6.39 -2.98
CA GLY F 117 30.69 6.08 -4.25
C GLY F 117 30.75 4.60 -4.58
N THR F 118 31.10 4.32 -5.82
CA THR F 118 31.31 2.94 -6.25
C THR F 118 32.56 2.96 -7.13
N LEU F 119 33.44 1.98 -6.93
CA LEU F 119 34.74 1.99 -7.59
C LEU F 119 34.69 1.31 -8.95
N VAL F 120 35.29 1.97 -9.92
CA VAL F 120 35.35 1.43 -11.27
C VAL F 120 36.82 1.28 -11.64
N THR F 121 37.20 0.09 -12.08
CA THR F 121 38.58 -0.17 -12.47
C THR F 121 38.58 -0.74 -13.88
N VAL F 122 39.29 -0.07 -14.78
CA VAL F 122 39.37 -0.52 -16.16
C VAL F 122 40.84 -0.77 -16.49
N SER F 123 41.23 -2.03 -16.62
CA SER F 123 42.63 -2.30 -16.97
C SER F 123 42.89 -3.55 -17.81
N SER F 124 44.04 -3.53 -18.49
CA SER F 124 44.62 -4.65 -19.25
C SER F 124 44.95 -4.24 -20.67
N GLU G 1 13.94 53.32 6.11
CA GLU G 1 13.57 52.79 4.81
C GLU G 1 12.05 52.72 4.65
N VAL G 2 11.34 52.63 5.76
CA VAL G 2 9.88 52.53 5.74
C VAL G 2 9.24 53.79 5.17
N GLN G 3 8.37 53.62 4.17
CA GLN G 3 7.68 54.75 3.55
C GLN G 3 6.20 54.47 3.32
N LEU G 4 5.36 55.42 3.70
CA LEU G 4 3.92 55.28 3.58
C LEU G 4 3.39 56.59 3.01
N LEU G 5 2.79 56.52 1.81
CA LEU G 5 2.33 57.72 1.13
C LEU G 5 0.82 57.72 0.95
N GLU G 6 0.15 58.56 1.73
CA GLU G 6 -1.31 58.65 1.68
C GLU G 6 -1.77 59.61 0.59
N SER G 7 -2.95 59.32 0.04
CA SER G 7 -3.54 60.17 -0.99
C SER G 7 -5.03 59.92 -1.11
N GLY G 8 -5.71 60.72 -1.94
CA GLY G 8 -7.13 60.54 -2.17
C GLY G 8 -8.00 61.44 -1.32
N GLY G 9 -7.37 62.17 -0.41
CA GLY G 9 -8.08 63.13 0.42
C GLY G 9 -8.46 64.36 -0.37
N GLY G 10 -9.39 65.14 0.16
CA GLY G 10 -9.84 66.34 -0.54
C GLY G 10 -10.98 67.04 0.17
N LEU G 11 -11.95 67.49 -0.61
CA LEU G 11 -13.05 68.28 -0.08
C LEU G 11 -14.38 67.68 -0.49
N VAL G 12 -15.21 67.35 0.49
CA VAL G 12 -16.51 66.71 0.25
C VAL G 12 -17.60 67.30 1.13
N GLN G 13 -18.85 67.12 0.70
CA GLN G 13 -20.01 67.62 1.44
C GLN G 13 -20.61 66.50 2.28
N PRO G 14 -21.23 66.85 3.42
CA PRO G 14 -21.83 65.88 4.34
C PRO G 14 -22.74 64.89 3.62
N GLY G 15 -22.26 63.67 3.42
CA GLY G 15 -23.02 62.64 2.74
C GLY G 15 -22.26 62.03 1.57
N GLY G 16 -21.25 62.74 1.08
CA GLY G 16 -20.45 62.28 -0.03
C GLY G 16 -19.51 61.13 0.31
N SER G 17 -18.56 60.86 -0.58
CA SER G 17 -17.65 59.73 -0.38
C SER G 17 -16.29 59.94 -1.03
N LEU G 18 -15.24 59.56 -0.32
CA LEU G 18 -13.88 59.59 -0.83
C LEU G 18 -13.24 58.22 -0.65
N ARG G 19 -12.29 57.89 -1.52
CA ARG G 19 -11.50 56.67 -1.35
C ARG G 19 -10.04 57.05 -1.10
N LEU G 20 -9.57 56.78 0.11
CA LEU G 20 -8.18 57.04 0.45
C LEU G 20 -7.30 55.88 0.02
N SER G 21 -6.05 56.19 -0.32
CA SER G 21 -5.08 55.15 -0.63
C SER G 21 -3.78 55.37 0.14
N CYS G 22 -3.00 54.31 0.28
CA CYS G 22 -1.70 54.38 0.95
C CYS G 22 -0.71 53.49 0.23
N ALA G 23 0.32 54.11 -0.34
CA ALA G 23 1.38 53.38 -1.03
C ALA G 23 2.50 53.05 -0.07
N ALA G 24 2.63 51.78 0.29
CA ALA G 24 3.62 51.36 1.26
C ALA G 24 4.87 50.78 0.62
N SER G 25 6.04 51.12 1.17
CA SER G 25 7.28 50.51 0.73
C SER G 25 8.31 50.49 1.87
N GLY G 26 9.46 49.85 1.63
CA GLY G 26 10.51 49.77 2.62
C GLY G 26 10.32 48.66 3.64
N PHE G 27 9.30 47.84 3.42
CA PHE G 27 9.04 46.69 4.30
C PHE G 27 8.13 45.71 3.59
N THR G 28 7.96 44.53 4.16
CA THR G 28 7.12 43.50 3.54
C THR G 28 5.64 43.69 3.89
N PHE G 29 4.96 44.46 3.05
CA PHE G 29 3.55 44.82 3.24
C PHE G 29 2.67 43.62 3.52
N GLU G 30 2.85 42.57 2.71
CA GLU G 30 2.07 41.35 2.81
C GLU G 30 2.21 40.63 4.16
N GLU G 31 3.19 41.02 4.97
CA GLU G 31 3.39 40.42 6.29
C GLU G 31 2.66 41.17 7.39
N TYR G 32 2.25 42.41 7.12
CA TYR G 32 1.81 43.29 8.19
C TYR G 32 0.32 43.57 8.19
N ALA G 33 -0.28 43.49 9.38
CA ALA G 33 -1.56 44.13 9.61
C ALA G 33 -1.30 45.61 9.35
N MET G 34 -2.29 46.30 8.79
CA MET G 34 -2.12 47.74 8.54
C MET G 34 -3.25 48.53 9.17
N LEU G 35 -2.99 49.79 9.45
CA LEU G 35 -3.94 50.61 10.20
C LEU G 35 -4.22 51.93 9.51
N TRP G 36 -5.45 52.43 9.71
CA TRP G 36 -5.77 53.82 9.40
C TRP G 36 -6.00 54.55 10.71
N VAL G 37 -5.38 55.72 10.84
CA VAL G 37 -5.56 56.57 12.01
C VAL G 37 -5.83 57.99 11.49
N ARG G 38 -6.46 58.82 12.32
CA ARG G 38 -6.80 60.17 11.87
C ARG G 38 -6.65 61.21 12.97
N GLN G 39 -6.48 62.45 12.56
CA GLN G 39 -6.36 63.55 13.49
C GLN G 39 -7.27 64.70 13.06
N ALA G 40 -8.34 64.91 13.81
CA ALA G 40 -9.23 66.03 13.56
C ALA G 40 -8.76 67.21 14.40
N PRO G 41 -9.11 68.42 13.98
CA PRO G 41 -8.67 69.63 14.71
C PRO G 41 -8.91 69.51 16.22
N GLY G 42 -7.92 69.93 17.00
CA GLY G 42 -8.05 70.02 18.44
C GLY G 42 -7.87 68.71 19.17
N LYS G 43 -7.79 67.62 18.43
CA LYS G 43 -7.75 66.30 19.04
C LYS G 43 -6.51 65.50 18.67
N GLY G 44 -6.16 64.55 19.53
CA GLY G 44 -5.05 63.65 19.27
C GLY G 44 -5.40 62.62 18.21
N LEU G 45 -4.56 61.59 18.07
CA LEU G 45 -4.80 60.55 17.08
C LEU G 45 -5.92 59.61 17.46
N GLU G 46 -6.87 59.43 16.56
CA GLU G 46 -7.91 58.42 16.74
C GLU G 46 -7.66 57.23 15.81
N TRP G 47 -7.62 56.03 16.39
CA TRP G 47 -7.59 54.82 15.58
C TRP G 47 -8.92 54.70 14.86
N VAL G 48 -8.88 54.46 13.55
CA VAL G 48 -10.10 54.42 12.74
C VAL G 48 -10.47 52.99 12.31
N SER G 49 -9.53 52.29 11.70
CA SER G 49 -9.73 50.89 11.35
C SER G 49 -8.41 50.16 11.17
N GLY G 50 -8.50 48.85 10.98
CA GLY G 50 -7.33 48.02 10.80
C GLY G 50 -7.67 46.83 9.94
N ILE G 51 -6.65 46.24 9.32
CA ILE G 51 -6.86 45.06 8.49
C ILE G 51 -5.71 44.06 8.68
N ASN G 52 -6.03 42.77 8.80
CA ASN G 52 -4.96 41.79 8.96
C ASN G 52 -4.13 41.70 7.68
N ALA G 53 -2.99 41.02 7.77
CA ALA G 53 -2.05 40.94 6.66
C ALA G 53 -2.66 40.40 5.36
N ARG G 54 -3.43 39.32 5.47
CA ARG G 54 -4.04 38.69 4.31
C ARG G 54 -5.19 39.52 3.74
N GLY G 55 -5.90 40.20 4.61
CA GLY G 55 -6.96 41.11 4.17
C GLY G 55 -8.37 40.60 4.39
N TYR G 56 -8.51 39.49 5.10
CA TYR G 56 -9.82 38.90 5.33
C TYR G 56 -10.48 39.33 6.64
N THR G 57 -9.68 39.82 7.59
CA THR G 57 -10.23 40.29 8.85
C THR G 57 -10.01 41.79 9.02
N THR G 58 -11.06 42.49 9.42
CA THR G 58 -11.03 43.94 9.50
C THR G 58 -11.63 44.42 10.82
N TYR G 59 -11.19 45.59 11.28
CA TYR G 59 -11.65 46.16 12.55
C TYR G 59 -11.96 47.64 12.38
N TYR G 60 -12.87 48.15 13.21
CA TYR G 60 -13.36 49.52 13.05
C TYR G 60 -13.69 50.15 14.39
N ALA G 61 -13.50 51.46 14.50
CA ALA G 61 -14.02 52.20 15.64
C ALA G 61 -15.53 52.28 15.49
N ASP G 62 -16.23 52.37 16.61
CA ASP G 62 -17.68 52.42 16.58
C ASP G 62 -18.16 53.68 15.88
N SER G 63 -17.48 54.79 16.16
CA SER G 63 -17.84 56.07 15.56
C SER G 63 -17.78 56.04 14.04
N VAL G 64 -17.20 54.98 13.49
CA VAL G 64 -17.02 54.86 12.05
C VAL G 64 -17.56 53.54 11.51
N LYS G 65 -18.04 52.68 12.41
CA LYS G 65 -18.47 51.33 12.03
C LYS G 65 -19.66 51.33 11.06
N GLY G 66 -19.66 50.39 10.12
CA GLY G 66 -20.74 50.24 9.18
C GLY G 66 -20.83 51.40 8.21
N ARG G 67 -19.72 52.12 8.06
CA ARG G 67 -19.70 53.29 7.19
C ARG G 67 -18.41 53.35 6.37
N PHE G 68 -17.29 53.07 7.02
CA PHE G 68 -16.00 52.99 6.35
C PHE G 68 -15.67 51.53 6.01
N THR G 69 -14.95 51.34 4.91
CA THR G 69 -14.53 50.01 4.49
C THR G 69 -13.03 49.98 4.19
N ILE G 70 -12.30 49.20 4.98
CA ILE G 70 -10.86 49.05 4.77
C ILE G 70 -10.59 47.88 3.83
N SER G 71 -9.51 47.98 3.06
CA SER G 71 -9.12 46.89 2.18
C SER G 71 -7.68 47.07 1.73
N ARG G 72 -7.11 46.05 1.12
CA ARG G 72 -5.73 46.12 0.65
C ARG G 72 -5.53 45.31 -0.62
N ASP G 73 -4.53 45.72 -1.41
CA ASP G 73 -4.10 44.95 -2.57
C ASP G 73 -2.62 44.65 -2.41
N ASN G 74 -2.30 43.46 -1.91
CA ASN G 74 -0.93 43.11 -1.60
C ASN G 74 -0.02 43.07 -2.82
N SER G 75 -0.60 42.78 -3.98
CA SER G 75 0.15 42.81 -5.23
C SER G 75 0.60 44.22 -5.57
N LYS G 76 -0.17 45.21 -5.11
CA LYS G 76 0.15 46.61 -5.38
C LYS G 76 0.73 47.34 -4.15
N ASN G 77 0.97 46.60 -3.07
CA ASN G 77 1.49 47.19 -1.84
C ASN G 77 0.72 48.44 -1.44
N THR G 78 -0.60 48.34 -1.44
CA THR G 78 -1.43 49.51 -1.20
C THR G 78 -2.59 49.18 -0.28
N LEU G 79 -2.84 50.11 0.65
CA LEU G 79 -3.95 50.00 1.58
C LEU G 79 -5.00 51.01 1.15
N TYR G 80 -6.28 50.68 1.37
CA TYR G 80 -7.36 51.56 0.97
C TYR G 80 -8.31 51.78 2.12
N LEU G 81 -9.03 52.90 2.09
CA LEU G 81 -10.10 53.16 3.04
C LEU G 81 -11.29 53.82 2.34
N GLN G 82 -12.42 53.12 2.32
CA GLN G 82 -13.62 53.64 1.65
C GLN G 82 -14.53 54.36 2.64
N MET G 83 -14.57 55.68 2.52
CA MET G 83 -15.39 56.49 3.42
C MET G 83 -16.69 56.92 2.73
N ASN G 84 -17.78 56.25 3.09
CA ASN G 84 -19.09 56.56 2.54
C ASN G 84 -19.95 57.32 3.55
N SER G 85 -21.04 57.92 3.07
CA SER G 85 -21.89 58.78 3.89
C SER G 85 -21.07 59.64 4.84
N LEU G 86 -20.07 60.32 4.28
CA LEU G 86 -19.16 61.14 5.08
C LEU G 86 -19.88 62.15 5.96
N ARG G 87 -19.29 62.43 7.12
CA ARG G 87 -19.86 63.36 8.06
C ARG G 87 -18.92 64.55 8.22
N THR G 88 -19.44 65.64 8.80
CA THR G 88 -18.60 66.77 9.17
C THR G 88 -17.62 66.33 10.26
N GLU G 89 -18.05 65.41 11.10
CA GLU G 89 -17.24 64.91 12.19
C GLU G 89 -16.01 64.18 11.68
N ASP G 90 -15.99 63.89 10.38
CA ASP G 90 -14.94 63.07 9.79
C ASP G 90 -13.80 63.88 9.17
N THR G 91 -14.00 65.20 9.11
CA THR G 91 -12.95 66.08 8.61
C THR G 91 -11.71 65.95 9.49
N ALA G 92 -10.58 65.63 8.87
CA ALA G 92 -9.37 65.34 9.61
C ALA G 92 -8.20 65.01 8.69
N VAL G 93 -7.00 64.89 9.27
CA VAL G 93 -5.84 64.39 8.54
C VAL G 93 -5.77 62.87 8.73
N TYR G 94 -5.79 62.13 7.63
CA TYR G 94 -5.78 60.67 7.70
C TYR G 94 -4.39 60.09 7.43
N TYR G 95 -3.98 59.15 8.27
CA TYR G 95 -2.69 58.51 8.14
C TYR G 95 -2.81 57.00 8.00
N CYS G 96 -2.00 56.45 7.11
CA CYS G 96 -1.71 55.04 7.00
C CYS G 96 -0.60 54.71 8.01
N ALA G 97 -0.76 53.64 8.80
CA ALA G 97 0.25 53.28 9.81
C ALA G 97 0.69 51.81 9.77
N LYS G 98 2.00 51.59 9.83
CA LYS G 98 2.56 50.25 9.94
C LYS G 98 2.87 49.93 11.41
N PRO G 99 2.23 48.88 11.96
CA PRO G 99 2.41 48.57 13.37
C PRO G 99 3.76 47.89 13.59
N TRP G 100 4.43 48.19 14.69
CA TRP G 100 5.67 47.50 15.00
C TRP G 100 5.43 45.99 15.17
N TYR G 101 4.25 45.65 15.70
CA TYR G 101 3.88 44.25 15.90
C TYR G 101 3.04 43.77 14.72
N PRO G 102 3.56 42.80 13.95
CA PRO G 102 2.99 42.40 12.66
C PRO G 102 1.50 42.02 12.70
N PHE G 103 1.01 41.60 13.86
CA PHE G 103 -0.36 41.10 13.92
C PHE G 103 -1.33 42.09 14.58
N MET G 104 -0.87 43.29 14.87
CA MET G 104 -1.68 44.30 15.55
C MET G 104 -2.49 45.10 14.55
N ALA G 105 -3.78 44.79 14.44
CA ALA G 105 -4.65 45.47 13.49
C ALA G 105 -5.78 46.22 14.17
N SER G 106 -5.90 46.06 15.48
CA SER G 106 -7.07 46.56 16.20
C SER G 106 -6.80 47.85 16.97
N LYS G 107 -5.56 48.33 16.95
CA LYS G 107 -5.20 49.54 17.67
C LYS G 107 -3.79 50.02 17.36
N GLY G 108 -3.56 51.32 17.47
CA GLY G 108 -2.29 51.91 17.12
C GLY G 108 -1.34 51.95 18.30
N SER G 109 -0.14 52.48 18.07
CA SER G 109 0.84 52.64 19.14
C SER G 109 1.89 53.68 18.77
N GLU G 110 2.57 54.18 19.78
CA GLU G 110 3.58 55.23 19.61
C GLU G 110 4.81 54.76 18.83
N PHE G 111 4.97 53.45 18.69
CA PHE G 111 6.14 52.93 17.99
C PHE G 111 5.88 52.67 16.50
N ASP G 112 4.67 52.96 16.05
CA ASP G 112 4.31 52.72 14.65
C ASP G 112 4.92 53.76 13.75
N TYR G 113 5.14 53.38 12.50
CA TYR G 113 5.42 54.35 11.45
C TYR G 113 4.11 54.84 10.85
N TRP G 114 4.05 56.13 10.56
CA TRP G 114 2.95 56.66 9.76
C TRP G 114 3.52 57.60 8.70
N GLY G 115 2.73 57.91 7.69
CA GLY G 115 3.17 58.79 6.62
C GLY G 115 2.85 60.23 6.94
N GLN G 116 2.95 61.11 5.95
CA GLN G 116 2.72 62.53 6.18
C GLN G 116 1.23 62.86 6.19
N GLY G 117 0.40 61.93 5.73
CA GLY G 117 -1.04 62.08 5.81
C GLY G 117 -1.73 62.66 4.59
N THR G 118 -3.06 62.57 4.59
CA THR G 118 -3.87 63.19 3.56
C THR G 118 -5.04 63.91 4.23
N LEU G 119 -5.40 65.07 3.69
CA LEU G 119 -6.40 65.94 4.31
C LEU G 119 -7.80 65.73 3.75
N VAL G 120 -8.75 65.49 4.64
CA VAL G 120 -10.13 65.26 4.24
C VAL G 120 -10.98 66.38 4.81
N THR G 121 -11.81 66.98 3.96
CA THR G 121 -12.67 68.08 4.40
C THR G 121 -14.13 67.83 4.03
N VAL G 122 -14.99 67.81 5.05
CA VAL G 122 -16.41 67.55 4.82
C VAL G 122 -17.28 68.74 5.25
N SER G 123 -17.95 69.35 4.28
CA SER G 123 -18.87 70.46 4.53
C SER G 123 -19.65 70.82 3.27
N GLU H 1 -8.89 -1.27 -24.33
CA GLU H 1 -8.57 -0.65 -23.04
C GLU H 1 -7.19 0.02 -23.10
N VAL H 2 -6.29 -0.56 -23.89
CA VAL H 2 -4.98 0.03 -24.12
C VAL H 2 -5.13 1.33 -24.91
N GLN H 3 -4.63 2.44 -24.38
CA GLN H 3 -4.51 3.65 -25.21
C GLN H 3 -3.15 4.33 -25.13
N LEU H 4 -2.73 4.83 -26.28
CA LEU H 4 -1.43 5.46 -26.42
C LEU H 4 -1.69 6.80 -27.08
N LEU H 5 -1.37 7.88 -26.37
CA LEU H 5 -1.68 9.21 -26.86
C LEU H 5 -0.41 10.00 -27.17
N GLU H 6 -0.12 10.16 -28.46
CA GLU H 6 1.10 10.84 -28.85
C GLU H 6 0.83 12.34 -28.99
N SER H 7 1.86 13.14 -28.70
CA SER H 7 1.77 14.58 -28.91
C SER H 7 3.17 15.17 -29.02
N GLY H 8 3.26 16.47 -29.26
CA GLY H 8 4.54 17.15 -29.39
C GLY H 8 4.97 17.46 -30.81
N GLY H 9 4.33 16.82 -31.79
CA GLY H 9 4.65 17.07 -33.19
C GLY H 9 4.39 18.51 -33.62
N GLY H 10 4.88 18.88 -34.80
CA GLY H 10 4.67 20.23 -35.30
C GLY H 10 5.49 20.53 -36.53
N LEU H 11 5.69 21.81 -36.81
CA LEU H 11 6.55 22.21 -37.91
C LEU H 11 7.81 22.86 -37.37
N VAL H 12 8.95 22.45 -37.93
CA VAL H 12 10.24 23.00 -37.52
C VAL H 12 11.16 23.10 -38.71
N GLN H 13 12.15 23.99 -38.60
CA GLN H 13 13.16 24.18 -39.64
C GLN H 13 14.18 23.05 -39.55
N PRO H 14 14.71 22.63 -40.71
CA PRO H 14 15.82 21.66 -40.69
C PRO H 14 16.88 22.10 -39.70
N GLY H 15 17.42 21.16 -38.94
CA GLY H 15 18.41 21.47 -37.92
C GLY H 15 17.79 21.76 -36.56
N GLY H 16 16.51 22.08 -36.56
CA GLY H 16 15.80 22.37 -35.32
C GLY H 16 15.57 21.12 -34.50
N SER H 17 14.77 21.24 -33.44
CA SER H 17 14.47 20.08 -32.61
C SER H 17 13.04 20.08 -32.11
N LEU H 18 12.56 18.90 -31.74
CA LEU H 18 11.22 18.72 -31.18
C LEU H 18 11.24 17.57 -30.17
N ARG H 19 10.38 17.65 -29.17
CA ARG H 19 10.22 16.53 -28.25
C ARG H 19 8.80 15.95 -28.30
N LEU H 20 8.71 14.67 -28.64
CA LEU H 20 7.44 13.98 -28.64
C LEU H 20 7.19 13.29 -27.31
N SER H 21 5.92 13.20 -26.97
CA SER H 21 5.51 12.54 -25.75
C SER H 21 4.42 11.52 -26.07
N CYS H 22 4.34 10.48 -25.25
CA CYS H 22 3.30 9.47 -25.42
C CYS H 22 2.75 9.12 -24.04
N ALA H 23 1.48 9.46 -23.81
CA ALA H 23 0.81 9.13 -22.56
C ALA H 23 0.12 7.78 -22.68
N ALA H 24 0.56 6.81 -21.89
CA ALA H 24 0.03 5.45 -21.97
C ALA H 24 -0.96 5.13 -20.85
N SER H 25 -1.98 4.33 -21.17
CA SER H 25 -2.90 3.84 -20.14
C SER H 25 -3.54 2.54 -20.61
N GLY H 26 -4.22 1.86 -19.69
CA GLY H 26 -4.94 0.65 -20.03
C GLY H 26 -4.12 -0.61 -19.91
N PHE H 27 -2.85 -0.45 -19.52
CA PHE H 27 -1.96 -1.58 -19.27
C PHE H 27 -0.90 -1.14 -18.25
N THR H 28 -0.11 -2.10 -17.76
CA THR H 28 0.94 -1.79 -16.79
C THR H 28 2.20 -1.33 -17.52
N PHE H 29 2.29 -0.02 -17.70
CA PHE H 29 3.36 0.59 -18.47
C PHE H 29 4.75 0.17 -17.98
N GLU H 30 4.92 0.07 -16.67
CA GLU H 30 6.23 -0.22 -16.12
C GLU H 30 6.69 -1.66 -16.40
N GLU H 31 5.84 -2.47 -17.03
CA GLU H 31 6.21 -3.85 -17.34
C GLU H 31 6.68 -4.02 -18.76
N TYR H 32 6.51 -2.98 -19.58
CA TYR H 32 6.68 -3.09 -21.02
C TYR H 32 7.83 -2.26 -21.60
N ALA H 33 8.64 -2.90 -22.44
CA ALA H 33 9.47 -2.16 -23.37
C ALA H 33 8.51 -1.35 -24.25
N MET H 34 8.95 -0.20 -24.72
CA MET H 34 8.08 0.64 -25.56
C MET H 34 8.84 1.07 -26.79
N LEU H 35 8.10 1.39 -27.85
CA LEU H 35 8.72 1.67 -29.13
C LEU H 35 8.26 3.01 -29.68
N TRP H 36 9.08 3.60 -30.54
CA TRP H 36 8.62 4.66 -31.45
C TRP H 36 8.79 4.16 -32.88
N VAL H 37 7.75 4.41 -33.68
CA VAL H 37 7.78 4.03 -35.08
C VAL H 37 7.24 5.22 -35.87
N ARG H 38 7.54 5.27 -37.17
CA ARG H 38 7.08 6.40 -37.96
C ARG H 38 6.68 6.02 -39.37
N GLN H 39 5.86 6.88 -39.97
CA GLN H 39 5.44 6.70 -41.35
C GLN H 39 5.61 8.00 -42.13
N ALA H 40 6.61 8.03 -43.00
CA ALA H 40 6.85 9.14 -43.89
C ALA H 40 5.90 9.07 -45.08
N PRO H 41 5.67 10.21 -45.74
CA PRO H 41 4.83 10.29 -46.94
C PRO H 41 5.26 9.23 -47.97
N GLY H 42 4.30 8.44 -48.45
CA GLY H 42 4.56 7.47 -49.49
C GLY H 42 5.27 6.19 -49.07
N LYS H 43 5.57 6.05 -47.78
CA LYS H 43 6.26 4.84 -47.31
C LYS H 43 5.49 4.11 -46.22
N GLY H 44 5.99 2.95 -45.83
CA GLY H 44 5.39 2.18 -44.75
C GLY H 44 6.06 2.47 -43.41
N LEU H 45 5.53 1.86 -42.35
CA LEU H 45 6.06 2.03 -41.00
C LEU H 45 7.55 1.69 -40.89
N GLU H 46 8.33 2.64 -40.38
CA GLU H 46 9.75 2.44 -40.13
C GLU H 46 9.96 2.47 -38.61
N TRP H 47 10.56 1.42 -38.07
CA TRP H 47 10.89 1.37 -36.65
C TRP H 47 11.97 2.39 -36.40
N VAL H 48 11.82 3.18 -35.34
CA VAL H 48 12.72 4.29 -35.05
C VAL H 48 13.59 4.07 -33.83
N SER H 49 12.96 3.69 -32.72
CA SER H 49 13.67 3.53 -31.46
C SER H 49 12.88 2.67 -30.48
N GLY H 50 13.56 2.13 -29.48
CA GLY H 50 12.91 1.35 -28.46
C GLY H 50 13.66 1.41 -27.13
N ILE H 51 12.94 1.14 -26.04
CA ILE H 51 13.53 1.22 -24.71
C ILE H 51 12.94 0.14 -23.80
N ASN H 52 13.76 -0.42 -22.92
CA ASN H 52 13.27 -1.44 -22.00
C ASN H 52 12.42 -0.79 -20.91
N ALA H 53 11.64 -1.61 -20.23
CA ALA H 53 10.81 -1.17 -19.11
C ALA H 53 11.59 -0.33 -18.10
N ARG H 54 12.79 -0.81 -17.73
CA ARG H 54 13.59 -0.15 -16.73
C ARG H 54 14.30 1.11 -17.22
N GLY H 55 14.25 1.36 -18.52
CA GLY H 55 14.66 2.63 -19.07
C GLY H 55 16.14 2.85 -19.37
N TYR H 56 16.98 1.86 -19.06
CA TYR H 56 18.43 2.07 -19.23
C TYR H 56 19.05 1.31 -20.40
N THR H 57 18.22 0.57 -21.13
CA THR H 57 18.66 -0.06 -22.37
C THR H 57 17.83 0.47 -23.55
N THR H 58 18.51 1.10 -24.50
CA THR H 58 17.86 1.71 -25.65
C THR H 58 18.38 1.19 -26.98
N TYR H 59 17.54 1.29 -28.01
CA TYR H 59 17.87 0.86 -29.37
C TYR H 59 17.45 1.93 -30.37
N TYR H 60 18.19 2.07 -31.46
CA TYR H 60 17.91 3.10 -32.46
C TYR H 60 18.15 2.58 -33.88
N ALA H 61 17.33 3.07 -34.81
CA ALA H 61 17.56 2.85 -36.23
C ALA H 61 18.82 3.61 -36.62
N ASP H 62 19.60 3.06 -37.54
CA ASP H 62 20.80 3.76 -37.99
C ASP H 62 20.49 5.18 -38.47
N SER H 63 19.30 5.37 -39.03
CA SER H 63 18.95 6.67 -39.61
C SER H 63 18.83 7.81 -38.60
N VAL H 64 18.60 7.48 -37.33
CA VAL H 64 18.39 8.51 -36.32
C VAL H 64 19.42 8.45 -35.19
N LYS H 65 20.26 7.43 -35.21
CA LYS H 65 21.28 7.23 -34.18
C LYS H 65 22.14 8.48 -33.98
N GLY H 66 22.20 8.97 -32.74
CA GLY H 66 22.98 10.15 -32.42
C GLY H 66 22.20 11.46 -32.48
N ARG H 67 21.00 11.42 -33.03
CA ARG H 67 20.18 12.61 -33.18
C ARG H 67 18.94 12.54 -32.29
N PHE H 68 18.38 11.34 -32.17
CA PHE H 68 17.19 11.08 -31.36
C PHE H 68 17.58 10.41 -30.04
N THR H 69 16.85 10.72 -28.99
CA THR H 69 17.04 10.06 -27.72
C THR H 69 15.69 9.65 -27.14
N ILE H 70 15.53 8.36 -26.90
CA ILE H 70 14.31 7.86 -26.28
C ILE H 70 14.52 7.82 -24.77
N SER H 71 13.47 8.14 -24.02
CA SER H 71 13.52 8.03 -22.56
C SER H 71 12.11 7.80 -22.05
N ARG H 72 11.97 7.51 -20.76
CA ARG H 72 10.64 7.22 -20.22
C ARG H 72 10.56 7.59 -18.77
N ASP H 73 9.37 8.00 -18.36
CA ASP H 73 9.10 8.30 -16.97
C ASP H 73 7.93 7.44 -16.54
N ASN H 74 8.24 6.30 -15.94
CA ASN H 74 7.23 5.33 -15.58
C ASN H 74 6.23 5.90 -14.59
N SER H 75 6.70 6.70 -13.66
CA SER H 75 5.82 7.32 -12.68
C SER H 75 4.78 8.20 -13.37
N LYS H 76 5.06 8.62 -14.60
CA LYS H 76 4.09 9.43 -15.35
C LYS H 76 3.40 8.67 -16.48
N ASN H 77 3.67 7.36 -16.58
CA ASN H 77 3.17 6.57 -17.70
C ASN H 77 3.45 7.22 -19.06
N THR H 78 4.65 7.76 -19.20
CA THR H 78 5.00 8.56 -20.38
C THR H 78 6.31 8.12 -21.02
N LEU H 79 6.26 8.01 -22.34
CA LEU H 79 7.43 7.77 -23.18
C LEU H 79 7.76 9.05 -23.94
N TYR H 80 9.05 9.30 -24.18
CA TYR H 80 9.49 10.51 -24.87
C TYR H 80 10.43 10.19 -26.01
N LEU H 81 10.45 11.07 -27.01
CA LEU H 81 11.47 11.01 -28.05
C LEU H 81 11.99 12.42 -28.28
N GLN H 82 13.22 12.66 -27.84
CA GLN H 82 13.88 13.94 -28.07
C GLN H 82 14.53 13.87 -29.43
N MET H 83 14.12 14.74 -30.33
CA MET H 83 14.64 14.72 -31.69
C MET H 83 15.41 16.00 -31.99
N ASN H 84 16.72 15.87 -32.20
CA ASN H 84 17.56 17.03 -32.51
C ASN H 84 18.11 16.90 -33.92
N SER H 85 18.71 17.97 -34.43
CA SER H 85 19.31 17.97 -35.76
C SER H 85 18.38 17.38 -36.82
N LEU H 86 17.10 17.71 -36.73
CA LEU H 86 16.08 17.14 -37.60
C LEU H 86 16.39 17.38 -39.06
N ARG H 87 16.07 16.38 -39.88
CA ARG H 87 16.29 16.45 -41.31
C ARG H 87 14.95 16.40 -42.03
N THR H 88 14.92 16.97 -43.23
CA THR H 88 13.74 16.95 -44.07
C THR H 88 13.11 15.57 -44.08
N GLU H 89 13.92 14.54 -44.24
CA GLU H 89 13.41 13.18 -44.32
C GLU H 89 12.90 12.57 -43.00
N ASP H 90 12.92 13.35 -41.91
CA ASP H 90 12.31 12.90 -40.65
C ASP H 90 10.83 13.28 -40.63
N THR H 91 10.39 13.97 -41.67
CA THR H 91 8.98 14.32 -41.80
C THR H 91 8.15 13.05 -41.84
N ALA H 92 7.10 12.99 -41.03
CA ALA H 92 6.32 11.76 -40.90
C ALA H 92 5.27 11.86 -39.80
N VAL H 93 4.38 10.89 -39.75
CA VAL H 93 3.57 10.74 -38.55
C VAL H 93 4.30 9.80 -37.60
N TYR H 94 4.43 10.21 -36.35
CA TYR H 94 5.15 9.42 -35.36
C TYR H 94 4.19 8.73 -34.41
N TYR H 95 4.39 7.42 -34.19
CA TYR H 95 3.52 6.65 -33.31
C TYR H 95 4.28 6.05 -32.14
N CYS H 96 3.62 6.04 -31.00
CA CYS H 96 4.01 5.29 -29.81
C CYS H 96 3.48 3.86 -29.98
N ALA H 97 4.27 2.84 -29.65
CA ALA H 97 3.85 1.45 -29.81
C ALA H 97 4.13 0.56 -28.59
N LYS H 98 3.10 -0.16 -28.13
CA LYS H 98 3.25 -1.16 -27.08
C LYS H 98 3.41 -2.52 -27.74
N PRO H 99 4.56 -3.17 -27.51
CA PRO H 99 4.80 -4.48 -28.12
C PRO H 99 3.94 -5.54 -27.44
N TRP H 100 3.47 -6.54 -28.20
CA TRP H 100 2.81 -7.67 -27.56
C TRP H 100 3.76 -8.43 -26.63
N TYR H 101 5.03 -8.49 -26.98
CA TYR H 101 6.00 -9.17 -26.12
C TYR H 101 6.70 -8.15 -25.22
N PRO H 102 6.53 -8.29 -23.89
CA PRO H 102 6.97 -7.26 -22.94
C PRO H 102 8.45 -6.87 -23.05
N PHE H 103 9.31 -7.74 -23.54
CA PHE H 103 10.74 -7.45 -23.56
C PHE H 103 11.25 -6.99 -24.92
N MET H 104 10.35 -6.93 -25.90
CA MET H 104 10.72 -6.58 -27.27
C MET H 104 10.91 -5.07 -27.45
N ALA H 105 12.16 -4.61 -27.43
CA ALA H 105 12.45 -3.18 -27.53
C ALA H 105 13.16 -2.78 -28.81
N SER H 106 13.47 -3.76 -29.65
CA SER H 106 14.38 -3.50 -30.76
C SER H 106 13.71 -3.59 -32.13
N LYS H 107 12.42 -3.89 -32.15
CA LYS H 107 11.68 -4.02 -33.40
C LYS H 107 10.19 -4.07 -33.16
N GLY H 108 9.40 -3.71 -34.17
CA GLY H 108 7.95 -3.71 -34.05
C GLY H 108 7.35 -4.99 -34.57
N SER H 109 6.05 -5.14 -34.40
CA SER H 109 5.34 -6.30 -34.92
C SER H 109 3.94 -5.89 -35.29
N GLU H 110 3.32 -6.65 -36.17
CA GLU H 110 1.97 -6.37 -36.62
C GLU H 110 0.97 -6.57 -35.49
N PHE H 111 1.39 -7.21 -34.40
CA PHE H 111 0.48 -7.46 -33.29
C PHE H 111 0.52 -6.40 -32.21
N ASP H 112 1.38 -5.39 -32.40
CA ASP H 112 1.53 -4.31 -31.43
C ASP H 112 0.36 -3.32 -31.47
N TYR H 113 0.16 -2.61 -30.37
CA TYR H 113 -0.76 -1.48 -30.34
C TYR H 113 0.00 -0.21 -30.59
N TRP H 114 -0.62 0.71 -31.31
CA TRP H 114 -0.05 2.03 -31.50
C TRP H 114 -1.14 3.10 -31.40
N GLY H 115 -0.74 4.33 -31.09
CA GLY H 115 -1.69 5.42 -30.98
C GLY H 115 -2.11 5.95 -32.34
N GLN H 116 -2.83 7.07 -32.34
CA GLN H 116 -3.25 7.70 -33.58
C GLN H 116 -2.13 8.52 -34.22
N GLY H 117 -1.08 8.78 -33.44
CA GLY H 117 0.11 9.43 -33.96
C GLY H 117 0.14 10.94 -33.75
N THR H 118 1.30 11.52 -34.04
CA THR H 118 1.47 12.96 -33.99
C THR H 118 2.26 13.39 -35.22
N LEU H 119 1.80 14.45 -35.88
CA LEU H 119 2.37 14.86 -37.17
C LEU H 119 3.62 15.75 -37.03
N VAL H 120 4.72 15.29 -37.62
CA VAL H 120 5.99 16.02 -37.58
C VAL H 120 6.40 16.52 -38.97
N THR H 121 6.56 17.84 -39.10
CA THR H 121 6.89 18.46 -40.39
C THR H 121 8.18 19.27 -40.30
N VAL H 122 9.20 18.83 -41.04
CA VAL H 122 10.50 19.50 -41.03
C VAL H 122 10.75 20.18 -42.38
N SER H 123 10.75 21.51 -42.38
CA SER H 123 10.99 22.24 -43.62
C SER H 123 11.28 23.70 -43.36
N SER H 124 11.99 24.33 -44.29
CA SER H 124 12.32 25.74 -44.17
C SER H 124 11.15 26.63 -44.61
N ALA H 125 9.93 26.15 -44.41
CA ALA H 125 8.73 26.89 -44.76
C ALA H 125 7.90 27.24 -43.53
N GLU I 1 53.45 8.77 -10.24
CA GLU I 1 54.46 7.94 -9.61
C GLU I 1 53.95 7.20 -8.37
N VAL I 2 52.89 7.71 -7.74
CA VAL I 2 52.29 6.98 -6.61
C VAL I 2 51.69 5.67 -7.09
N GLN I 3 52.09 4.58 -6.44
CA GLN I 3 51.56 3.27 -6.74
C GLN I 3 51.19 2.55 -5.45
N LEU I 4 50.04 1.89 -5.47
CA LEU I 4 49.60 1.06 -4.36
C LEU I 4 49.23 -0.30 -4.93
N LEU I 5 49.88 -1.35 -4.45
CA LEU I 5 49.66 -2.68 -5.03
C LEU I 5 49.14 -3.67 -4.00
N GLU I 6 47.87 -4.00 -4.08
CA GLU I 6 47.26 -4.95 -3.14
C GLU I 6 47.55 -6.36 -3.60
N SER I 7 47.67 -7.27 -2.64
CA SER I 7 47.78 -8.70 -2.89
C SER I 7 47.33 -9.47 -1.65
N GLY I 8 47.20 -10.78 -1.78
CA GLY I 8 46.86 -11.62 -0.65
C GLY I 8 45.45 -12.14 -0.72
N GLY I 9 44.72 -11.73 -1.76
CA GLY I 9 43.37 -12.19 -1.97
C GLY I 9 43.32 -13.66 -2.34
N GLY I 10 42.19 -14.28 -2.05
CA GLY I 10 41.98 -15.68 -2.38
C GLY I 10 40.60 -16.13 -1.97
N LEU I 11 40.42 -17.45 -1.86
CA LEU I 11 39.12 -18.03 -1.52
C LEU I 11 39.26 -18.85 -0.25
N VAL I 12 38.37 -18.58 0.70
CA VAL I 12 38.47 -19.16 2.04
C VAL I 12 37.07 -19.55 2.53
N GLN I 13 37.01 -20.41 3.55
CA GLN I 13 35.74 -20.83 4.14
C GLN I 13 35.31 -19.90 5.27
N PRO I 14 34.00 -19.83 5.55
CA PRO I 14 33.52 -19.07 6.71
C PRO I 14 34.27 -19.48 7.98
N GLY I 15 34.80 -18.50 8.72
CA GLY I 15 35.65 -18.80 9.86
C GLY I 15 37.13 -18.84 9.53
N GLY I 16 37.45 -18.80 8.24
CA GLY I 16 38.84 -18.80 7.80
C GLY I 16 39.52 -17.45 7.97
N SER I 17 40.68 -17.29 7.35
CA SER I 17 41.46 -16.06 7.53
C SER I 17 42.43 -15.80 6.38
N LEU I 18 42.73 -14.53 6.17
CA LEU I 18 43.63 -14.08 5.11
C LEU I 18 44.38 -12.87 5.59
N ARG I 19 45.60 -12.73 5.12
CA ARG I 19 46.38 -11.54 5.40
C ARG I 19 46.56 -10.77 4.10
N LEU I 20 46.02 -9.55 4.03
CA LEU I 20 46.20 -8.76 2.81
C LEU I 20 47.40 -7.84 2.98
N SER I 21 48.08 -7.54 1.90
CA SER I 21 49.11 -6.52 1.96
C SER I 21 48.98 -5.49 0.84
N CYS I 22 49.61 -4.34 1.05
CA CYS I 22 49.59 -3.26 0.09
C CYS I 22 50.96 -2.63 0.02
N ALA I 23 51.64 -2.78 -1.12
CA ALA I 23 52.98 -2.25 -1.30
C ALA I 23 52.89 -0.86 -1.88
N ALA I 24 53.42 0.11 -1.16
CA ALA I 24 53.30 1.52 -1.55
C ALA I 24 54.63 2.02 -2.12
N SER I 25 54.54 2.97 -3.04
CA SER I 25 55.72 3.65 -3.56
C SER I 25 55.33 4.99 -4.18
N GLY I 26 56.32 5.86 -4.33
CA GLY I 26 56.11 7.13 -5.02
C GLY I 26 55.71 8.27 -4.09
N PHE I 27 55.70 7.99 -2.79
CA PHE I 27 55.45 9.02 -1.80
C PHE I 27 56.05 8.61 -0.47
N THR I 28 56.03 9.52 0.49
CA THR I 28 56.64 9.27 1.80
C THR I 28 55.66 8.53 2.69
N PHE I 29 55.63 7.22 2.50
CA PHE I 29 54.71 6.31 3.18
C PHE I 29 54.62 6.59 4.67
N GLU I 30 55.77 6.66 5.33
CA GLU I 30 55.80 6.79 6.78
C GLU I 30 55.20 8.10 7.29
N GLU I 31 54.92 9.02 6.38
CA GLU I 31 54.31 10.29 6.79
C GLU I 31 52.78 10.30 6.71
N TYR I 32 52.22 9.31 6.02
CA TYR I 32 50.76 9.27 5.79
C TYR I 32 50.02 8.18 6.54
N ALA I 33 48.88 8.54 7.11
CA ALA I 33 47.89 7.56 7.52
C ALA I 33 47.48 6.77 6.27
N MET I 34 47.02 5.54 6.45
CA MET I 34 46.62 4.71 5.33
C MET I 34 45.30 4.01 5.62
N LEU I 35 44.56 3.65 4.56
CA LEU I 35 43.21 3.15 4.72
C LEU I 35 42.97 1.86 3.92
N TRP I 36 42.05 1.03 4.40
CA TRP I 36 41.51 -0.05 3.59
C TRP I 36 40.03 0.21 3.35
N VAL I 37 39.59 -0.01 2.12
CA VAL I 37 38.17 0.01 1.79
C VAL I 37 37.87 -1.24 0.97
N ARG I 38 36.60 -1.56 0.81
CA ARG I 38 36.22 -2.73 0.02
C ARG I 38 34.93 -2.48 -0.74
N GLN I 39 34.67 -3.35 -1.73
CA GLN I 39 33.44 -3.28 -2.49
C GLN I 39 32.95 -4.69 -2.76
N ALA I 40 31.84 -5.06 -2.12
CA ALA I 40 31.25 -6.38 -2.37
C ALA I 40 30.68 -6.40 -3.79
N PRO I 41 30.61 -7.59 -4.40
CA PRO I 41 30.09 -7.75 -5.77
C PRO I 41 28.80 -6.98 -5.98
N GLY I 42 28.79 -6.09 -6.96
CA GLY I 42 27.57 -5.38 -7.30
C GLY I 42 27.10 -4.37 -6.28
N LYS I 43 27.97 -3.99 -5.34
CA LYS I 43 27.61 -2.98 -4.36
C LYS I 43 28.55 -1.77 -4.49
N GLY I 44 28.71 -1.01 -3.41
CA GLY I 44 29.52 0.20 -3.48
C GLY I 44 30.64 0.21 -2.46
N LEU I 45 31.30 1.35 -2.33
CA LEU I 45 32.48 1.48 -1.49
C LEU I 45 32.08 1.47 -0.02
N GLU I 46 32.76 0.65 0.78
CA GLU I 46 32.60 0.65 2.22
C GLU I 46 33.96 0.81 2.87
N TRP I 47 34.12 1.80 3.75
CA TRP I 47 35.38 2.00 4.45
C TRP I 47 35.57 0.87 5.47
N VAL I 48 36.78 0.32 5.55
CA VAL I 48 37.01 -0.85 6.40
C VAL I 48 37.86 -0.52 7.62
N SER I 49 38.98 0.17 7.40
CA SER I 49 39.93 0.37 8.48
C SER I 49 40.96 1.42 8.10
N GLY I 50 41.55 2.05 9.11
CA GLY I 50 42.62 3.00 8.88
C GLY I 50 43.61 2.98 10.03
N ILE I 51 44.79 3.54 9.78
CA ILE I 51 45.85 3.55 10.77
C ILE I 51 46.68 4.82 10.61
N ASN I 52 47.14 5.39 11.72
CA ASN I 52 47.95 6.59 11.63
C ASN I 52 49.33 6.31 11.03
N ALA I 53 50.04 7.38 10.69
CA ALA I 53 51.34 7.30 10.04
C ALA I 53 52.35 6.44 10.80
N ARG I 54 52.39 6.60 12.12
CA ARG I 54 53.39 5.90 12.93
C ARG I 54 52.92 4.52 13.35
N GLY I 55 51.69 4.18 12.96
CA GLY I 55 51.21 2.81 13.05
C GLY I 55 50.78 2.25 14.40
N TYR I 56 50.40 3.11 15.34
CA TYR I 56 49.98 2.63 16.66
C TYR I 56 48.55 3.04 17.02
N THR I 57 47.91 3.80 16.14
CA THR I 57 46.51 4.18 16.36
C THR I 57 45.66 3.62 15.22
N THR I 58 44.70 2.76 15.55
CA THR I 58 43.91 2.06 14.54
C THR I 58 42.40 2.35 14.64
N TYR I 59 41.76 2.34 13.47
CA TYR I 59 40.31 2.57 13.35
C TYR I 59 39.66 1.43 12.56
N TYR I 60 38.42 1.09 12.94
CA TYR I 60 37.68 0.00 12.30
C TYR I 60 36.21 0.29 12.09
N ALA I 61 35.65 -0.24 11.00
CA ALA I 61 34.21 -0.22 10.82
C ALA I 61 33.61 -1.19 11.83
N ASP I 62 32.44 -0.85 12.33
CA ASP I 62 31.78 -1.68 13.35
C ASP I 62 31.60 -3.12 12.86
N SER I 63 31.39 -3.30 11.57
CA SER I 63 31.16 -4.64 11.02
C SER I 63 32.40 -5.53 11.09
N VAL I 64 33.58 -4.95 11.30
CA VAL I 64 34.78 -5.77 11.34
C VAL I 64 35.56 -5.72 12.65
N LYS I 65 35.12 -4.88 13.60
CA LYS I 65 35.83 -4.79 14.88
C LYS I 65 35.97 -6.16 15.55
N GLY I 66 37.17 -6.43 16.07
CA GLY I 66 37.45 -7.69 16.74
C GLY I 66 37.92 -8.81 15.83
N ARG I 67 37.62 -8.70 14.54
CA ARG I 67 37.98 -9.75 13.57
C ARG I 67 39.12 -9.32 12.64
N PHE I 68 39.19 -8.03 12.32
CA PHE I 68 40.22 -7.48 11.43
C PHE I 68 41.28 -6.68 12.22
N THR I 69 42.54 -6.76 11.78
CA THR I 69 43.60 -5.97 12.38
C THR I 69 44.46 -5.31 11.30
N ILE I 70 44.55 -3.99 11.35
CA ILE I 70 45.36 -3.25 10.41
C ILE I 70 46.71 -2.94 11.04
N SER I 71 47.77 -2.98 10.24
CA SER I 71 49.10 -2.68 10.71
C SER I 71 49.95 -2.26 9.53
N ARG I 72 51.16 -1.79 9.81
CA ARG I 72 52.05 -1.32 8.75
C ARG I 72 53.51 -1.57 9.09
N ASP I 73 54.33 -1.71 8.07
CA ASP I 73 55.78 -1.81 8.24
C ASP I 73 56.41 -0.69 7.41
N ASN I 74 56.73 0.41 8.07
CA ASN I 74 57.26 1.56 7.33
C ASN I 74 58.60 1.29 6.64
N SER I 75 59.40 0.39 7.21
CA SER I 75 60.72 0.08 6.64
C SER I 75 60.57 -0.65 5.30
N LYS I 76 59.39 -1.22 5.09
CA LYS I 76 59.12 -1.96 3.87
C LYS I 76 58.06 -1.24 3.02
N ASN I 77 57.59 -0.10 3.49
CA ASN I 77 56.52 0.64 2.81
C ASN I 77 55.33 -0.26 2.45
N THR I 78 54.85 -1.01 3.43
CA THR I 78 53.76 -1.94 3.22
C THR I 78 52.70 -1.79 4.31
N LEU I 79 51.45 -1.93 3.89
CA LEU I 79 50.29 -1.87 4.77
C LEU I 79 49.67 -3.26 4.81
N TYR I 80 49.19 -3.69 5.97
CA TYR I 80 48.59 -5.02 6.12
C TYR I 80 47.18 -4.94 6.63
N LEU I 81 46.38 -5.94 6.27
CA LEU I 81 45.09 -6.17 6.88
C LEU I 81 44.96 -7.66 7.21
N GLN I 82 44.97 -7.97 8.50
CA GLN I 82 44.82 -9.35 8.95
C GLN I 82 43.35 -9.61 9.19
N MET I 83 42.78 -10.53 8.42
CA MET I 83 41.35 -10.79 8.51
C MET I 83 41.10 -12.17 9.10
N ASN I 84 40.63 -12.22 10.35
CA ASN I 84 40.26 -13.46 10.99
C ASN I 84 38.74 -13.65 11.07
N SER I 85 38.30 -14.87 11.39
CA SER I 85 36.88 -15.17 11.57
C SER I 85 36.05 -14.64 10.41
N LEU I 86 36.47 -14.96 9.18
CA LEU I 86 35.86 -14.40 7.99
C LEU I 86 34.42 -14.84 7.79
N ARG I 87 33.60 -13.92 7.30
CA ARG I 87 32.19 -14.21 7.02
C ARG I 87 31.88 -14.05 5.53
N THR I 88 30.80 -14.70 5.08
CA THR I 88 30.40 -14.63 3.67
C THR I 88 30.30 -13.19 3.19
N GLU I 89 29.73 -12.31 4.00
CA GLU I 89 29.49 -10.93 3.57
C GLU I 89 30.77 -10.09 3.60
N ASP I 90 31.87 -10.70 4.01
CA ASP I 90 33.18 -10.07 3.88
C ASP I 90 33.68 -10.24 2.45
N THR I 91 32.96 -11.02 1.66
CA THR I 91 33.33 -11.19 0.26
C THR I 91 33.35 -9.83 -0.44
N ALA I 92 34.48 -9.48 -1.06
CA ALA I 92 34.64 -8.17 -1.67
C ALA I 92 35.98 -8.05 -2.35
N VAL I 93 36.13 -7.03 -3.20
CA VAL I 93 37.44 -6.57 -3.61
C VAL I 93 37.90 -5.59 -2.55
N TYR I 94 39.12 -5.78 -2.05
CA TYR I 94 39.72 -4.92 -1.02
C TYR I 94 40.74 -3.98 -1.64
N TYR I 95 40.64 -2.71 -1.30
CA TYR I 95 41.51 -1.69 -1.88
C TYR I 95 42.30 -0.96 -0.80
N CYS I 96 43.59 -0.76 -1.07
CA CYS I 96 44.47 0.04 -0.22
C CYS I 96 44.35 1.47 -0.72
N ALA I 97 44.30 2.47 0.18
CA ALA I 97 44.24 3.88 -0.26
C ALA I 97 45.07 4.87 0.55
N LYS I 98 45.66 5.83 -0.15
CA LYS I 98 46.38 6.94 0.48
C LYS I 98 45.52 8.20 0.54
N PRO I 99 45.36 8.78 1.75
CA PRO I 99 44.53 9.98 1.85
C PRO I 99 45.24 11.22 1.32
N TRP I 100 44.47 12.23 0.95
CA TRP I 100 45.03 13.51 0.50
C TRP I 100 45.74 14.20 1.66
N TYR I 101 45.15 14.11 2.84
CA TYR I 101 45.76 14.67 4.04
C TYR I 101 46.37 13.57 4.90
N PRO I 102 47.65 13.76 5.32
CA PRO I 102 48.44 12.71 5.98
C PRO I 102 47.84 12.22 7.28
N PHE I 103 46.97 13.01 7.89
CA PHE I 103 46.44 12.66 9.20
C PHE I 103 45.11 11.92 9.17
N MET I 104 44.50 11.83 7.98
CA MET I 104 43.16 11.26 7.87
C MET I 104 43.14 9.74 7.77
N ALA I 105 42.58 9.10 8.78
CA ALA I 105 42.55 7.64 8.85
C ALA I 105 41.13 7.07 8.88
N SER I 106 40.15 7.89 9.23
CA SER I 106 38.81 7.36 9.46
C SER I 106 37.88 7.40 8.23
N LYS I 107 36.70 6.82 8.39
CA LYS I 107 35.69 6.79 7.33
C LYS I 107 35.41 8.19 6.78
N GLY I 108 35.41 8.33 5.46
CA GLY I 108 35.13 9.60 4.83
C GLY I 108 36.36 10.43 4.47
N SER I 109 37.53 9.95 4.88
CA SER I 109 38.79 10.60 4.53
C SER I 109 38.87 10.77 3.02
N GLU I 110 39.21 11.96 2.57
CA GLU I 110 39.36 12.19 1.14
C GLU I 110 40.54 11.38 0.59
N PHE I 111 40.29 10.53 -0.41
CA PHE I 111 41.36 9.76 -1.04
C PHE I 111 42.19 10.60 -1.99
N ASP I 112 43.43 10.18 -2.16
CA ASP I 112 44.35 10.73 -3.16
C ASP I 112 44.57 9.65 -4.22
N TYR I 113 45.00 8.46 -3.76
CA TYR I 113 45.27 7.32 -4.63
C TYR I 113 44.75 6.04 -3.98
N TRP I 114 44.38 5.07 -4.82
CA TRP I 114 43.98 3.75 -4.37
C TRP I 114 44.38 2.78 -5.45
N GLY I 115 44.57 1.51 -5.08
CA GLY I 115 44.99 0.51 -6.04
C GLY I 115 43.84 -0.14 -6.77
N GLN I 116 44.18 -1.12 -7.60
CA GLN I 116 43.20 -1.86 -8.39
C GLN I 116 42.53 -2.96 -7.54
N GLY I 117 43.11 -3.26 -6.38
CA GLY I 117 42.45 -4.13 -5.42
C GLY I 117 42.77 -5.61 -5.54
N THR I 118 42.40 -6.36 -4.51
CA THR I 118 42.59 -7.80 -4.50
C THR I 118 41.30 -8.46 -4.03
N LEU I 119 40.87 -9.51 -4.74
CA LEU I 119 39.59 -10.14 -4.45
C LEU I 119 39.65 -11.13 -3.29
N VAL I 120 38.76 -10.94 -2.32
CA VAL I 120 38.58 -11.87 -1.22
C VAL I 120 37.22 -12.55 -1.32
N THR I 121 37.22 -13.88 -1.45
CA THR I 121 35.96 -14.62 -1.47
C THR I 121 35.84 -15.57 -0.29
N VAL I 122 34.74 -15.43 0.45
CA VAL I 122 34.43 -16.31 1.56
C VAL I 122 33.17 -17.08 1.22
N SER I 123 33.30 -18.39 1.06
CA SER I 123 32.15 -19.25 0.78
C SER I 123 32.45 -20.70 1.09
N SER I 124 31.40 -21.50 1.26
CA SER I 124 31.55 -22.94 1.44
C SER I 124 31.04 -23.70 0.20
N GLU J 1 -39.16 -29.70 3.40
CA GLU J 1 -38.98 -28.26 3.56
C GLU J 1 -38.02 -27.70 2.51
N VAL J 2 -36.85 -28.34 2.36
CA VAL J 2 -35.87 -27.90 1.37
C VAL J 2 -36.50 -27.83 -0.02
N GLN J 3 -36.25 -26.73 -0.71
CA GLN J 3 -36.80 -26.50 -2.04
C GLN J 3 -35.73 -26.02 -2.99
N LEU J 4 -35.57 -26.75 -4.09
CA LEU J 4 -34.62 -26.37 -5.15
C LEU J 4 -35.36 -26.39 -6.49
N LEU J 5 -35.20 -25.34 -7.27
CA LEU J 5 -35.88 -25.26 -8.55
C LEU J 5 -34.97 -24.70 -9.64
N GLU J 6 -34.76 -25.51 -10.66
CA GLU J 6 -33.84 -25.23 -11.73
C GLU J 6 -34.56 -24.58 -12.91
N SER J 7 -33.87 -23.67 -13.60
CA SER J 7 -34.39 -23.09 -14.84
C SER J 7 -33.24 -22.68 -15.72
N GLY J 8 -33.56 -22.28 -16.96
CA GLY J 8 -32.58 -21.74 -17.86
C GLY J 8 -32.21 -22.70 -18.96
N GLY J 9 -32.82 -23.87 -18.96
CA GLY J 9 -32.56 -24.87 -19.96
C GLY J 9 -33.23 -24.58 -21.30
N GLY J 10 -32.82 -25.29 -22.34
CA GLY J 10 -33.36 -25.09 -23.67
C GLY J 10 -32.54 -25.79 -24.73
N LEU J 11 -32.85 -25.50 -25.99
CA LEU J 11 -32.19 -26.11 -27.13
C LEU J 11 -31.19 -25.13 -27.73
N VAL J 12 -29.98 -25.62 -27.99
CA VAL J 12 -28.90 -24.80 -28.53
C VAL J 12 -28.09 -25.64 -29.51
N GLN J 13 -27.39 -24.97 -30.41
CA GLN J 13 -26.47 -25.64 -31.32
C GLN J 13 -25.11 -25.80 -30.67
N PRO J 14 -24.33 -26.79 -31.11
CA PRO J 14 -22.95 -26.93 -30.64
C PRO J 14 -22.24 -25.59 -30.70
N GLY J 15 -21.39 -25.32 -29.71
CA GLY J 15 -20.66 -24.07 -29.64
C GLY J 15 -21.46 -22.97 -28.98
N GLY J 16 -22.75 -23.19 -28.81
CA GLY J 16 -23.61 -22.19 -28.20
C GLY J 16 -23.40 -22.09 -26.70
N SER J 17 -24.16 -21.21 -26.04
CA SER J 17 -24.04 -21.09 -24.59
C SER J 17 -25.41 -20.99 -23.92
N LEU J 18 -25.43 -21.21 -22.61
CA LEU J 18 -26.67 -21.18 -21.83
C LEU J 18 -26.30 -20.89 -20.38
N ARG J 19 -27.17 -20.20 -19.66
CA ARG J 19 -26.94 -19.97 -18.24
C ARG J 19 -28.07 -20.57 -17.41
N LEU J 20 -27.76 -21.59 -16.63
CA LEU J 20 -28.73 -22.21 -15.74
C LEU J 20 -28.80 -21.47 -14.42
N SER J 21 -29.98 -21.48 -13.80
CA SER J 21 -30.17 -20.93 -12.46
C SER J 21 -30.85 -21.96 -11.59
N CYS J 22 -30.62 -21.87 -10.27
CA CYS J 22 -31.25 -22.74 -9.29
C CYS J 22 -31.73 -21.93 -8.10
N ALA J 23 -33.03 -21.97 -7.85
CA ALA J 23 -33.64 -21.22 -6.76
C ALA J 23 -33.67 -22.07 -5.50
N ALA J 24 -33.11 -21.55 -4.42
CA ALA J 24 -33.00 -22.32 -3.19
C ALA J 24 -33.73 -21.66 -2.03
N SER J 25 -34.36 -22.49 -1.21
CA SER J 25 -35.00 -22.06 0.03
C SER J 25 -35.29 -23.26 0.94
N GLY J 26 -35.70 -22.99 2.17
CA GLY J 26 -36.10 -24.06 3.08
C GLY J 26 -34.94 -24.47 3.96
N PHE J 27 -33.77 -23.89 3.70
CA PHE J 27 -32.59 -24.11 4.52
C PHE J 27 -31.71 -22.87 4.42
N THR J 28 -30.63 -22.81 5.19
CA THR J 28 -29.73 -21.66 5.13
C THR J 28 -28.75 -21.77 3.97
N PHE J 29 -29.14 -21.22 2.83
CA PHE J 29 -28.39 -21.33 1.58
C PHE J 29 -26.91 -20.97 1.73
N GLU J 30 -26.65 -19.83 2.37
CA GLU J 30 -25.29 -19.29 2.48
C GLU J 30 -24.38 -20.12 3.37
N GLU J 31 -24.93 -21.11 4.05
CA GLU J 31 -24.13 -21.99 4.90
C GLU J 31 -23.71 -23.27 4.19
N TYR J 32 -24.22 -23.48 2.98
CA TYR J 32 -24.00 -24.76 2.31
C TYR J 32 -23.26 -24.64 0.99
N ALA J 33 -22.28 -25.52 0.80
CA ALA J 33 -21.76 -25.79 -0.52
C ALA J 33 -22.91 -26.28 -1.39
N MET J 34 -22.79 -26.12 -2.69
CA MET J 34 -23.86 -26.55 -3.60
C MET J 34 -23.28 -27.23 -4.83
N LEU J 35 -24.07 -28.15 -5.42
CA LEU J 35 -23.62 -28.94 -6.55
C LEU J 35 -24.52 -28.83 -7.78
N TRP J 36 -23.93 -29.05 -8.94
CA TRP J 36 -24.66 -29.33 -10.18
C TRP J 36 -24.33 -30.76 -10.62
N VAL J 37 -25.36 -31.52 -10.96
CA VAL J 37 -25.16 -32.83 -11.54
C VAL J 37 -26.05 -32.94 -12.77
N ARG J 38 -25.80 -33.96 -13.60
CA ARG J 38 -26.58 -34.11 -14.83
C ARG J 38 -26.83 -35.58 -15.17
N GLN J 39 -27.86 -35.82 -15.97
CA GLN J 39 -28.18 -37.16 -16.44
C GLN J 39 -28.63 -37.11 -17.89
N ALA J 40 -27.83 -37.69 -18.77
CA ALA J 40 -28.17 -37.76 -20.19
C ALA J 40 -29.26 -38.83 -20.39
N PRO J 41 -29.90 -38.83 -21.58
CA PRO J 41 -30.96 -39.78 -21.94
C PRO J 41 -30.85 -41.18 -21.31
N GLY J 42 -29.64 -41.72 -21.19
CA GLY J 42 -29.42 -42.95 -20.44
C GLY J 42 -28.39 -42.70 -19.34
N LYS J 43 -27.12 -42.68 -19.75
CA LYS J 43 -25.99 -42.20 -18.96
C LYS J 43 -25.86 -42.54 -17.46
N GLY J 44 -26.92 -42.31 -16.69
CA GLY J 44 -26.81 -42.36 -15.24
C GLY J 44 -26.36 -41.01 -14.69
N LEU J 45 -26.24 -40.90 -13.37
CA LEU J 45 -25.88 -39.62 -12.76
C LEU J 45 -24.41 -39.26 -13.03
N GLU J 46 -24.13 -38.01 -13.35
CA GLU J 46 -22.76 -37.51 -13.49
C GLU J 46 -22.56 -36.18 -12.76
N TRP J 47 -21.60 -36.12 -11.84
CA TRP J 47 -21.30 -34.88 -11.12
C TRP J 47 -20.65 -33.88 -12.07
N VAL J 48 -21.10 -32.63 -12.03
CA VAL J 48 -20.66 -31.63 -12.99
C VAL J 48 -19.77 -30.56 -12.37
N SER J 49 -20.24 -29.95 -11.29
CA SER J 49 -19.54 -28.83 -10.68
C SER J 49 -20.00 -28.64 -9.24
N GLY J 50 -19.17 -28.01 -8.42
CA GLY J 50 -19.52 -27.69 -7.06
C GLY J 50 -18.88 -26.39 -6.60
N ILE J 51 -19.52 -25.72 -5.65
CA ILE J 51 -19.00 -24.45 -5.15
C ILE J 51 -19.15 -24.41 -3.64
N ASN J 52 -18.15 -23.86 -2.95
CA ASN J 52 -18.24 -23.77 -1.49
C ASN J 52 -19.29 -22.76 -1.06
N ALA J 53 -19.65 -22.81 0.22
CA ALA J 53 -20.72 -22.00 0.79
C ALA J 53 -20.55 -20.51 0.50
N ARG J 54 -19.36 -19.97 0.73
CA ARG J 54 -19.16 -18.54 0.52
C ARG J 54 -18.84 -18.20 -0.92
N GLY J 55 -18.72 -19.22 -1.77
CA GLY J 55 -18.70 -19.03 -3.21
C GLY J 55 -17.38 -18.58 -3.82
N TYR J 56 -16.26 -18.93 -3.19
CA TYR J 56 -14.95 -18.52 -3.69
C TYR J 56 -14.05 -19.68 -4.09
N THR J 57 -14.49 -20.91 -3.82
CA THR J 57 -13.76 -22.09 -4.26
C THR J 57 -14.66 -22.95 -5.15
N THR J 58 -14.21 -23.24 -6.35
CA THR J 58 -15.03 -23.97 -7.32
C THR J 58 -14.41 -25.30 -7.75
N TYR J 59 -15.25 -26.27 -8.11
CA TYR J 59 -14.81 -27.58 -8.58
C TYR J 59 -15.54 -27.97 -9.85
N TYR J 60 -14.86 -28.66 -10.76
CA TYR J 60 -15.43 -29.05 -12.05
C TYR J 60 -15.03 -30.46 -12.46
N ALA J 61 -15.93 -31.14 -13.17
CA ALA J 61 -15.58 -32.40 -13.80
C ALA J 61 -14.62 -32.11 -14.96
N ASP J 62 -13.70 -33.03 -15.24
CA ASP J 62 -12.74 -32.82 -16.32
C ASP J 62 -13.44 -32.49 -17.64
N SER J 63 -14.56 -33.16 -17.89
CA SER J 63 -15.27 -33.02 -19.18
C SER J 63 -15.91 -31.64 -19.40
N VAL J 64 -15.93 -30.79 -18.39
CA VAL J 64 -16.48 -29.44 -18.55
C VAL J 64 -15.50 -28.33 -18.15
N LYS J 65 -14.33 -28.72 -17.67
CA LYS J 65 -13.33 -27.73 -17.27
C LYS J 65 -12.95 -26.82 -18.41
N GLY J 66 -13.00 -25.51 -18.17
CA GLY J 66 -12.61 -24.54 -19.16
C GLY J 66 -13.79 -24.01 -19.94
N ARG J 67 -14.93 -24.68 -19.81
CA ARG J 67 -16.13 -24.34 -20.57
C ARG J 67 -17.30 -23.91 -19.69
N PHE J 68 -17.42 -24.52 -18.51
CA PHE J 68 -18.50 -24.23 -17.58
C PHE J 68 -17.96 -23.41 -16.39
N THR J 69 -18.78 -22.51 -15.86
CA THR J 69 -18.43 -21.69 -14.72
C THR J 69 -19.54 -21.71 -13.69
N ILE J 70 -19.23 -22.13 -12.46
CA ILE J 70 -20.25 -22.17 -11.41
C ILE J 70 -20.09 -20.93 -10.53
N SER J 71 -21.21 -20.38 -10.06
CA SER J 71 -21.17 -19.24 -9.16
C SER J 71 -22.49 -19.20 -8.39
N ARG J 72 -22.56 -18.30 -7.43
CA ARG J 72 -23.77 -18.17 -6.64
C ARG J 72 -23.91 -16.74 -6.17
N ASP J 73 -25.12 -16.36 -5.81
CA ASP J 73 -25.38 -15.06 -5.22
C ASP J 73 -26.12 -15.29 -3.90
N ASN J 74 -25.39 -15.24 -2.80
CA ASN J 74 -25.99 -15.51 -1.50
C ASN J 74 -26.98 -14.46 -1.05
N SER J 75 -26.91 -13.27 -1.64
CA SER J 75 -27.90 -12.27 -1.30
C SER J 75 -29.24 -12.56 -1.98
N LYS J 76 -29.23 -13.45 -2.98
CA LYS J 76 -30.44 -13.78 -3.73
C LYS J 76 -30.87 -15.26 -3.64
N ASN J 77 -30.14 -16.05 -2.85
CA ASN J 77 -30.42 -17.49 -2.75
C ASN J 77 -30.47 -18.19 -4.11
N THR J 78 -29.50 -17.88 -4.96
CA THR J 78 -29.48 -18.43 -6.31
C THR J 78 -28.12 -19.03 -6.65
N LEU J 79 -28.17 -20.19 -7.29
CA LEU J 79 -26.99 -20.86 -7.81
C LEU J 79 -27.03 -20.77 -9.34
N TYR J 80 -25.86 -20.55 -9.94
CA TYR J 80 -25.79 -20.45 -11.40
C TYR J 80 -24.81 -21.47 -11.99
N LEU J 81 -25.07 -21.85 -13.24
CA LEU J 81 -24.11 -22.59 -14.03
C LEU J 81 -24.01 -21.96 -15.41
N GLN J 82 -22.89 -21.31 -15.69
CA GLN J 82 -22.70 -20.69 -17.01
C GLN J 82 -22.05 -21.73 -17.90
N MET J 83 -22.73 -22.06 -18.99
CA MET J 83 -22.27 -23.12 -19.88
C MET J 83 -21.89 -22.54 -21.23
N ASN J 84 -20.59 -22.56 -21.56
CA ASN J 84 -20.13 -22.03 -22.84
C ASN J 84 -19.58 -23.14 -23.75
N SER J 85 -19.38 -22.80 -25.03
CA SER J 85 -18.99 -23.77 -26.07
C SER J 85 -19.60 -25.15 -25.85
N LEU J 86 -20.93 -25.16 -25.76
CA LEU J 86 -21.68 -26.39 -25.52
C LEU J 86 -21.40 -27.44 -26.60
N ARG J 87 -21.34 -28.69 -26.18
CA ARG J 87 -21.07 -29.80 -27.09
C ARG J 87 -22.22 -30.81 -27.05
N THR J 88 -22.35 -31.62 -28.10
CA THR J 88 -23.48 -32.52 -28.18
C THR J 88 -23.55 -33.42 -26.94
N GLU J 89 -22.39 -33.85 -26.44
CA GLU J 89 -22.29 -34.71 -25.26
C GLU J 89 -22.79 -34.05 -23.98
N ASP J 90 -22.99 -32.73 -24.01
CA ASP J 90 -23.48 -31.98 -22.86
C ASP J 90 -25.01 -32.10 -22.70
N THR J 91 -25.69 -32.62 -23.71
CA THR J 91 -27.13 -32.81 -23.65
C THR J 91 -27.50 -33.65 -22.43
N ALA J 92 -28.39 -33.12 -21.59
CA ALA J 92 -28.78 -33.81 -20.38
C ALA J 92 -29.79 -32.99 -19.59
N VAL J 93 -30.41 -33.63 -18.60
CA VAL J 93 -31.16 -32.89 -17.60
C VAL J 93 -30.15 -32.46 -16.55
N TYR J 94 -30.12 -31.17 -16.24
CA TYR J 94 -29.21 -30.66 -15.22
C TYR J 94 -29.95 -30.47 -13.92
N TYR J 95 -29.32 -30.91 -12.82
CA TYR J 95 -29.93 -30.83 -11.50
C TYR J 95 -29.09 -30.02 -10.54
N CYS J 96 -29.77 -29.13 -9.81
CA CYS J 96 -29.20 -28.43 -8.69
C CYS J 96 -29.32 -29.35 -7.48
N ALA J 97 -28.28 -29.44 -6.67
CA ALA J 97 -28.30 -30.34 -5.52
C ALA J 97 -27.64 -29.78 -4.26
N LYS J 98 -28.28 -30.03 -3.11
CA LYS J 98 -27.76 -29.66 -1.80
C LYS J 98 -27.16 -30.87 -1.09
N PRO J 99 -25.89 -30.74 -0.67
CA PRO J 99 -25.15 -31.81 0.00
C PRO J 99 -25.65 -32.00 1.43
N TRP J 100 -25.52 -33.22 1.94
CA TRP J 100 -25.86 -33.52 3.32
C TRP J 100 -25.02 -32.70 4.27
N TYR J 101 -23.73 -32.55 3.95
CA TYR J 101 -22.81 -31.78 4.78
C TYR J 101 -22.39 -30.51 4.05
N PRO J 102 -22.33 -29.38 4.79
CA PRO J 102 -22.15 -28.04 4.26
C PRO J 102 -20.83 -27.81 3.52
N PHE J 103 -19.81 -28.62 3.81
CA PHE J 103 -18.49 -28.40 3.23
C PHE J 103 -18.23 -29.23 1.97
N MET J 104 -19.14 -30.14 1.63
CA MET J 104 -18.95 -31.06 0.51
C MET J 104 -19.32 -30.44 -0.84
N ALA J 105 -18.33 -30.08 -1.65
CA ALA J 105 -18.57 -29.48 -2.95
C ALA J 105 -18.02 -30.31 -4.12
N SER J 106 -17.28 -31.37 -3.82
CA SER J 106 -16.64 -32.17 -4.86
C SER J 106 -17.48 -33.38 -5.30
N LYS J 107 -16.95 -34.14 -6.25
CA LYS J 107 -17.64 -35.31 -6.79
C LYS J 107 -17.91 -36.34 -5.70
N GLY J 108 -19.08 -36.96 -5.74
CA GLY J 108 -19.43 -37.98 -4.79
C GLY J 108 -19.90 -37.45 -3.44
N SER J 109 -20.24 -36.16 -3.40
CA SER J 109 -20.85 -35.59 -2.21
C SER J 109 -22.19 -36.25 -1.98
N GLU J 110 -22.46 -36.64 -0.74
CA GLU J 110 -23.76 -37.20 -0.38
C GLU J 110 -24.85 -36.16 -0.62
N PHE J 111 -25.85 -36.53 -1.41
CA PHE J 111 -27.01 -35.68 -1.69
C PHE J 111 -27.97 -35.60 -0.53
N ASP J 112 -28.47 -34.41 -0.26
CA ASP J 112 -29.59 -34.26 0.66
C ASP J 112 -30.86 -34.10 -0.16
N TYR J 113 -30.88 -33.07 -0.99
CA TYR J 113 -32.02 -32.79 -1.86
C TYR J 113 -31.53 -32.35 -3.23
N TRP J 114 -32.41 -32.47 -4.22
CA TRP J 114 -32.12 -31.95 -5.55
C TRP J 114 -33.43 -31.50 -6.19
N GLY J 115 -33.33 -30.71 -7.26
CA GLY J 115 -34.51 -30.20 -7.93
C GLY J 115 -35.09 -31.15 -8.95
N GLN J 116 -36.14 -30.71 -9.64
CA GLN J 116 -36.79 -31.54 -10.65
C GLN J 116 -35.99 -31.56 -11.96
N GLY J 117 -35.05 -30.64 -12.08
CA GLY J 117 -34.14 -30.64 -13.22
C GLY J 117 -34.59 -29.78 -14.38
N THR J 118 -33.63 -29.37 -15.21
CA THR J 118 -33.95 -28.58 -16.40
C THR J 118 -33.21 -29.15 -17.62
N LEU J 119 -33.94 -29.33 -18.72
CA LEU J 119 -33.44 -30.01 -19.91
C LEU J 119 -32.52 -29.12 -20.73
N VAL J 120 -31.32 -29.59 -21.00
CA VAL J 120 -30.43 -28.93 -21.95
C VAL J 120 -30.21 -29.83 -23.15
N THR J 121 -30.56 -29.35 -24.33
CA THR J 121 -30.38 -30.10 -25.56
C THR J 121 -29.45 -29.37 -26.51
N VAL J 122 -28.37 -30.05 -26.89
CA VAL J 122 -27.36 -29.49 -27.78
C VAL J 122 -27.36 -30.31 -29.06
N SER J 123 -27.64 -29.67 -30.19
CA SER J 123 -27.65 -30.37 -31.47
C SER J 123 -28.00 -29.48 -32.68
N SER J 124 -27.74 -30.01 -33.86
CA SER J 124 -28.09 -29.32 -35.11
C SER J 124 -29.60 -29.15 -35.23
N GLU K 1 -35.90 -11.65 -12.26
CA GLU K 1 -35.19 -12.78 -11.68
C GLU K 1 -35.83 -13.23 -10.36
N VAL K 2 -36.74 -12.41 -9.86
CA VAL K 2 -37.52 -12.77 -8.67
C VAL K 2 -38.28 -14.07 -8.91
N GLN K 3 -38.23 -14.98 -7.94
CA GLN K 3 -39.04 -16.19 -7.99
C GLN K 3 -39.80 -16.41 -6.68
N LEU K 4 -41.10 -16.64 -6.81
CA LEU K 4 -41.95 -16.90 -5.64
C LEU K 4 -42.82 -18.11 -5.96
N LEU K 5 -42.82 -19.10 -5.07
CA LEU K 5 -43.55 -20.34 -5.31
C LEU K 5 -44.33 -20.75 -4.06
N GLU K 6 -45.66 -20.77 -4.16
CA GLU K 6 -46.52 -21.13 -3.03
C GLU K 6 -46.71 -22.63 -2.94
N SER K 7 -46.95 -23.10 -1.72
CA SER K 7 -47.27 -24.52 -1.51
C SER K 7 -48.12 -24.66 -0.26
N GLY K 8 -48.73 -25.84 -0.09
CA GLY K 8 -49.42 -26.16 1.13
C GLY K 8 -50.94 -26.11 1.04
N GLY K 9 -51.46 -25.76 -0.12
CA GLY K 9 -52.89 -25.65 -0.30
C GLY K 9 -53.52 -27.03 -0.37
N GLY K 10 -54.82 -27.10 -0.07
CA GLY K 10 -55.50 -28.38 -0.13
C GLY K 10 -56.98 -28.30 0.14
N LEU K 11 -57.58 -29.45 0.42
CA LEU K 11 -58.99 -29.55 0.73
C LEU K 11 -59.11 -29.68 2.24
N VAL K 12 -59.98 -28.88 2.82
CA VAL K 12 -60.17 -28.91 4.27
C VAL K 12 -61.60 -28.60 4.64
N GLN K 13 -62.05 -29.13 5.78
CA GLN K 13 -63.40 -28.87 6.26
C GLN K 13 -63.44 -27.59 7.07
N PRO K 14 -64.62 -26.92 7.10
CA PRO K 14 -64.76 -25.68 7.88
C PRO K 14 -64.35 -25.91 9.33
N GLY K 15 -63.63 -24.95 9.91
CA GLY K 15 -63.12 -25.09 11.26
C GLY K 15 -61.76 -25.78 11.30
N GLY K 16 -61.34 -26.32 10.17
CA GLY K 16 -60.04 -26.96 10.09
C GLY K 16 -58.92 -25.94 9.95
N SER K 17 -57.70 -26.42 9.71
CA SER K 17 -56.57 -25.50 9.53
C SER K 17 -55.62 -25.96 8.44
N LEU K 18 -54.80 -25.02 7.97
CA LEU K 18 -53.81 -25.29 6.92
C LEU K 18 -52.65 -24.33 7.12
N ARG K 19 -51.47 -24.71 6.66
CA ARG K 19 -50.33 -23.81 6.71
C ARG K 19 -49.72 -23.70 5.33
N LEU K 20 -49.72 -22.49 4.78
CA LEU K 20 -49.15 -22.26 3.45
C LEU K 20 -47.71 -21.81 3.60
N SER K 21 -46.89 -22.08 2.58
CA SER K 21 -45.54 -21.55 2.58
C SER K 21 -45.19 -21.01 1.20
N CYS K 22 -44.28 -20.05 1.18
CA CYS K 22 -43.87 -19.40 -0.04
C CYS K 22 -42.36 -19.27 -0.12
N ALA K 23 -41.78 -19.95 -1.09
CA ALA K 23 -40.33 -19.94 -1.31
C ALA K 23 -39.91 -18.74 -2.14
N ALA K 24 -38.98 -17.95 -1.63
CA ALA K 24 -38.55 -16.74 -2.32
C ALA K 24 -37.08 -16.78 -2.71
N SER K 25 -36.76 -16.20 -3.87
CA SER K 25 -35.37 -16.06 -4.31
C SER K 25 -35.28 -15.03 -5.44
N GLY K 26 -34.06 -14.68 -5.85
CA GLY K 26 -33.87 -13.75 -6.93
C GLY K 26 -33.84 -12.31 -6.48
N PHE K 27 -34.00 -12.10 -5.17
CA PHE K 27 -33.84 -10.80 -4.55
C PHE K 27 -33.49 -11.01 -3.08
N THR K 28 -33.22 -9.93 -2.38
CA THR K 28 -32.84 -9.99 -0.98
C THR K 28 -34.11 -10.04 -0.11
N PHE K 29 -34.54 -11.26 0.16
CA PHE K 29 -35.79 -11.55 0.86
C PHE K 29 -35.90 -10.80 2.18
N GLU K 30 -34.82 -10.82 2.96
CA GLU K 30 -34.79 -10.23 4.30
C GLU K 30 -34.89 -8.71 4.31
N GLU K 31 -34.75 -8.09 3.15
CA GLU K 31 -34.87 -6.64 3.07
C GLU K 31 -36.29 -6.17 2.70
N TYR K 32 -37.17 -7.11 2.36
CA TYR K 32 -38.51 -6.74 1.90
C TYR K 32 -39.65 -7.23 2.80
N ALA K 33 -40.62 -6.35 3.01
CA ALA K 33 -41.92 -6.78 3.50
C ALA K 33 -42.48 -7.78 2.49
N MET K 34 -43.40 -8.64 2.91
CA MET K 34 -43.99 -9.60 2.00
C MET K 34 -45.49 -9.67 2.24
N LEU K 35 -46.22 -10.15 1.25
CA LEU K 35 -47.68 -10.09 1.28
C LEU K 35 -48.31 -11.42 0.88
N TRP K 36 -49.50 -11.65 1.43
CA TRP K 36 -50.39 -12.70 0.93
C TRP K 36 -51.66 -12.05 0.39
N VAL K 37 -52.06 -12.45 -0.82
CA VAL K 37 -53.35 -12.05 -1.37
C VAL K 37 -54.11 -13.30 -1.82
N ARG K 38 -55.40 -13.17 -2.06
CA ARG K 38 -56.15 -14.32 -2.54
C ARG K 38 -57.16 -13.93 -3.63
N GLN K 39 -57.59 -14.92 -4.41
CA GLN K 39 -58.61 -14.69 -5.41
C GLN K 39 -59.58 -15.88 -5.41
N ALA K 40 -60.79 -15.64 -4.93
CA ALA K 40 -61.83 -16.66 -4.91
C ALA K 40 -62.42 -16.79 -6.32
N PRO K 41 -62.90 -17.99 -6.68
CA PRO K 41 -63.45 -18.25 -8.02
C PRO K 41 -64.15 -17.01 -8.59
N GLY K 42 -63.43 -16.28 -9.46
CA GLY K 42 -63.85 -14.99 -9.95
C GLY K 42 -63.45 -13.85 -9.04
N LYS K 43 -64.34 -13.56 -8.09
CA LYS K 43 -64.27 -12.49 -7.07
C LYS K 43 -63.11 -11.47 -6.99
N GLY K 44 -62.12 -11.56 -7.89
CA GLY K 44 -61.06 -10.56 -7.92
C GLY K 44 -60.02 -10.76 -6.82
N LEU K 45 -59.00 -9.90 -6.81
CA LEU K 45 -57.93 -9.99 -5.82
C LEU K 45 -58.38 -9.42 -4.48
N GLU K 46 -57.97 -10.07 -3.40
CA GLU K 46 -58.22 -9.54 -2.06
C GLU K 46 -56.94 -9.69 -1.24
N TRP K 47 -56.46 -8.56 -0.72
CA TRP K 47 -55.31 -8.56 0.16
C TRP K 47 -55.68 -9.28 1.46
N VAL K 48 -54.79 -10.15 1.92
CA VAL K 48 -55.05 -10.94 3.11
C VAL K 48 -54.21 -10.53 4.32
N SER K 49 -52.90 -10.47 4.10
CA SER K 49 -51.96 -10.24 5.19
C SER K 49 -50.61 -9.73 4.68
N GLY K 50 -49.87 -9.08 5.55
CA GLY K 50 -48.55 -8.60 5.22
C GLY K 50 -47.68 -8.59 6.45
N ILE K 51 -46.37 -8.57 6.23
CA ILE K 51 -45.41 -8.59 7.32
C ILE K 51 -44.19 -7.79 6.92
N ASN K 52 -43.59 -7.08 7.88
CA ASN K 52 -42.39 -6.30 7.58
C ASN K 52 -41.15 -7.18 7.32
N ALA K 53 -40.12 -6.57 6.75
CA ALA K 53 -38.91 -7.30 6.35
C ALA K 53 -38.33 -8.16 7.48
N ARG K 54 -38.28 -7.61 8.69
CA ARG K 54 -37.63 -8.34 9.78
C ARG K 54 -38.56 -9.26 10.56
N GLY K 55 -39.84 -9.24 10.18
CA GLY K 55 -40.79 -10.23 10.65
C GLY K 55 -41.38 -9.99 12.02
N TYR K 56 -41.42 -8.74 12.47
CA TYR K 56 -41.94 -8.46 13.81
C TYR K 56 -43.19 -7.57 13.82
N THR K 57 -43.60 -7.08 12.66
CA THR K 57 -44.85 -6.33 12.55
C THR K 57 -45.75 -6.98 11.50
N THR K 58 -47.00 -7.26 11.87
CA THR K 58 -47.95 -7.97 11.01
C THR K 58 -49.23 -7.18 10.75
N TYR K 59 -49.86 -7.45 9.60
CA TYR K 59 -51.07 -6.75 9.20
C TYR K 59 -52.08 -7.77 8.66
N TYR K 60 -53.36 -7.59 8.97
CA TYR K 60 -54.41 -8.51 8.52
C TYR K 60 -55.66 -7.83 7.98
N ALA K 61 -56.29 -8.46 6.99
CA ALA K 61 -57.61 -8.06 6.56
C ALA K 61 -58.61 -8.39 7.67
N ASP K 62 -59.56 -7.49 7.91
CA ASP K 62 -60.55 -7.69 8.96
C ASP K 62 -61.19 -9.07 8.90
N SER K 63 -61.32 -9.61 7.68
CA SER K 63 -61.98 -10.89 7.47
C SER K 63 -61.20 -12.11 7.97
N VAL K 64 -59.89 -11.96 8.22
CA VAL K 64 -59.11 -13.07 8.74
C VAL K 64 -58.44 -12.77 10.09
N LYS K 65 -58.69 -11.58 10.61
CA LYS K 65 -58.10 -11.19 11.89
C LYS K 65 -58.54 -12.14 12.99
N GLY K 66 -57.56 -12.70 13.70
CA GLY K 66 -57.83 -13.58 14.82
C GLY K 66 -57.85 -15.05 14.43
N ARG K 67 -57.66 -15.32 13.14
CA ARG K 67 -57.74 -16.68 12.63
C ARG K 67 -56.50 -17.04 11.81
N PHE K 68 -55.94 -16.04 11.14
CA PHE K 68 -54.76 -16.27 10.30
C PHE K 68 -53.55 -15.67 11.00
N THR K 69 -52.39 -16.29 10.79
CA THR K 69 -51.15 -15.76 11.34
C THR K 69 -50.04 -15.80 10.28
N ILE K 70 -49.46 -14.65 10.00
CA ILE K 70 -48.38 -14.55 9.02
C ILE K 70 -47.04 -14.57 9.75
N SER K 71 -46.05 -15.19 9.13
CA SER K 71 -44.71 -15.16 9.69
C SER K 71 -43.73 -15.50 8.59
N ARG K 72 -42.45 -15.35 8.90
CA ARG K 72 -41.41 -15.65 7.92
C ARG K 72 -40.19 -16.19 8.62
N ASP K 73 -39.32 -16.83 7.85
CA ASP K 73 -38.05 -17.26 8.37
C ASP K 73 -36.98 -16.77 7.40
N ASN K 74 -36.33 -15.66 7.74
CA ASN K 74 -35.39 -15.05 6.82
C ASN K 74 -34.15 -15.92 6.58
N SER K 75 -33.88 -16.83 7.51
CA SER K 75 -32.73 -17.72 7.36
C SER K 75 -33.03 -18.83 6.36
N LYS K 76 -34.31 -18.97 6.01
CA LYS K 76 -34.74 -20.02 5.09
C LYS K 76 -35.35 -19.43 3.82
N ASN K 77 -35.43 -18.11 3.75
CA ASN K 77 -36.09 -17.46 2.62
C ASN K 77 -37.51 -17.96 2.39
N THR K 78 -38.26 -18.11 3.48
CA THR K 78 -39.62 -18.67 3.39
C THR K 78 -40.62 -17.80 4.11
N LEU K 79 -41.79 -17.64 3.50
CA LEU K 79 -42.91 -16.89 4.04
C LEU K 79 -43.98 -17.90 4.39
N TYR K 80 -44.67 -17.72 5.51
CA TYR K 80 -45.73 -18.65 5.90
C TYR K 80 -47.05 -17.93 6.13
N LEU K 81 -48.14 -18.65 5.92
CA LEU K 81 -49.47 -18.21 6.35
C LEU K 81 -50.16 -19.36 7.06
N GLN K 82 -50.36 -19.21 8.36
CA GLN K 82 -51.04 -20.23 9.16
C GLN K 82 -52.50 -19.88 9.21
N MET K 83 -53.34 -20.81 8.75
CA MET K 83 -54.76 -20.52 8.62
C MET K 83 -55.58 -21.42 9.55
N ASN K 84 -56.20 -20.82 10.56
CA ASN K 84 -57.00 -21.56 11.54
C ASN K 84 -58.49 -21.23 11.43
N SER K 85 -59.33 -21.99 12.14
CA SER K 85 -60.79 -21.90 12.01
C SER K 85 -61.20 -21.42 10.62
N LEU K 86 -60.85 -22.23 9.62
CA LEU K 86 -61.15 -21.90 8.24
C LEU K 86 -62.65 -21.86 8.01
N ARG K 87 -63.06 -21.02 7.08
CA ARG K 87 -64.48 -20.81 6.77
C ARG K 87 -64.71 -21.03 5.27
N THR K 88 -65.90 -21.47 4.90
CA THR K 88 -66.19 -21.77 3.50
C THR K 88 -65.71 -20.64 2.57
N GLU K 89 -65.92 -19.40 2.98
CA GLU K 89 -65.57 -18.27 2.13
C GLU K 89 -64.08 -17.92 2.14
N ASP K 90 -63.25 -18.75 2.78
CA ASP K 90 -61.80 -18.63 2.67
C ASP K 90 -61.33 -19.37 1.42
N THR K 91 -62.26 -20.03 0.74
CA THR K 91 -61.93 -20.79 -0.47
C THR K 91 -61.38 -19.85 -1.54
N ALA K 92 -60.22 -20.17 -2.09
CA ALA K 92 -59.57 -19.29 -3.06
C ALA K 92 -58.16 -19.75 -3.38
N VAL K 93 -57.60 -19.20 -4.45
CA VAL K 93 -56.19 -19.43 -4.74
C VAL K 93 -55.39 -18.39 -3.96
N TYR K 94 -54.42 -18.83 -3.16
CA TYR K 94 -53.64 -17.92 -2.34
C TYR K 94 -52.31 -17.60 -3.01
N TYR K 95 -51.93 -16.32 -3.02
CA TYR K 95 -50.73 -15.90 -3.70
C TYR K 95 -49.75 -15.19 -2.77
N CYS K 96 -48.48 -15.55 -2.93
CA CYS K 96 -47.35 -14.89 -2.31
C CYS K 96 -46.93 -13.70 -3.18
N ALA K 97 -46.74 -12.51 -2.58
CA ALA K 97 -46.36 -11.32 -3.35
C ALA K 97 -45.25 -10.45 -2.72
N LYS K 98 -44.28 -10.07 -3.56
CA LYS K 98 -43.26 -9.09 -3.18
C LYS K 98 -43.68 -7.67 -3.62
N PRO K 99 -43.65 -6.71 -2.67
CA PRO K 99 -44.00 -5.32 -2.96
C PRO K 99 -42.91 -4.61 -3.74
N TRP K 100 -43.27 -3.56 -4.46
CA TRP K 100 -42.29 -2.76 -5.17
C TRP K 100 -41.35 -2.08 -4.20
N TYR K 101 -41.91 -1.54 -3.11
CA TYR K 101 -41.11 -0.89 -2.09
C TYR K 101 -41.00 -1.73 -0.83
N PRO K 102 -39.78 -1.84 -0.30
CA PRO K 102 -39.48 -2.77 0.80
C PRO K 102 -40.31 -2.57 2.06
N PHE K 103 -40.86 -1.38 2.27
CA PHE K 103 -41.58 -1.11 3.52
C PHE K 103 -43.09 -1.35 3.48
N MET K 104 -43.63 -1.65 2.30
CA MET K 104 -45.08 -1.74 2.13
C MET K 104 -45.64 -3.13 2.45
N ALA K 105 -46.32 -3.26 3.59
CA ALA K 105 -46.86 -4.56 4.01
C ALA K 105 -48.38 -4.56 4.09
N SER K 106 -48.99 -3.40 3.90
CA SER K 106 -50.43 -3.22 4.10
C SER K 106 -51.26 -3.34 2.82
N LYS K 107 -52.57 -3.23 2.98
CA LYS K 107 -53.50 -3.26 1.87
C LYS K 107 -53.09 -2.23 0.83
N GLY K 108 -53.12 -2.62 -0.44
CA GLY K 108 -52.88 -1.66 -1.52
C GLY K 108 -51.42 -1.45 -1.83
N SER K 109 -50.55 -2.32 -1.32
CA SER K 109 -49.14 -2.25 -1.65
C SER K 109 -48.96 -2.58 -3.12
N GLU K 110 -48.22 -1.77 -3.85
CA GLU K 110 -47.93 -2.08 -5.24
C GLU K 110 -47.10 -3.36 -5.31
N PHE K 111 -47.60 -4.35 -6.05
CA PHE K 111 -46.88 -5.58 -6.33
C PHE K 111 -45.73 -5.37 -7.27
N ASP K 112 -44.67 -6.10 -7.04
CA ASP K 112 -43.60 -6.21 -8.00
C ASP K 112 -43.74 -7.58 -8.68
N TYR K 113 -43.79 -8.63 -7.87
CA TYR K 113 -43.92 -10.00 -8.38
C TYR K 113 -44.83 -10.81 -7.46
N TRP K 114 -45.35 -11.92 -7.97
CA TRP K 114 -46.21 -12.81 -7.21
C TRP K 114 -46.06 -14.24 -7.71
N GLY K 115 -46.48 -15.20 -6.92
CA GLY K 115 -46.38 -16.60 -7.30
C GLY K 115 -47.48 -17.04 -8.27
N GLN K 116 -47.46 -18.32 -8.62
CA GLN K 116 -48.50 -18.94 -9.44
C GLN K 116 -49.74 -19.22 -8.61
N GLY K 117 -49.57 -19.31 -7.29
CA GLY K 117 -50.70 -19.45 -6.38
C GLY K 117 -50.87 -20.88 -5.93
N THR K 118 -51.56 -21.06 -4.80
CA THR K 118 -51.87 -22.41 -4.33
C THR K 118 -53.34 -22.47 -3.89
N LEU K 119 -54.06 -23.49 -4.35
CA LEU K 119 -55.51 -23.55 -4.12
C LEU K 119 -55.90 -24.03 -2.74
N VAL K 120 -56.78 -23.28 -2.08
CA VAL K 120 -57.33 -23.68 -0.80
C VAL K 120 -58.86 -23.79 -0.89
N THR K 121 -59.36 -25.00 -0.70
CA THR K 121 -60.81 -25.23 -0.79
C THR K 121 -61.37 -25.63 0.57
N VAL K 122 -62.25 -24.80 1.11
CA VAL K 122 -62.88 -25.09 2.40
C VAL K 122 -64.33 -25.55 2.23
N SER K 123 -64.58 -26.83 2.51
CA SER K 123 -65.92 -27.40 2.40
C SER K 123 -66.02 -28.77 3.08
N SER K 124 -67.23 -29.33 3.07
CA SER K 124 -67.48 -30.65 3.62
C SER K 124 -66.62 -31.72 2.96
N GLU L 1 -27.54 -31.03 26.97
CA GLU L 1 -27.79 -32.36 27.53
C GLU L 1 -26.69 -33.36 27.18
N VAL L 2 -25.89 -33.04 26.17
CA VAL L 2 -24.77 -33.90 25.78
C VAL L 2 -23.70 -33.95 26.87
N GLN L 3 -23.27 -35.14 27.25
CA GLN L 3 -22.16 -35.24 28.19
C GLN L 3 -21.31 -36.50 28.06
N LEU L 4 -20.03 -36.34 28.38
CA LEU L 4 -19.05 -37.40 28.25
C LEU L 4 -18.31 -37.49 29.58
N LEU L 5 -18.34 -38.67 30.19
CA LEU L 5 -17.70 -38.85 31.48
C LEU L 5 -16.54 -39.83 31.36
N GLU L 6 -15.32 -39.30 31.45
CA GLU L 6 -14.12 -40.13 31.41
C GLU L 6 -13.78 -40.66 32.80
N SER L 7 -13.25 -41.87 32.84
CA SER L 7 -12.80 -42.46 34.11
C SER L 7 -11.73 -43.52 33.87
N GLY L 8 -11.15 -44.02 34.96
CA GLY L 8 -10.18 -45.10 34.86
C GLY L 8 -8.75 -44.64 34.94
N GLY L 9 -8.55 -43.35 35.18
CA GLY L 9 -7.20 -42.85 35.31
C GLY L 9 -6.59 -43.27 36.64
N GLY L 10 -5.26 -43.21 36.72
CA GLY L 10 -4.58 -43.55 37.95
C GLY L 10 -3.09 -43.43 37.77
N LEU L 11 -2.33 -44.03 38.68
CA LEU L 11 -0.88 -43.96 38.63
C LEU L 11 -0.28 -45.35 38.45
N VAL L 12 0.60 -45.50 37.46
CA VAL L 12 1.25 -46.77 37.16
C VAL L 12 2.71 -46.56 36.80
N GLN L 13 3.48 -47.65 36.80
CA GLN L 13 4.88 -47.61 36.39
C GLN L 13 5.06 -47.86 34.89
N PRO L 14 6.24 -47.49 34.35
CA PRO L 14 6.53 -47.74 32.94
C PRO L 14 6.32 -49.21 32.60
N GLY L 15 5.64 -49.49 31.50
CA GLY L 15 5.37 -50.85 31.08
C GLY L 15 4.08 -51.37 31.70
N GLY L 16 3.48 -50.53 32.54
CA GLY L 16 2.20 -50.84 33.13
C GLY L 16 1.07 -50.63 32.14
N SER L 17 -0.16 -50.84 32.60
CA SER L 17 -1.32 -50.69 31.72
C SER L 17 -2.52 -50.09 32.44
N LEU L 18 -3.39 -49.45 31.67
CA LEU L 18 -4.60 -48.84 32.19
C LEU L 18 -5.70 -48.86 31.14
N ARG L 19 -6.93 -49.08 31.57
CA ARG L 19 -8.04 -48.97 30.67
C ARG L 19 -8.94 -47.77 31.02
N LEU L 20 -9.05 -46.84 30.08
CA LEU L 20 -9.89 -45.68 30.30
C LEU L 20 -11.27 -45.98 29.75
N SER L 21 -12.29 -45.40 30.37
CA SER L 21 -13.65 -45.52 29.89
C SER L 21 -14.26 -44.14 29.69
N CYS L 22 -15.24 -44.04 28.80
CA CYS L 22 -15.96 -42.79 28.58
C CYS L 22 -17.43 -43.08 28.40
N ALA L 23 -18.25 -42.56 29.30
CA ALA L 23 -19.68 -42.80 29.26
C ALA L 23 -20.37 -41.63 28.58
N ALA L 24 -21.08 -41.93 27.50
CA ALA L 24 -21.72 -40.89 26.70
C ALA L 24 -23.22 -40.87 26.91
N SER L 25 -23.80 -39.68 26.87
CA SER L 25 -25.26 -39.54 26.86
C SER L 25 -25.64 -38.22 26.21
N GLY L 26 -26.93 -38.04 25.98
CA GLY L 26 -27.43 -36.81 25.38
C GLY L 26 -27.33 -36.77 23.86
N PHE L 27 -26.90 -37.86 23.25
CA PHE L 27 -26.89 -37.95 21.78
C PHE L 27 -26.88 -39.40 21.32
N THR L 28 -27.11 -39.61 20.03
CA THR L 28 -27.14 -40.96 19.48
C THR L 28 -25.73 -41.48 19.29
N PHE L 29 -25.23 -42.12 20.35
CA PHE L 29 -23.84 -42.55 20.43
C PHE L 29 -23.42 -43.40 19.25
N GLU L 30 -24.19 -44.44 18.95
CA GLU L 30 -23.82 -45.43 17.92
C GLU L 30 -23.78 -44.87 16.50
N GLU L 31 -24.23 -43.62 16.32
CA GLU L 31 -24.15 -42.97 15.01
C GLU L 31 -22.89 -42.11 14.84
N TYR L 32 -22.15 -41.90 15.92
CA TYR L 32 -20.99 -41.01 15.87
C TYR L 32 -19.67 -41.72 16.07
N ALA L 33 -18.70 -41.40 15.21
CA ALA L 33 -17.31 -41.76 15.46
C ALA L 33 -16.96 -41.07 16.78
N MET L 34 -15.92 -41.56 17.45
CA MET L 34 -15.51 -40.97 18.71
C MET L 34 -13.99 -40.88 18.80
N LEU L 35 -13.49 -39.95 19.62
CA LEU L 35 -12.06 -39.71 19.69
C LEU L 35 -11.52 -39.69 21.12
N TRP L 36 -10.21 -39.91 21.26
CA TRP L 36 -9.49 -39.64 22.49
C TRP L 36 -8.41 -38.62 22.17
N VAL L 37 -8.29 -37.61 23.01
CA VAL L 37 -7.17 -36.68 22.92
C VAL L 37 -6.59 -36.60 24.31
N ARG L 38 -5.37 -36.09 24.43
CA ARG L 38 -4.76 -35.93 25.75
C ARG L 38 -3.98 -34.62 25.84
N GLN L 39 -3.70 -34.19 27.06
CA GLN L 39 -2.88 -33.03 27.28
C GLN L 39 -1.87 -33.30 28.40
N ALA L 40 -0.59 -33.33 28.03
CA ALA L 40 0.48 -33.52 29.01
C ALA L 40 0.57 -32.30 29.91
N PRO L 41 1.12 -32.48 31.13
CA PRO L 41 1.12 -31.39 32.12
C PRO L 41 1.78 -30.14 31.53
N GLY L 42 1.09 -29.02 31.56
CA GLY L 42 1.64 -27.77 31.07
C GLY L 42 1.82 -27.65 29.56
N LYS L 43 1.32 -28.62 28.80
CA LYS L 43 1.46 -28.62 27.34
C LYS L 43 0.13 -28.38 26.63
N GLY L 44 0.01 -28.87 25.41
CA GLY L 44 -1.19 -28.65 24.61
C GLY L 44 -1.91 -29.91 24.14
N LEU L 45 -2.97 -29.71 23.36
CA LEU L 45 -3.80 -30.81 22.90
C LEU L 45 -3.06 -31.71 21.92
N GLU L 46 -3.13 -33.02 22.14
CA GLU L 46 -2.58 -33.98 21.20
C GLU L 46 -3.64 -35.05 20.92
N TRP L 47 -3.93 -35.27 19.63
CA TRP L 47 -4.88 -36.30 19.24
C TRP L 47 -4.26 -37.67 19.45
N VAL L 48 -5.03 -38.58 20.03
CA VAL L 48 -4.54 -39.91 20.38
C VAL L 48 -5.06 -41.02 19.47
N SER L 49 -6.38 -41.09 19.35
CA SER L 49 -7.00 -42.21 18.66
C SER L 49 -8.44 -41.89 18.32
N GLY L 50 -8.96 -42.61 17.32
CA GLY L 50 -10.34 -42.44 16.92
C GLY L 50 -10.94 -43.73 16.39
N ILE L 51 -12.25 -43.85 16.48
CA ILE L 51 -12.93 -45.05 16.01
C ILE L 51 -14.25 -44.69 15.31
N ASN L 52 -14.60 -45.43 14.25
CA ASN L 52 -15.83 -45.13 13.53
C ASN L 52 -17.07 -45.56 14.31
N ALA L 53 -18.22 -45.03 13.90
CA ALA L 53 -19.48 -45.27 14.61
C ALA L 53 -19.76 -46.75 14.93
N ARG L 54 -19.48 -47.63 13.97
CA ARG L 54 -19.78 -49.05 14.16
C ARG L 54 -18.64 -49.80 14.85
N GLY L 55 -17.55 -49.10 15.12
CA GLY L 55 -16.46 -49.66 15.91
C GLY L 55 -15.59 -50.72 15.27
N TYR L 56 -15.44 -50.70 13.95
CA TYR L 56 -14.56 -51.67 13.30
C TYR L 56 -13.31 -51.05 12.66
N THR L 57 -13.31 -49.73 12.47
CA THR L 57 -12.16 -49.06 11.89
C THR L 57 -11.54 -48.12 12.92
N THR L 58 -10.24 -48.26 13.12
CA THR L 58 -9.54 -47.54 14.18
C THR L 58 -8.40 -46.70 13.62
N TYR L 59 -8.11 -45.59 14.30
CA TYR L 59 -6.99 -44.72 13.92
C TYR L 59 -6.15 -44.40 15.14
N TYR L 60 -4.84 -44.25 14.96
CA TYR L 60 -3.94 -43.98 16.06
C TYR L 60 -2.85 -43.00 15.69
N ALA L 61 -2.45 -42.18 16.66
CA ALA L 61 -1.27 -41.35 16.49
C ALA L 61 -0.06 -42.28 16.50
N ASP L 62 0.95 -41.93 15.71
CA ASP L 62 2.14 -42.78 15.63
C ASP L 62 2.78 -43.01 16.98
N SER L 63 2.64 -42.04 17.88
CA SER L 63 3.23 -42.17 19.21
C SER L 63 2.64 -43.32 20.04
N VAL L 64 1.41 -43.73 19.75
CA VAL L 64 0.78 -44.78 20.55
C VAL L 64 0.46 -46.05 19.75
N LYS L 65 0.89 -46.10 18.50
CA LYS L 65 0.58 -47.24 17.64
C LYS L 65 1.11 -48.57 18.19
N GLY L 66 0.27 -49.61 18.11
CA GLY L 66 0.64 -50.92 18.62
C GLY L 66 0.61 -51.03 20.13
N ARG L 67 0.46 -49.90 20.82
CA ARG L 67 0.43 -49.90 22.28
C ARG L 67 -0.95 -49.60 22.84
N PHE L 68 -1.66 -48.65 22.23
CA PHE L 68 -3.02 -48.31 22.65
C PHE L 68 -4.04 -49.00 21.74
N THR L 69 -5.19 -49.35 22.29
CA THR L 69 -6.28 -49.93 21.50
C THR L 69 -7.61 -49.24 21.83
N ILE L 70 -8.27 -48.73 20.80
CA ILE L 70 -9.56 -48.08 21.00
C ILE L 70 -10.68 -49.04 20.64
N SER L 71 -11.77 -48.98 21.40
CA SER L 71 -12.95 -49.78 21.10
C SER L 71 -14.17 -49.12 21.73
N ARG L 72 -15.35 -49.65 21.43
CA ARG L 72 -16.59 -49.12 21.99
C ARG L 72 -17.63 -50.21 22.20
N ASP L 73 -18.53 -49.98 23.15
CA ASP L 73 -19.69 -50.82 23.33
C ASP L 73 -20.94 -49.96 23.22
N ASN L 74 -21.55 -49.97 22.05
CA ASN L 74 -22.72 -49.14 21.78
C ASN L 74 -23.95 -49.46 22.65
N SER L 75 -24.08 -50.71 23.06
CA SER L 75 -25.21 -51.12 23.90
C SER L 75 -25.07 -50.49 25.28
N LYS L 76 -23.86 -50.02 25.57
CA LYS L 76 -23.56 -49.36 26.85
C LYS L 76 -23.29 -47.87 26.67
N ASN L 77 -23.29 -47.38 25.44
CA ASN L 77 -22.92 -45.99 25.14
C ASN L 77 -21.59 -45.62 25.78
N THR L 78 -20.61 -46.49 25.63
CA THR L 78 -19.32 -46.35 26.28
C THR L 78 -18.17 -46.50 25.28
N LEU L 79 -17.19 -45.60 25.37
CA LEU L 79 -15.97 -45.66 24.57
C LEU L 79 -14.81 -46.10 25.47
N TYR L 80 -13.87 -46.89 24.93
CA TYR L 80 -12.74 -47.37 25.74
C TYR L 80 -11.38 -47.04 25.11
N LEU L 81 -10.36 -46.94 25.97
CA LEU L 81 -8.99 -46.82 25.51
C LEU L 81 -8.12 -47.73 26.36
N GLN L 82 -7.67 -48.83 25.77
CA GLN L 82 -6.79 -49.76 26.45
C GLN L 82 -5.34 -49.37 26.20
N MET L 83 -4.65 -48.95 27.25
CA MET L 83 -3.29 -48.47 27.12
C MET L 83 -2.28 -49.47 27.69
N ASN L 84 -1.52 -50.11 26.81
CA ASN L 84 -0.50 -51.06 27.22
C ASN L 84 0.90 -50.49 27.05
N SER L 85 1.87 -51.09 27.74
CA SER L 85 3.27 -50.71 27.62
C SER L 85 3.43 -49.20 27.84
N LEU L 86 2.75 -48.68 28.85
CA LEU L 86 2.78 -47.26 29.13
C LEU L 86 4.18 -46.71 29.34
N ARG L 87 4.35 -45.43 29.05
CA ARG L 87 5.63 -44.75 29.10
C ARG L 87 5.47 -43.42 29.83
N THR L 88 6.55 -42.92 30.42
CA THR L 88 6.51 -41.67 31.17
C THR L 88 5.89 -40.54 30.33
N GLU L 89 6.17 -40.53 29.03
CA GLU L 89 5.66 -39.46 28.15
C GLU L 89 4.17 -39.60 27.87
N ASP L 90 3.56 -40.70 28.33
CA ASP L 90 2.13 -40.88 28.19
C ASP L 90 1.37 -40.16 29.30
N THR L 91 2.10 -39.67 30.29
CA THR L 91 1.47 -38.92 31.38
C THR L 91 0.69 -37.73 30.80
N ALA L 92 -0.60 -37.66 31.12
CA ALA L 92 -1.49 -36.67 30.55
C ALA L 92 -2.87 -36.78 31.16
N VAL L 93 -3.66 -35.73 31.04
CA VAL L 93 -5.10 -35.85 31.22
C VAL L 93 -5.67 -36.36 29.89
N TYR L 94 -6.49 -37.39 29.95
CA TYR L 94 -7.08 -37.97 28.74
C TYR L 94 -8.52 -37.54 28.61
N TYR L 95 -8.92 -37.07 27.42
CA TYR L 95 -10.28 -36.58 27.18
C TYR L 95 -11.00 -37.38 26.08
N CYS L 96 -12.25 -37.71 26.34
CA CYS L 96 -13.18 -38.28 25.37
C CYS L 96 -13.80 -37.13 24.57
N ALA L 97 -13.90 -37.26 23.25
CA ALA L 97 -14.51 -36.19 22.43
C ALA L 97 -15.47 -36.71 21.34
N LYS L 98 -16.60 -36.02 21.20
CA LYS L 98 -17.58 -36.28 20.15
C LYS L 98 -17.37 -35.28 19.02
N PRO L 99 -17.18 -35.80 17.79
CA PRO L 99 -16.96 -34.91 16.63
C PRO L 99 -18.24 -34.19 16.26
N TRP L 100 -18.09 -33.08 15.55
CA TRP L 100 -19.25 -32.36 15.00
C TRP L 100 -19.89 -33.20 13.91
N TYR L 101 -19.05 -33.80 13.06
CA TYR L 101 -19.53 -34.64 11.99
C TYR L 101 -19.34 -36.11 12.34
N PRO L 102 -20.40 -36.92 12.18
CA PRO L 102 -20.49 -38.30 12.65
C PRO L 102 -19.39 -39.20 12.10
N PHE L 103 -18.78 -38.82 10.98
CA PHE L 103 -17.81 -39.70 10.32
C PHE L 103 -16.36 -39.36 10.65
N MET L 104 -16.15 -38.28 11.40
CA MET L 104 -14.80 -37.79 11.64
C MET L 104 -14.15 -38.49 12.84
N ALA L 105 -13.14 -39.31 12.54
CA ALA L 105 -12.50 -40.13 13.57
C ALA L 105 -10.98 -39.92 13.62
N SER L 106 -10.48 -39.04 12.76
CA SER L 106 -9.04 -38.86 12.65
C SER L 106 -8.53 -37.56 13.27
N LYS L 107 -7.21 -37.38 13.27
CA LYS L 107 -6.58 -36.17 13.75
C LYS L 107 -7.19 -34.94 13.07
N GLY L 108 -7.47 -33.92 13.85
CA GLY L 108 -7.97 -32.67 13.30
C GLY L 108 -9.49 -32.51 13.31
N SER L 109 -10.20 -33.63 13.41
CA SER L 109 -11.66 -33.62 13.44
C SER L 109 -12.17 -32.51 14.35
N GLU L 110 -13.07 -31.67 13.84
CA GLU L 110 -13.67 -30.60 14.65
C GLU L 110 -14.47 -31.19 15.81
N PHE L 111 -14.13 -30.79 17.03
CA PHE L 111 -14.87 -31.25 18.20
C PHE L 111 -16.23 -30.59 18.29
N ASP L 112 -17.15 -31.31 18.93
CA ASP L 112 -18.44 -30.76 19.32
C ASP L 112 -18.45 -30.66 20.84
N TYR L 113 -18.24 -31.80 21.51
CA TYR L 113 -18.17 -31.84 22.97
C TYR L 113 -17.00 -32.71 23.42
N TRP L 114 -16.55 -32.50 24.65
CA TRP L 114 -15.52 -33.31 25.28
C TRP L 114 -15.69 -33.25 26.80
N GLY L 115 -15.19 -34.24 27.52
CA GLY L 115 -15.37 -34.28 28.96
C GLY L 115 -14.32 -33.51 29.75
N GLN L 116 -14.44 -33.57 31.07
CA GLN L 116 -13.45 -32.93 31.93
C GLN L 116 -12.16 -33.72 31.99
N GLY L 117 -12.20 -34.97 31.54
CA GLY L 117 -10.96 -35.73 31.40
C GLY L 117 -10.55 -36.53 32.63
N THR L 118 -9.61 -37.45 32.44
CA THR L 118 -9.11 -38.27 33.54
C THR L 118 -7.59 -38.35 33.49
N LEU L 119 -6.97 -38.19 34.66
CA LEU L 119 -5.52 -38.06 34.73
C LEU L 119 -4.85 -39.42 34.76
N VAL L 120 -3.86 -39.60 33.88
CA VAL L 120 -3.04 -40.79 33.85
C VAL L 120 -1.59 -40.38 34.12
N THR L 121 -0.99 -40.96 35.17
CA THR L 121 0.39 -40.68 35.52
C THR L 121 1.24 -41.94 35.41
N VAL L 122 2.33 -41.84 34.66
CA VAL L 122 3.24 -42.96 34.49
C VAL L 122 4.60 -42.57 35.05
N SER L 123 4.88 -43.04 36.26
CA SER L 123 6.13 -42.72 36.95
C SER L 123 6.61 -43.93 37.73
N SER L 124 7.91 -44.20 37.62
CA SER L 124 8.52 -45.37 38.23
C SER L 124 8.12 -45.58 39.69
#